data_9MZ1
#
_entry.id   9MZ1
#
_cell.length_a   59.382
_cell.length_b   152.698
_cell.length_c   108.875
_cell.angle_alpha   90.00
_cell.angle_beta   90.92
_cell.angle_gamma   90.00
#
_symmetry.space_group_name_H-M   'P 1 21 1'
#
loop_
_entity.id
_entity.type
_entity.pdbx_description
1 polymer 'Nitric oxide synthase, endothelial'
2 non-polymer 'PROTOPORPHYRIN IX CONTAINING FE'
3 non-polymer 5,6,7,8-TETRAHYDROBIOPTERIN
4 non-polymer (7P)-7-[3-(aminomethyl)phenyl]-6-fluoro-4-methylquinolin-2-amine
5 non-polymer 2-[BIS-(2-HYDROXY-ETHYL)-AMINO]-2-HYDROXYMETHYL-PROPANE-1,3-DIOL
6 non-polymer GLYCEROL
7 non-polymer 'CHLORIDE ION'
8 non-polymer 'GADOLINIUM ATOM'
9 non-polymer 'ZINC ION'
10 water water
#
_entity_poly.entity_id   1
_entity_poly.type   'polypeptide(L)'
_entity_poly.pdbx_seq_one_letter_code
;APASLLPPAPEHSPPSSPLTQPPEGPKFPRVKNWEVGSITYDTLSAQAQQDGPCTPRRCLGSLVFPRKLQGRPSPGPPAP
EQLLSQARDFINQYYSSIKRSGSQAHEQRLQEVEAEVAATGTYQLRESELVFGAKQAWRNAPRCVGRIQWGKLQVFDARD
CRSAQEMFTYICNHIKYATNRGNLRSAITVFPQRCPGRGDFRIWNSQLVRYAGYRQQDGSVRGDPANVEITELCIQHGWT
PGNGRFDVLPLLLQAPDEPPELFLLPPELVLEVPLEHPTLEWFAALGLRWYALPAVSNMLLEIGGLEFPAAPFSGWYMST
EIGTRNLCDPHRYNILEDVAVCMDLDTRTTSSLWKDKAAVEINVAVLHSYQLAKVTIVDHHAATASFMKHLENEQKARGG
CPADWAWIVPPISGSLTPVFHQEMVNYFLSPAFRYQPDPW
;
_entity_poly.pdbx_strand_id   A,B,C,D
#
loop_
_chem_comp.id
_chem_comp.type
_chem_comp.name
_chem_comp.formula
A1BUD non-polymer (7P)-7-[3-(aminomethyl)phenyl]-6-fluoro-4-methylquinolin-2-amine 'C17 H16 F N3'
BTB non-polymer 2-[BIS-(2-HYDROXY-ETHYL)-AMINO]-2-HYDROXYMETHYL-PROPANE-1,3-DIOL 'C8 H19 N O5'
CL non-polymer 'CHLORIDE ION' 'Cl -1'
GD non-polymer 'GADOLINIUM ATOM' Gd
GOL non-polymer GLYCEROL 'C3 H8 O3'
H4B non-polymer 5,6,7,8-TETRAHYDROBIOPTERIN 'C9 H15 N5 O3'
HEM non-polymer 'PROTOPORPHYRIN IX CONTAINING FE' 'C34 H32 Fe N4 O4'
ZN non-polymer 'ZINC ION' 'Zn 2'
#
# COMPACT_ATOMS: atom_id res chain seq x y z
N LYS A 27 48.77 8.67 17.67
CA LYS A 27 49.16 7.26 17.73
C LYS A 27 47.93 6.37 17.87
N PHE A 28 46.81 6.99 18.23
CA PHE A 28 45.56 6.26 18.48
C PHE A 28 44.49 6.76 17.51
N PRO A 29 43.94 5.89 16.66
CA PRO A 29 43.05 6.37 15.60
C PRO A 29 41.80 7.03 16.18
N ARG A 30 41.49 8.22 15.65
CA ARG A 30 40.23 8.90 15.90
C ARG A 30 39.13 8.24 15.06
N VAL A 31 38.03 7.91 15.73
CA VAL A 31 36.92 7.14 15.16
C VAL A 31 35.64 7.93 15.38
N LYS A 32 34.90 8.18 14.31
CA LYS A 32 33.72 9.03 14.40
C LYS A 32 32.49 8.22 14.03
N ASN A 33 31.38 8.52 14.71
CA ASN A 33 30.06 8.05 14.29
C ASN A 33 29.34 9.22 13.63
N TRP A 34 28.98 9.05 12.35
CA TRP A 34 28.45 10.12 11.54
C TRP A 34 26.95 10.33 11.69
N GLU A 35 26.27 9.39 12.35
CA GLU A 35 24.85 9.60 12.64
C GLU A 35 24.66 10.59 13.77
N VAL A 36 25.52 10.50 14.78
CA VAL A 36 25.37 11.28 16.00
C VAL A 36 26.39 12.40 16.10
N GLY A 37 27.61 12.21 15.58
CA GLY A 37 28.70 13.14 15.75
C GLY A 37 29.72 12.75 16.79
N SER A 38 29.51 11.62 17.47
CA SER A 38 30.39 11.24 18.58
C SER A 38 31.74 10.78 18.06
N ILE A 39 32.76 10.98 18.89
CA ILE A 39 34.16 10.69 18.58
C ILE A 39 34.74 9.84 19.70
N THR A 40 35.47 8.78 19.34
CA THR A 40 36.26 8.00 20.29
C THR A 40 37.67 7.77 19.73
N TYR A 41 38.53 7.19 20.56
CA TYR A 41 39.87 6.80 20.18
C TYR A 41 40.09 5.32 20.49
N ASP A 42 40.56 4.57 19.48
CA ASP A 42 40.85 3.15 19.64
C ASP A 42 42.29 3.01 20.14
N THR A 43 42.45 3.10 21.45
CA THR A 43 43.73 2.81 22.09
C THR A 43 44.05 1.31 22.10
N LEU A 44 43.03 0.45 21.97
CA LEU A 44 43.26 -0.98 21.98
C LEU A 44 44.04 -1.45 20.76
N SER A 45 43.89 -0.74 19.64
CA SER A 45 44.59 -1.07 18.41
C SER A 45 46.11 -1.11 18.58
N ALA A 46 46.65 -0.41 19.58
CA ALA A 46 48.09 -0.41 19.78
C ALA A 46 48.62 -1.79 20.20
N GLN A 47 47.75 -2.70 20.63
CA GLN A 47 48.15 -4.04 21.02
C GLN A 47 48.15 -5.06 19.89
N ALA A 48 47.80 -4.67 18.66
CA ALA A 48 47.61 -5.65 17.60
C ALA A 48 48.86 -6.50 17.40
N GLN A 49 48.66 -7.79 17.08
CA GLN A 49 49.77 -8.72 16.95
C GLN A 49 49.97 -9.15 15.49
N GLN A 50 49.17 -10.09 14.98
CA GLN A 50 49.40 -10.63 13.65
C GLN A 50 49.15 -9.53 12.62
N ASP A 51 50.22 -9.04 12.01
CA ASP A 51 50.09 -7.92 11.10
C ASP A 51 49.17 -8.26 9.94
N GLY A 52 48.21 -7.37 9.67
CA GLY A 52 47.26 -7.57 8.61
C GLY A 52 47.80 -7.24 7.23
N PRO A 53 46.92 -7.26 6.24
CA PRO A 53 47.36 -7.19 4.84
C PRO A 53 47.56 -5.80 4.27
N CYS A 54 47.25 -4.74 5.02
CA CYS A 54 47.25 -3.38 4.48
C CYS A 54 48.61 -2.71 4.68
N THR A 55 48.93 -1.78 3.80
CA THR A 55 50.11 -0.93 3.91
C THR A 55 49.69 0.51 3.62
N PRO A 56 50.55 1.49 3.99
CA PRO A 56 50.29 2.90 3.62
C PRO A 56 50.03 3.08 2.13
N ARG A 57 50.50 2.13 1.33
CA ARG A 57 50.42 2.21 -0.12
C ARG A 57 49.05 1.75 -0.67
N ARG A 58 48.39 0.80 0.00
CA ARG A 58 47.20 0.21 -0.59
C ARG A 58 46.44 -0.56 0.47
N CYS A 59 45.11 -0.41 0.46
CA CYS A 59 44.24 -1.05 1.43
C CYS A 59 43.69 -2.34 0.84
N LEU A 60 43.80 -3.43 1.62
CA LEU A 60 43.29 -4.73 1.21
C LEU A 60 42.19 -5.22 2.15
N GLY A 61 41.54 -4.28 2.86
CA GLY A 61 40.47 -4.57 3.77
C GLY A 61 39.35 -5.43 3.19
N SER A 62 39.14 -5.39 1.88
CA SER A 62 38.03 -6.14 1.31
C SER A 62 38.37 -7.58 0.93
N LEU A 63 39.61 -8.01 1.10
CA LEU A 63 39.98 -9.40 0.78
C LEU A 63 39.39 -10.38 1.81
N VAL A 64 38.80 -11.48 1.33
CA VAL A 64 38.18 -12.43 2.27
C VAL A 64 39.25 -13.15 3.10
N PHE A 65 40.31 -13.63 2.46
CA PHE A 65 41.43 -14.27 3.16
C PHE A 65 42.66 -13.39 3.02
N PRO A 66 42.99 -12.57 4.02
CA PRO A 66 44.07 -11.58 4.05
C PRO A 66 45.40 -12.09 3.48
N PRO A 80 62.10 -23.39 18.10
CA PRO A 80 60.64 -23.42 18.07
C PRO A 80 59.97 -22.78 19.30
N GLU A 81 60.78 -22.26 20.24
CA GLU A 81 60.30 -21.75 21.52
C GLU A 81 59.84 -20.29 21.46
N GLN A 82 59.22 -19.87 20.36
CA GLN A 82 58.40 -18.66 20.35
C GLN A 82 57.10 -18.87 21.11
N LEU A 83 56.74 -20.13 21.36
CA LEU A 83 55.53 -20.47 22.10
C LEU A 83 55.48 -19.81 23.47
N LEU A 84 56.64 -19.62 24.11
CA LEU A 84 56.67 -19.06 25.45
C LEU A 84 56.16 -17.62 25.49
N SER A 85 56.50 -16.83 24.47
CA SER A 85 56.10 -15.43 24.45
C SER A 85 54.59 -15.27 24.41
N GLN A 86 53.92 -16.04 23.55
CA GLN A 86 52.48 -16.02 23.47
C GLN A 86 51.82 -16.61 24.71
N ALA A 87 52.52 -17.44 25.49
CA ALA A 87 51.96 -17.99 26.71
C ALA A 87 52.01 -16.98 27.86
N ARG A 88 53.17 -16.37 28.09
CA ARG A 88 53.28 -15.30 29.07
C ARG A 88 52.20 -14.26 28.87
N ASP A 89 52.01 -13.84 27.61
CA ASP A 89 51.04 -12.79 27.30
C ASP A 89 49.62 -13.25 27.62
N PHE A 90 49.27 -14.46 27.19
CA PHE A 90 47.91 -14.94 27.41
C PHE A 90 47.63 -15.17 28.90
N ILE A 91 48.59 -15.73 29.64
CA ILE A 91 48.42 -15.89 31.08
C ILE A 91 48.23 -14.54 31.75
N ASN A 92 48.97 -13.53 31.29
CA ASN A 92 48.83 -12.18 31.82
C ASN A 92 47.45 -11.61 31.55
N GLN A 93 46.90 -11.85 30.36
CA GLN A 93 45.52 -11.50 30.07
C GLN A 93 44.57 -12.12 31.09
N TYR A 94 44.78 -13.40 31.39
CA TYR A 94 43.82 -14.13 32.22
C TYR A 94 43.72 -13.53 33.62
N TYR A 95 44.86 -13.18 34.21
CA TYR A 95 44.84 -12.74 35.60
C TYR A 95 44.40 -11.29 35.73
N SER A 96 44.67 -10.44 34.74
CA SER A 96 44.07 -9.10 34.76
C SER A 96 42.55 -9.16 34.67
N SER A 97 42.03 -10.04 33.80
CA SER A 97 40.58 -10.26 33.71
C SER A 97 39.94 -10.64 35.04
N ILE A 98 40.69 -11.20 35.98
CA ILE A 98 40.10 -11.55 37.27
C ILE A 98 40.72 -10.74 38.41
N LYS A 99 41.25 -9.56 38.10
CA LYS A 99 41.81 -8.64 39.10
C LYS A 99 42.87 -9.32 39.95
N ARG A 100 43.77 -10.07 39.29
CA ARG A 100 44.72 -10.90 40.01
C ARG A 100 46.11 -10.84 39.37
N SER A 101 46.48 -9.70 38.80
CA SER A 101 47.81 -9.52 38.24
C SER A 101 48.80 -9.21 39.37
N GLY A 102 49.95 -9.88 39.35
CA GLY A 102 50.94 -9.71 40.39
C GLY A 102 50.68 -10.44 41.69
N SER A 103 49.69 -11.33 41.72
CA SER A 103 49.36 -12.07 42.93
C SER A 103 49.94 -13.47 42.86
N GLN A 104 49.97 -14.14 44.02
CA GLN A 104 50.75 -15.37 44.19
C GLN A 104 50.45 -16.38 43.09
N ALA A 105 49.17 -16.67 42.86
CA ALA A 105 48.79 -17.65 41.86
C ALA A 105 49.19 -17.23 40.45
N HIS A 106 49.28 -15.92 40.20
CA HIS A 106 49.78 -15.45 38.91
C HIS A 106 51.26 -15.79 38.75
N GLU A 107 52.07 -15.46 39.75
CA GLU A 107 53.48 -15.86 39.75
C GLU A 107 53.62 -17.36 39.52
N GLN A 108 52.91 -18.16 40.31
CA GLN A 108 53.05 -19.61 40.26
C GLN A 108 52.70 -20.16 38.89
N ARG A 109 51.62 -19.64 38.27
CA ARG A 109 51.21 -20.14 36.96
C ARG A 109 52.21 -19.75 35.88
N LEU A 110 52.90 -18.62 36.04
CA LEU A 110 53.98 -18.26 35.10
C LEU A 110 55.10 -19.30 35.13
N GLN A 111 55.44 -19.82 36.31
CA GLN A 111 56.54 -20.77 36.40
C GLN A 111 56.17 -22.11 35.78
N GLU A 112 54.94 -22.58 36.05
CA GLU A 112 54.54 -23.92 35.61
C GLU A 112 54.55 -24.03 34.08
N VAL A 113 54.06 -23.01 33.37
CA VAL A 113 54.14 -23.06 31.92
C VAL A 113 55.60 -23.00 31.47
N GLU A 114 56.42 -22.17 32.11
CA GLU A 114 57.85 -22.15 31.80
C GLU A 114 58.46 -23.53 31.96
N ALA A 115 58.16 -24.19 33.08
CA ALA A 115 58.68 -25.53 33.32
C ALA A 115 58.13 -26.54 32.30
N GLU A 116 56.82 -26.48 32.05
CA GLU A 116 56.19 -27.41 31.11
C GLU A 116 56.79 -27.30 29.72
N VAL A 117 57.01 -26.07 29.23
CA VAL A 117 57.63 -25.91 27.93
C VAL A 117 59.10 -26.36 27.96
N ALA A 118 59.81 -26.02 29.02
CA ALA A 118 61.20 -26.46 29.16
C ALA A 118 61.31 -27.97 28.94
N ALA A 119 60.50 -28.76 29.66
CA ALA A 119 60.59 -30.21 29.62
C ALA A 119 59.91 -30.83 28.40
N THR A 120 58.68 -30.42 28.10
CA THR A 120 57.87 -31.09 27.08
C THR A 120 57.82 -30.34 25.76
N GLY A 121 58.15 -29.06 25.75
CA GLY A 121 58.08 -28.25 24.55
C GLY A 121 56.76 -27.55 24.35
N THR A 122 55.68 -28.07 24.91
CA THR A 122 54.39 -27.42 24.83
C THR A 122 53.88 -27.14 26.24
N TYR A 123 52.58 -26.94 26.40
CA TYR A 123 52.00 -26.84 27.73
C TYR A 123 50.51 -27.11 27.64
N GLN A 124 49.91 -27.39 28.80
CA GLN A 124 48.48 -27.60 28.92
C GLN A 124 47.82 -26.36 29.50
N LEU A 125 46.65 -25.99 28.97
CA LEU A 125 45.84 -24.95 29.56
C LEU A 125 45.03 -25.48 30.73
N ARG A 126 45.00 -24.74 31.83
CA ARG A 126 44.02 -25.00 32.88
C ARG A 126 42.61 -24.85 32.33
N GLU A 127 41.67 -25.55 32.97
CA GLU A 127 40.28 -25.57 32.52
C GLU A 127 39.72 -24.16 32.38
N SER A 128 39.87 -23.34 33.42
CA SER A 128 39.32 -21.98 33.38
C SER A 128 40.01 -21.13 32.31
N GLU A 129 41.31 -21.35 32.08
CA GLU A 129 42.01 -20.62 31.05
C GLU A 129 41.45 -20.94 29.68
N LEU A 130 41.13 -22.20 29.42
CA LEU A 130 40.57 -22.56 28.13
C LEU A 130 39.20 -21.92 27.95
N VAL A 131 38.40 -21.86 29.02
CA VAL A 131 37.12 -21.14 28.97
C VAL A 131 37.35 -19.66 28.69
N PHE A 132 38.31 -19.06 29.40
CA PHE A 132 38.58 -17.65 29.20
C PHE A 132 39.14 -17.38 27.81
N GLY A 133 40.01 -18.27 27.31
CA GLY A 133 40.55 -18.11 25.98
C GLY A 133 39.50 -18.21 24.89
N ALA A 134 38.57 -19.16 25.03
CA ALA A 134 37.55 -19.34 24.01
C ALA A 134 36.64 -18.12 23.94
N LYS A 135 36.28 -17.57 25.09
CA LYS A 135 35.44 -16.37 25.10
C LYS A 135 36.19 -15.18 24.51
N GLN A 136 37.48 -15.05 24.82
CA GLN A 136 38.25 -13.92 24.31
C GLN A 136 38.39 -13.99 22.79
N ALA A 137 38.64 -15.19 22.27
CA ALA A 137 38.77 -15.34 20.82
C ALA A 137 37.49 -14.94 20.12
N TRP A 138 36.34 -15.32 20.67
CA TRP A 138 35.07 -14.83 20.13
C TRP A 138 34.99 -13.31 20.25
N ARG A 139 35.35 -12.78 21.42
CA ARG A 139 35.32 -11.34 21.64
C ARG A 139 36.26 -10.59 20.68
N ASN A 140 37.32 -11.23 20.21
CA ASN A 140 38.28 -10.61 19.31
C ASN A 140 37.94 -10.76 17.83
N ALA A 141 36.89 -11.50 17.48
CA ALA A 141 36.60 -11.79 16.07
C ALA A 141 36.09 -10.57 15.31
N PRO A 142 36.89 -9.92 14.46
CA PRO A 142 36.46 -8.62 13.90
C PRO A 142 35.23 -8.71 13.02
N ARG A 143 34.96 -9.86 12.42
CA ARG A 143 33.85 -9.99 11.48
C ARG A 143 32.56 -10.49 12.09
N CYS A 144 32.51 -10.66 13.43
CA CYS A 144 31.32 -11.19 14.09
C CYS A 144 30.49 -10.03 14.64
N VAL A 145 29.27 -9.88 14.11
CA VAL A 145 28.33 -8.89 14.60
C VAL A 145 27.61 -9.33 15.86
N GLY A 146 27.76 -10.61 16.26
CA GLY A 146 27.02 -11.13 17.38
C GLY A 146 27.73 -11.05 18.72
N ARG A 147 28.77 -10.22 18.81
CA ARG A 147 29.67 -10.31 19.96
C ARG A 147 29.09 -9.71 21.23
N ILE A 148 27.90 -9.10 21.20
CA ILE A 148 27.26 -8.68 22.45
C ILE A 148 27.07 -9.89 23.37
N GLN A 149 27.03 -11.08 22.80
CA GLN A 149 26.83 -12.35 23.51
C GLN A 149 28.13 -12.99 23.98
N TRP A 150 29.28 -12.31 23.86
CA TRP A 150 30.55 -13.01 24.01
C TRP A 150 30.75 -13.59 25.40
N GLY A 151 30.07 -13.05 26.41
CA GLY A 151 30.25 -13.57 27.75
C GLY A 151 29.49 -14.84 28.06
N LYS A 152 28.50 -15.18 27.24
CA LYS A 152 27.60 -16.32 27.43
C LYS A 152 27.98 -17.41 26.44
N LEU A 153 28.92 -18.26 26.82
CA LEU A 153 29.42 -19.28 25.90
C LEU A 153 29.70 -20.55 26.68
N GLN A 154 29.12 -21.67 26.24
CA GLN A 154 29.33 -22.96 26.88
C GLN A 154 30.48 -23.68 26.20
N VAL A 155 31.50 -24.02 26.96
CA VAL A 155 32.76 -24.58 26.46
C VAL A 155 32.86 -26.04 26.89
N PHE A 156 32.83 -26.93 25.92
CA PHE A 156 32.90 -28.37 26.16
C PHE A 156 34.33 -28.83 25.93
N ASP A 157 34.99 -29.26 27.01
CA ASP A 157 36.40 -29.65 26.93
C ASP A 157 36.50 -31.09 26.43
N ALA A 158 36.99 -31.25 25.21
CA ALA A 158 37.13 -32.54 24.56
C ALA A 158 38.59 -32.89 24.32
N ARG A 159 39.48 -32.29 25.12
CA ARG A 159 40.91 -32.51 24.92
C ARG A 159 41.34 -33.94 25.22
N ASP A 160 40.50 -34.76 25.89
CA ASP A 160 40.82 -36.15 26.15
C ASP A 160 40.30 -37.08 25.07
N CYS A 161 40.14 -36.58 23.84
CA CYS A 161 39.53 -37.34 22.77
C CYS A 161 40.56 -38.17 22.00
N ARG A 162 40.07 -39.22 21.34
CA ARG A 162 40.90 -40.12 20.55
C ARG A 162 39.99 -40.92 19.62
N SER A 163 40.27 -40.86 18.32
CA SER A 163 39.55 -41.55 17.24
C SER A 163 38.29 -40.80 16.80
N ALA A 164 37.88 -41.04 15.56
CA ALA A 164 36.71 -40.38 14.98
C ALA A 164 35.41 -40.79 15.65
N GLN A 165 35.35 -41.96 16.30
CA GLN A 165 34.13 -42.33 16.98
C GLN A 165 33.93 -41.51 18.25
N GLU A 166 35.01 -41.16 18.94
CA GLU A 166 34.88 -40.27 20.09
C GLU A 166 34.50 -38.86 19.64
N MET A 167 35.17 -38.35 18.59
CA MET A 167 34.81 -37.05 18.05
C MET A 167 33.33 -36.98 17.75
N PHE A 168 32.81 -37.99 17.06
CA PHE A 168 31.41 -37.98 16.62
C PHE A 168 30.47 -37.81 17.79
N THR A 169 30.75 -38.48 18.92
CA THR A 169 29.87 -38.37 20.07
C THR A 169 29.98 -36.99 20.71
N TYR A 170 31.19 -36.45 20.78
CA TYR A 170 31.37 -35.06 21.24
C TYR A 170 30.58 -34.09 20.37
N ILE A 171 30.74 -34.20 19.05
CA ILE A 171 30.00 -33.34 18.14
C ILE A 171 28.50 -33.50 18.36
N CYS A 172 28.06 -34.75 18.53
CA CYS A 172 26.63 -35.01 18.71
C CYS A 172 26.12 -34.41 20.02
N ASN A 173 26.90 -34.49 21.09
CA ASN A 173 26.53 -33.79 22.34
C ASN A 173 26.42 -32.29 22.11
N HIS A 174 27.38 -31.71 21.39
CA HIS A 174 27.35 -30.29 21.07
C HIS A 174 26.05 -29.92 20.36
N ILE A 175 25.75 -30.61 19.26
CA ILE A 175 24.60 -30.29 18.42
C ILE A 175 23.32 -30.34 19.24
N LYS A 176 23.17 -31.38 20.06
CA LYS A 176 21.94 -31.50 20.83
C LYS A 176 21.87 -30.44 21.94
N TYR A 177 23.00 -30.16 22.59
CA TYR A 177 23.01 -29.08 23.58
C TYR A 177 22.80 -27.71 22.92
N ALA A 178 23.48 -27.46 21.80
CA ALA A 178 23.35 -26.15 21.17
C ALA A 178 21.94 -25.95 20.59
N THR A 179 21.35 -27.02 20.03
CA THR A 179 20.04 -26.88 19.39
C THR A 179 18.95 -26.68 20.42
N ASN A 180 18.88 -27.56 21.43
CA ASN A 180 18.06 -27.33 22.62
C ASN A 180 16.59 -27.12 22.24
N ARG A 181 16.10 -27.94 21.31
CA ARG A 181 14.72 -27.87 20.82
C ARG A 181 14.40 -26.51 20.20
N GLY A 182 15.40 -25.84 19.64
CA GLY A 182 15.20 -24.57 18.98
C GLY A 182 15.52 -23.35 19.83
N ASN A 183 15.64 -23.52 21.16
CA ASN A 183 16.10 -22.44 22.02
C ASN A 183 17.63 -22.48 22.05
N LEU A 184 18.22 -21.88 21.02
CA LEU A 184 19.63 -22.12 20.72
C LEU A 184 20.56 -21.50 21.78
N ARG A 185 21.68 -22.16 22.00
CA ARG A 185 22.66 -21.73 22.97
C ARG A 185 24.04 -21.81 22.36
N SER A 186 24.80 -20.70 22.44
CA SER A 186 26.17 -20.68 21.93
C SER A 186 27.02 -21.75 22.61
N ALA A 187 27.80 -22.47 21.82
CA ALA A 187 28.65 -23.51 22.37
C ALA A 187 29.88 -23.70 21.49
N ILE A 188 30.95 -24.18 22.10
CA ILE A 188 32.18 -24.54 21.41
C ILE A 188 32.71 -25.82 22.02
N THR A 189 33.18 -26.75 21.19
CA THR A 189 33.80 -27.99 21.65
C THR A 189 35.27 -27.99 21.22
N VAL A 190 36.17 -28.12 22.19
CA VAL A 190 37.60 -27.96 21.95
C VAL A 190 38.25 -29.35 21.98
N PHE A 191 38.69 -29.80 20.82
CA PHE A 191 39.41 -31.07 20.69
C PHE A 191 40.89 -30.84 20.94
N PRO A 192 41.71 -31.91 21.00
CA PRO A 192 43.08 -31.76 21.52
C PRO A 192 43.95 -30.80 20.71
N GLN A 193 44.83 -30.10 21.43
CA GLN A 193 45.74 -29.14 20.80
C GLN A 193 46.78 -29.85 19.94
N ARG A 194 47.02 -29.30 18.76
CA ARG A 194 48.06 -29.80 17.87
C ARG A 194 49.41 -29.89 18.57
N CYS A 195 50.12 -30.99 18.35
CA CYS A 195 51.45 -31.17 18.89
C CYS A 195 52.39 -31.59 17.78
N PRO A 196 53.69 -31.30 17.90
CA PRO A 196 54.62 -31.69 16.84
C PRO A 196 54.82 -33.19 16.80
N GLY A 197 55.16 -33.69 15.61
CA GLY A 197 55.42 -35.11 15.43
C GLY A 197 54.20 -36.00 15.56
N ARG A 198 53.00 -35.44 15.52
CA ARG A 198 51.78 -36.22 15.52
C ARG A 198 50.78 -35.53 14.60
N GLY A 199 49.87 -36.31 14.04
CA GLY A 199 48.85 -35.76 13.15
C GLY A 199 47.94 -34.74 13.80
N ASP A 200 46.86 -34.40 13.12
CA ASP A 200 45.97 -33.35 13.60
C ASP A 200 44.53 -33.85 13.64
N PHE A 201 43.80 -33.43 14.67
CA PHE A 201 42.36 -33.53 14.65
C PHE A 201 41.79 -32.47 13.71
N ARG A 202 40.89 -32.90 12.82
CA ARG A 202 40.27 -32.02 11.84
C ARG A 202 38.86 -32.49 11.53
N ILE A 203 37.93 -31.56 11.48
CA ILE A 203 36.63 -31.82 10.88
C ILE A 203 36.70 -31.33 9.43
N TRP A 204 36.31 -32.20 8.50
CA TRP A 204 36.49 -31.88 7.09
C TRP A 204 35.41 -30.94 6.54
N ASN A 205 34.19 -31.02 7.06
CA ASN A 205 33.12 -30.13 6.64
C ASN A 205 33.39 -28.73 7.17
N SER A 206 32.93 -27.72 6.41
CA SER A 206 33.08 -26.34 6.85
C SER A 206 32.11 -26.00 7.97
N GLN A 207 30.94 -26.64 7.98
CA GLN A 207 30.01 -26.60 9.09
C GLN A 207 29.56 -28.02 9.42
N LEU A 208 29.02 -28.20 10.63
CA LEU A 208 28.50 -29.51 11.00
C LEU A 208 27.24 -29.85 10.20
N VAL A 209 26.40 -28.86 9.90
CA VAL A 209 25.24 -29.05 9.04
C VAL A 209 25.48 -28.26 7.75
N ARG A 210 25.53 -28.98 6.63
CA ARG A 210 25.65 -28.43 5.28
C ARG A 210 24.81 -29.27 4.35
N TYR A 211 24.37 -28.68 3.24
CA TYR A 211 23.56 -29.39 2.26
C TYR A 211 24.38 -29.82 1.05
N ALA A 212 23.95 -30.92 0.44
CA ALA A 212 24.70 -31.53 -0.65
C ALA A 212 24.70 -30.66 -1.91
N GLY A 213 25.79 -30.77 -2.69
CA GLY A 213 25.88 -30.16 -3.99
C GLY A 213 26.33 -31.15 -5.05
N TYR A 214 25.43 -31.53 -5.95
CA TYR A 214 25.72 -32.51 -6.99
C TYR A 214 25.61 -31.85 -8.36
N ARG A 215 26.46 -32.28 -9.29
CA ARG A 215 26.42 -31.78 -10.68
C ARG A 215 25.30 -32.48 -11.46
N GLN A 216 25.29 -32.29 -12.78
CA GLN A 216 24.26 -32.84 -13.65
C GLN A 216 24.86 -33.27 -14.98
N GLN A 217 24.00 -33.70 -15.90
CA GLN A 217 24.36 -34.00 -17.29
C GLN A 217 24.83 -32.73 -18.00
N ASP A 218 25.11 -31.66 -17.24
CA ASP A 218 25.40 -30.37 -17.82
C ASP A 218 26.31 -29.51 -16.93
N GLY A 219 27.02 -30.10 -15.97
CA GLY A 219 27.92 -29.36 -15.11
C GLY A 219 27.27 -28.66 -13.92
N SER A 220 26.11 -28.06 -14.14
CA SER A 220 25.44 -27.27 -13.11
C SER A 220 25.05 -28.14 -11.92
N VAL A 221 24.75 -27.47 -10.81
CA VAL A 221 24.64 -28.10 -9.49
C VAL A 221 23.18 -28.17 -9.06
N ARG A 222 22.82 -29.31 -8.46
CA ARG A 222 21.60 -29.43 -7.68
C ARG A 222 21.97 -29.41 -6.20
N GLY A 223 21.27 -28.58 -5.42
CA GLY A 223 21.64 -28.34 -4.04
C GLY A 223 22.51 -27.11 -3.85
N ASP A 224 23.35 -27.13 -2.82
CA ASP A 224 24.18 -25.98 -2.48
C ASP A 224 25.49 -26.04 -3.23
N PRO A 225 25.78 -25.07 -4.12
CA PRO A 225 27.06 -25.09 -4.86
C PRO A 225 28.26 -24.76 -3.98
N ALA A 226 28.06 -24.17 -2.80
CA ALA A 226 29.17 -23.96 -1.89
C ALA A 226 29.77 -25.27 -1.36
N ASN A 227 29.07 -26.39 -1.49
CA ASN A 227 29.49 -27.65 -0.88
C ASN A 227 29.72 -28.75 -1.91
N VAL A 228 30.02 -28.36 -3.15
CA VAL A 228 30.25 -29.34 -4.21
C VAL A 228 31.51 -30.16 -3.93
N GLU A 229 32.54 -29.52 -3.39
CA GLU A 229 33.81 -30.19 -3.15
C GLU A 229 33.65 -31.26 -2.06
N ILE A 230 33.06 -30.89 -0.92
CA ILE A 230 32.94 -31.84 0.17
C ILE A 230 31.88 -32.89 -0.15
N THR A 231 30.89 -32.55 -1.00
CA THR A 231 29.94 -33.58 -1.45
C THR A 231 30.63 -34.64 -2.29
N GLU A 232 31.63 -34.27 -3.10
CA GLU A 232 32.34 -35.28 -3.86
C GLU A 232 33.30 -36.07 -2.98
N LEU A 233 33.89 -35.44 -1.97
CA LEU A 233 34.73 -36.17 -1.02
C LEU A 233 33.93 -37.09 -0.13
N CYS A 234 32.63 -36.86 0.00
CA CYS A 234 31.79 -37.77 0.77
C CYS A 234 31.37 -38.98 -0.06
N ILE A 235 30.97 -38.75 -1.32
CA ILE A 235 30.66 -39.87 -2.21
C ILE A 235 31.91 -40.72 -2.43
N GLN A 236 33.05 -40.06 -2.63
CA GLN A 236 34.34 -40.72 -2.82
C GLN A 236 34.85 -41.34 -1.53
N HIS A 237 33.95 -41.60 -0.58
CA HIS A 237 34.32 -42.18 0.69
C HIS A 237 33.27 -43.15 1.21
N GLY A 238 32.23 -43.45 0.43
CA GLY A 238 31.23 -44.43 0.78
C GLY A 238 29.81 -43.90 0.83
N TRP A 239 29.61 -42.59 0.97
CA TRP A 239 28.27 -42.09 1.17
C TRP A 239 27.40 -42.34 -0.04
N THR A 240 26.10 -42.54 0.21
CA THR A 240 25.12 -42.79 -0.84
C THR A 240 24.40 -41.49 -1.16
N PRO A 241 24.81 -40.76 -2.19
CA PRO A 241 24.21 -39.45 -2.45
C PRO A 241 22.71 -39.55 -2.72
N GLY A 242 21.96 -38.59 -2.19
CA GLY A 242 20.54 -38.48 -2.46
C GLY A 242 20.29 -37.89 -3.83
N ASN A 243 19.03 -37.55 -4.07
CA ASN A 243 18.64 -36.84 -5.28
C ASN A 243 18.04 -35.48 -4.94
N GLY A 244 18.47 -34.88 -3.83
CA GLY A 244 17.74 -33.76 -3.27
C GLY A 244 18.47 -32.42 -3.28
N ARG A 245 17.68 -31.35 -3.21
CA ARG A 245 18.21 -30.00 -3.07
C ARG A 245 18.72 -29.71 -1.67
N PHE A 246 18.30 -30.50 -0.67
CA PHE A 246 18.53 -30.18 0.73
C PHE A 246 18.92 -31.43 1.51
N ASP A 247 19.85 -32.21 0.96
CA ASP A 247 20.34 -33.41 1.61
C ASP A 247 21.45 -33.04 2.58
N VAL A 248 21.22 -33.31 3.87
CA VAL A 248 22.21 -33.03 4.91
C VAL A 248 23.42 -33.94 4.72
N LEU A 249 24.60 -33.34 4.56
CA LEU A 249 25.80 -34.10 4.28
C LEU A 249 26.24 -34.91 5.51
N PRO A 250 27.10 -35.90 5.33
CA PRO A 250 27.67 -36.62 6.48
C PRO A 250 29.02 -36.04 6.91
N LEU A 251 29.35 -36.22 8.19
CA LEU A 251 30.59 -35.66 8.75
C LEU A 251 31.78 -36.54 8.39
N LEU A 252 32.78 -35.93 7.75
CA LEU A 252 34.07 -36.59 7.53
C LEU A 252 34.99 -36.17 8.67
N LEU A 253 35.13 -37.06 9.66
CA LEU A 253 35.92 -36.79 10.86
C LEU A 253 37.25 -37.52 10.79
N GLN A 254 38.31 -36.81 11.19
CA GLN A 254 39.69 -37.26 10.96
C GLN A 254 40.45 -37.26 12.28
N ALA A 255 40.73 -38.46 12.78
CA ALA A 255 41.66 -38.65 13.87
C ALA A 255 43.10 -38.59 13.35
N PRO A 256 44.06 -38.24 14.20
CA PRO A 256 45.43 -38.06 13.72
C PRO A 256 45.98 -39.25 12.95
N ASP A 257 46.76 -38.95 11.90
CA ASP A 257 47.43 -39.91 11.02
C ASP A 257 46.59 -41.14 10.69
N GLU A 258 45.31 -40.94 10.41
CA GLU A 258 44.43 -41.98 9.92
C GLU A 258 43.51 -41.34 8.89
N PRO A 259 43.03 -42.10 7.91
CA PRO A 259 42.14 -41.51 6.92
C PRO A 259 40.84 -41.08 7.57
N PRO A 260 40.19 -40.06 7.05
CA PRO A 260 38.88 -39.66 7.58
C PRO A 260 37.88 -40.81 7.59
N GLU A 261 36.83 -40.67 8.39
CA GLU A 261 35.78 -41.67 8.51
C GLU A 261 34.44 -40.97 8.39
N LEU A 262 33.57 -41.48 7.52
CA LEU A 262 32.22 -40.96 7.41
C LEU A 262 31.43 -41.19 8.68
N PHE A 263 30.39 -40.37 8.87
CA PHE A 263 29.41 -40.55 9.94
C PHE A 263 28.09 -39.94 9.51
N LEU A 264 27.03 -40.74 9.52
CA LEU A 264 25.69 -40.20 9.32
C LEU A 264 25.25 -39.43 10.56
N LEU A 265 24.62 -38.28 10.34
CA LEU A 265 24.07 -37.57 11.48
C LEU A 265 22.69 -38.10 11.81
N PRO A 266 22.37 -38.26 13.09
CA PRO A 266 21.01 -38.66 13.47
C PRO A 266 20.01 -37.62 12.98
N PRO A 267 19.04 -38.03 12.13
CA PRO A 267 18.12 -37.04 11.56
C PRO A 267 17.34 -36.27 12.61
N GLU A 268 16.96 -36.91 13.72
CA GLU A 268 16.28 -36.18 14.79
C GLU A 268 17.22 -35.22 15.52
N LEU A 269 18.53 -35.25 15.24
CA LEU A 269 19.44 -34.27 15.82
C LEU A 269 19.60 -33.03 14.96
N VAL A 270 19.29 -33.12 13.67
CA VAL A 270 19.45 -32.00 12.73
C VAL A 270 18.09 -31.31 12.61
N LEU A 271 17.92 -30.25 13.37
CA LEU A 271 16.67 -29.49 13.36
C LEU A 271 16.64 -28.57 12.14
N GLU A 272 15.57 -28.66 11.36
CA GLU A 272 15.43 -27.85 10.16
C GLU A 272 14.11 -27.10 10.20
N VAL A 273 14.07 -25.99 9.49
CA VAL A 273 12.93 -25.07 9.44
C VAL A 273 12.43 -25.02 8.00
N PRO A 274 11.23 -25.50 7.71
CA PRO A 274 10.67 -25.31 6.38
C PRO A 274 10.25 -23.86 6.23
N LEU A 275 10.44 -23.30 5.03
CA LEU A 275 10.26 -21.87 4.83
C LEU A 275 8.89 -21.59 4.25
N GLU A 276 8.13 -20.75 4.93
CA GLU A 276 6.86 -20.26 4.44
C GLU A 276 6.81 -18.76 4.67
N HIS A 277 5.91 -18.09 3.97
CA HIS A 277 5.77 -16.63 4.04
C HIS A 277 4.44 -16.29 4.69
N PRO A 278 4.38 -15.25 5.53
CA PRO A 278 3.12 -14.98 6.26
C PRO A 278 1.92 -14.69 5.37
N THR A 279 2.12 -14.19 4.15
CA THR A 279 0.99 -13.79 3.32
C THR A 279 1.07 -14.29 1.89
N LEU A 280 2.20 -14.81 1.44
CA LEU A 280 2.38 -15.32 0.08
C LEU A 280 2.27 -16.84 0.18
N GLU A 281 1.08 -17.35 -0.08
CA GLU A 281 0.76 -18.75 0.20
C GLU A 281 1.54 -19.70 -0.69
N TRP A 282 1.92 -19.27 -1.90
CA TRP A 282 2.69 -20.14 -2.77
C TRP A 282 4.15 -20.31 -2.33
N PHE A 283 4.65 -19.48 -1.40
CA PHE A 283 6.06 -19.55 -1.03
C PHE A 283 6.42 -20.92 -0.46
N ALA A 284 5.54 -21.49 0.37
CA ALA A 284 5.77 -22.82 0.94
C ALA A 284 6.01 -23.86 -0.15
N ALA A 285 5.29 -23.76 -1.27
CA ALA A 285 5.40 -24.73 -2.35
C ALA A 285 6.72 -24.66 -3.11
N LEU A 286 7.48 -23.57 -2.95
CA LEU A 286 8.86 -23.56 -3.48
C LEU A 286 9.73 -24.61 -2.81
N GLY A 287 9.31 -25.13 -1.64
CA GLY A 287 10.01 -26.23 -0.99
C GLY A 287 11.34 -25.88 -0.34
N LEU A 288 11.53 -24.64 0.09
CA LEU A 288 12.81 -24.24 0.66
C LEU A 288 12.87 -24.56 2.14
N ARG A 289 14.07 -24.89 2.61
CA ARG A 289 14.32 -25.12 4.02
C ARG A 289 15.71 -24.59 4.36
N TRP A 290 15.95 -24.33 5.64
CA TRP A 290 17.31 -24.16 6.14
C TRP A 290 17.43 -24.86 7.48
N TYR A 291 18.66 -25.05 7.94
CA TYR A 291 18.86 -25.72 9.23
C TYR A 291 18.96 -24.69 10.34
N ALA A 292 18.72 -25.15 11.57
CA ALA A 292 18.64 -24.26 12.71
C ALA A 292 20.00 -23.78 13.17
N LEU A 293 21.02 -24.64 13.12
CA LEU A 293 22.25 -24.40 13.89
C LEU A 293 23.40 -24.01 12.99
N PRO A 294 23.93 -22.78 13.09
CA PRO A 294 25.14 -22.43 12.35
C PRO A 294 26.36 -22.80 13.18
N ALA A 295 27.07 -23.85 12.77
CA ALA A 295 28.14 -24.44 13.58
C ALA A 295 29.38 -24.61 12.72
N VAL A 296 30.34 -23.69 12.86
CA VAL A 296 31.50 -23.64 11.97
C VAL A 296 32.59 -24.58 12.49
N SER A 297 33.08 -25.44 11.61
CA SER A 297 33.92 -26.56 12.01
C SER A 297 35.22 -26.62 11.22
N ASN A 298 35.65 -25.52 10.61
CA ASN A 298 36.91 -25.57 9.87
C ASN A 298 37.88 -24.48 10.29
N MET A 299 37.61 -23.76 11.37
CA MET A 299 38.52 -22.72 11.82
C MET A 299 39.40 -23.22 12.96
N LEU A 300 40.49 -22.51 13.18
CA LEU A 300 41.54 -22.91 14.10
C LEU A 300 41.54 -21.96 15.27
N LEU A 301 41.27 -22.50 16.46
CA LEU A 301 41.29 -21.70 17.68
C LEU A 301 42.71 -21.62 18.22
N GLU A 302 43.16 -20.40 18.47
CA GLU A 302 44.52 -20.14 18.92
C GLU A 302 44.45 -19.44 20.27
N ILE A 303 44.99 -20.08 21.31
CA ILE A 303 45.03 -19.54 22.66
C ILE A 303 46.45 -19.66 23.19
N GLY A 304 47.03 -18.54 23.60
CA GLY A 304 48.30 -18.55 24.31
C GLY A 304 49.44 -19.29 23.62
N GLY A 305 49.43 -19.32 22.29
CA GLY A 305 50.43 -20.01 21.54
C GLY A 305 50.09 -21.45 21.18
N LEU A 306 48.98 -21.98 21.68
CA LEU A 306 48.53 -23.32 21.34
C LEU A 306 47.48 -23.25 20.23
N GLU A 307 47.42 -24.30 19.43
CA GLU A 307 46.58 -24.31 18.24
C GLU A 307 45.64 -25.50 18.26
N PHE A 308 44.34 -25.23 18.07
CA PHE A 308 43.30 -26.26 18.10
C PHE A 308 42.63 -26.29 16.73
N PRO A 309 43.10 -27.11 15.79
CA PRO A 309 42.51 -27.13 14.43
C PRO A 309 41.12 -27.77 14.39
N ALA A 310 40.66 -28.36 15.48
CA ALA A 310 39.29 -28.86 15.59
C ALA A 310 38.67 -28.26 16.85
N ALA A 311 37.84 -27.24 16.66
CA ALA A 311 37.21 -26.50 17.77
C ALA A 311 35.90 -25.90 17.26
N PRO A 312 34.91 -26.73 16.98
CA PRO A 312 33.68 -26.22 16.38
C PRO A 312 32.90 -25.36 17.35
N PHE A 313 32.41 -24.22 16.86
CA PHE A 313 31.60 -23.30 17.65
C PHE A 313 30.29 -23.00 16.93
N SER A 314 29.26 -22.68 17.71
CA SER A 314 27.96 -22.41 17.12
C SER A 314 27.25 -21.34 17.92
N GLY A 315 26.39 -20.59 17.23
CA GLY A 315 25.55 -19.61 17.85
C GLY A 315 24.14 -19.75 17.33
N TRP A 316 23.57 -18.66 16.83
CA TRP A 316 22.31 -18.72 16.11
C TRP A 316 22.40 -17.76 14.93
N TYR A 317 21.52 -17.96 13.97
CA TYR A 317 21.62 -17.24 12.70
C TYR A 317 21.12 -15.81 12.84
N MET A 318 21.79 -14.91 12.14
CA MET A 318 21.18 -13.67 11.70
C MET A 318 20.44 -13.95 10.39
N SER A 319 19.22 -13.44 10.27
CA SER A 319 18.36 -13.89 9.19
C SER A 319 18.92 -13.55 7.80
N THR A 320 19.70 -12.46 7.66
CA THR A 320 20.25 -12.16 6.34
C THR A 320 21.26 -13.19 5.89
N GLU A 321 21.91 -13.89 6.82
CA GLU A 321 22.81 -14.96 6.40
C GLU A 321 22.07 -16.00 5.58
N ILE A 322 20.84 -16.35 6.01
CA ILE A 322 20.05 -17.35 5.30
C ILE A 322 19.38 -16.75 4.09
N GLY A 323 18.56 -15.73 4.34
CA GLY A 323 17.70 -15.21 3.29
C GLY A 323 18.45 -14.48 2.20
N THR A 324 19.50 -13.75 2.56
CA THR A 324 20.16 -12.99 1.51
C THR A 324 21.36 -13.73 0.91
N ARG A 325 22.25 -14.25 1.74
CA ARG A 325 23.47 -14.85 1.19
C ARG A 325 23.24 -16.27 0.70
N ASN A 326 22.72 -17.16 1.57
CA ASN A 326 22.64 -18.58 1.21
C ASN A 326 21.62 -18.83 0.13
N LEU A 327 20.50 -18.12 0.16
CA LEU A 327 19.44 -18.35 -0.80
C LEU A 327 19.51 -17.46 -2.03
N CYS A 328 20.03 -16.24 -1.91
CA CYS A 328 19.98 -15.29 -3.04
C CYS A 328 21.30 -15.06 -3.75
N ASP A 329 22.45 -15.44 -3.18
CA ASP A 329 23.72 -15.25 -3.88
C ASP A 329 23.68 -15.97 -5.23
N PRO A 330 24.17 -15.35 -6.29
CA PRO A 330 24.12 -15.99 -7.61
C PRO A 330 24.90 -17.30 -7.65
N HIS A 331 25.88 -17.48 -6.78
CA HIS A 331 26.66 -18.73 -6.74
C HIS A 331 26.21 -19.66 -5.62
N ARG A 332 25.06 -19.38 -4.99
CA ARG A 332 24.50 -20.29 -4.01
C ARG A 332 23.18 -20.82 -4.55
N TYR A 333 22.10 -20.81 -3.75
CA TYR A 333 20.85 -21.35 -4.27
C TYR A 333 20.22 -20.47 -5.33
N ASN A 334 20.58 -19.17 -5.39
CA ASN A 334 20.27 -18.31 -6.53
C ASN A 334 18.77 -18.24 -6.85
N ILE A 335 17.94 -18.05 -5.80
CA ILE A 335 16.50 -18.20 -6.00
C ILE A 335 15.78 -16.91 -6.36
N LEU A 336 16.51 -15.79 -6.46
CA LEU A 336 15.88 -14.47 -6.49
C LEU A 336 14.87 -14.34 -7.64
N GLU A 337 15.25 -14.73 -8.85
CA GLU A 337 14.35 -14.56 -9.97
C GLU A 337 13.12 -15.45 -9.83
N ASP A 338 13.31 -16.65 -9.31
CA ASP A 338 12.20 -17.58 -9.13
C ASP A 338 11.13 -17.00 -8.21
N VAL A 339 11.55 -16.35 -7.12
CA VAL A 339 10.59 -15.70 -6.24
C VAL A 339 9.96 -14.48 -6.92
N ALA A 340 10.75 -13.71 -7.68
CA ALA A 340 10.19 -12.52 -8.33
C ALA A 340 9.15 -12.90 -9.39
N VAL A 341 9.38 -13.98 -10.12
CA VAL A 341 8.35 -14.46 -11.05
C VAL A 341 7.06 -14.78 -10.29
N CYS A 342 7.17 -15.51 -9.19
CA CYS A 342 5.99 -15.84 -8.38
C CYS A 342 5.28 -14.59 -7.88
N MET A 343 6.03 -13.54 -7.54
CA MET A 343 5.43 -12.28 -7.12
C MET A 343 4.94 -11.46 -8.30
N ASP A 344 5.06 -11.97 -9.52
CA ASP A 344 4.60 -11.27 -10.72
C ASP A 344 5.31 -9.93 -10.87
N LEU A 345 6.60 -9.88 -10.52
CA LEU A 345 7.35 -8.63 -10.64
C LEU A 345 7.91 -8.46 -12.06
N ASP A 346 8.16 -7.21 -12.43
CA ASP A 346 8.66 -6.90 -13.76
C ASP A 346 10.16 -7.14 -13.81
N THR A 347 10.56 -8.37 -14.13
CA THR A 347 11.99 -8.70 -14.21
C THR A 347 12.64 -8.21 -15.49
N ARG A 348 11.95 -7.41 -16.29
CA ARG A 348 12.48 -7.02 -17.61
C ARG A 348 13.38 -5.79 -17.53
N THR A 349 13.27 -4.98 -16.48
CA THR A 349 14.18 -3.87 -16.26
C THR A 349 14.62 -3.80 -14.80
N THR A 350 15.92 -3.56 -14.58
CA THR A 350 16.44 -3.51 -13.20
C THR A 350 15.83 -2.38 -12.41
N SER A 351 15.32 -1.33 -13.07
CA SER A 351 14.84 -0.16 -12.35
C SER A 351 13.47 -0.36 -11.72
N SER A 352 12.84 -1.53 -11.91
CA SER A 352 11.68 -1.86 -11.09
C SER A 352 12.07 -2.29 -9.69
N LEU A 353 13.38 -2.45 -9.44
CA LEU A 353 13.91 -2.95 -8.16
C LEU A 353 13.28 -4.28 -7.76
N TRP A 354 12.99 -5.12 -8.77
CA TRP A 354 12.40 -6.42 -8.47
C TRP A 354 13.33 -7.28 -7.64
N LYS A 355 14.64 -7.14 -7.82
CA LYS A 355 15.58 -7.90 -6.99
C LYS A 355 15.45 -7.52 -5.52
N ASP A 356 15.43 -6.20 -5.26
CA ASP A 356 15.28 -5.72 -3.90
C ASP A 356 13.96 -6.16 -3.27
N LYS A 357 12.87 -6.17 -4.05
CA LYS A 357 11.56 -6.54 -3.52
C LYS A 357 11.51 -8.02 -3.18
N ALA A 358 11.98 -8.87 -4.10
CA ALA A 358 12.03 -10.30 -3.83
C ALA A 358 12.93 -10.61 -2.65
N ALA A 359 14.08 -9.94 -2.56
CA ALA A 359 15.00 -10.22 -1.47
C ALA A 359 14.36 -9.93 -0.11
N VAL A 360 13.63 -8.80 0.00
CA VAL A 360 13.04 -8.46 1.29
C VAL A 360 12.02 -9.51 1.71
N GLU A 361 11.23 -10.01 0.77
CA GLU A 361 10.19 -10.98 1.11
C GLU A 361 10.77 -12.34 1.45
N ILE A 362 11.86 -12.72 0.78
CA ILE A 362 12.59 -13.91 1.20
C ILE A 362 13.06 -13.76 2.65
N ASN A 363 13.65 -12.61 2.99
CA ASN A 363 14.08 -12.39 4.38
C ASN A 363 12.91 -12.36 5.33
N VAL A 364 11.78 -11.80 4.92
CA VAL A 364 10.59 -11.86 5.76
C VAL A 364 10.18 -13.31 6.02
N ALA A 365 10.24 -14.15 4.99
CA ALA A 365 9.84 -15.54 5.15
C ALA A 365 10.79 -16.30 6.03
N VAL A 366 12.08 -15.94 6.04
CA VAL A 366 13.00 -16.61 6.94
C VAL A 366 12.64 -16.31 8.38
N LEU A 367 12.50 -15.03 8.70
CA LEU A 367 12.22 -14.62 10.08
C LEU A 367 10.91 -15.22 10.57
N HIS A 368 9.88 -15.19 9.71
CA HIS A 368 8.57 -15.69 10.11
C HIS A 368 8.61 -17.21 10.31
N SER A 369 9.29 -17.92 9.40
CA SER A 369 9.39 -19.37 9.50
C SER A 369 10.12 -19.78 10.77
N TYR A 370 11.26 -19.16 11.05
CA TYR A 370 12.00 -19.51 12.27
C TYR A 370 11.22 -19.17 13.53
N GLN A 371 10.52 -18.04 13.52
CA GLN A 371 9.73 -17.68 14.69
C GLN A 371 8.57 -18.65 14.88
N LEU A 372 7.91 -19.04 13.78
CA LEU A 372 6.81 -19.98 13.89
C LEU A 372 7.29 -21.32 14.42
N ALA A 373 8.47 -21.75 13.98
CA ALA A 373 9.07 -22.99 14.49
C ALA A 373 9.75 -22.81 15.85
N LYS A 374 9.68 -21.63 16.45
CA LYS A 374 10.29 -21.39 17.76
C LYS A 374 11.79 -21.74 17.76
N VAL A 375 12.49 -21.30 16.72
CA VAL A 375 13.94 -21.44 16.64
C VAL A 375 14.54 -20.05 16.73
N THR A 376 15.50 -19.88 17.62
CA THR A 376 16.16 -18.59 17.79
C THR A 376 16.68 -18.06 16.46
N ILE A 377 16.35 -16.81 16.15
CA ILE A 377 16.90 -16.12 15.00
C ILE A 377 16.90 -14.63 15.32
N VAL A 378 17.81 -13.88 14.69
CA VAL A 378 17.87 -12.44 14.92
C VAL A 378 17.90 -11.70 13.58
N ASP A 379 17.09 -10.65 13.46
CA ASP A 379 17.11 -9.84 12.25
C ASP A 379 18.29 -8.87 12.28
N HIS A 380 18.64 -8.37 11.09
CA HIS A 380 19.87 -7.56 10.98
C HIS A 380 19.72 -6.21 11.67
N HIS A 381 18.50 -5.67 11.79
CA HIS A 381 18.32 -4.45 12.56
C HIS A 381 18.58 -4.67 14.04
N ALA A 382 17.96 -5.70 14.63
CA ALA A 382 18.22 -6.02 16.04
C ALA A 382 19.70 -6.31 16.27
N ALA A 383 20.30 -7.09 15.38
CA ALA A 383 21.68 -7.52 15.57
C ALA A 383 22.65 -6.34 15.50
N THR A 384 22.49 -5.44 14.52
CA THR A 384 23.42 -4.32 14.42
C THR A 384 23.23 -3.34 15.56
N ALA A 385 21.98 -3.15 16.01
CA ALA A 385 21.76 -2.28 17.16
C ALA A 385 22.45 -2.84 18.40
N SER A 386 22.43 -4.17 18.57
CA SER A 386 23.14 -4.74 19.71
CA SER A 386 23.14 -4.74 19.72
C SER A 386 24.65 -4.60 19.54
N PHE A 387 25.14 -4.66 18.30
CA PHE A 387 26.58 -4.51 18.10
C PHE A 387 27.04 -3.11 18.44
N MET A 388 26.21 -2.10 18.13
CA MET A 388 26.52 -0.75 18.58
C MET A 388 26.66 -0.68 20.09
N LYS A 389 25.75 -1.35 20.80
CA LYS A 389 25.84 -1.44 22.25
C LYS A 389 27.13 -2.14 22.66
N HIS A 390 27.48 -3.23 21.95
CA HIS A 390 28.75 -3.89 22.21
C HIS A 390 29.92 -2.94 22.03
N LEU A 391 29.91 -2.11 20.97
CA LEU A 391 31.03 -1.20 20.76
C LEU A 391 31.22 -0.26 21.94
N GLU A 392 30.10 0.30 22.43
CA GLU A 392 30.14 1.20 23.57
C GLU A 392 30.63 0.50 24.82
N ASN A 393 30.12 -0.72 25.09
CA ASN A 393 30.63 -1.52 26.21
C ASN A 393 32.14 -1.73 26.10
N GLU A 394 32.59 -2.12 24.91
CA GLU A 394 33.99 -2.45 24.72
C GLU A 394 34.87 -1.22 24.78
N GLN A 395 34.32 -0.05 24.45
CA GLN A 395 35.06 1.20 24.59
C GLN A 395 35.46 1.42 26.05
N LYS A 396 34.50 1.24 26.97
CA LYS A 396 34.79 1.43 28.38
C LYS A 396 35.65 0.30 28.93
N ALA A 397 35.38 -0.94 28.52
CA ALA A 397 36.12 -2.06 29.09
C ALA A 397 37.56 -2.09 28.60
N ARG A 398 37.79 -1.94 27.28
CA ARG A 398 39.11 -2.17 26.71
C ARG A 398 39.64 -1.04 25.84
N GLY A 399 38.95 0.08 25.72
CA GLY A 399 39.43 1.16 24.86
C GLY A 399 39.32 0.90 23.37
N GLY A 400 38.28 0.20 22.94
CA GLY A 400 38.12 -0.07 21.52
C GLY A 400 37.69 -1.49 21.23
N CYS A 401 37.61 -1.83 19.95
CA CYS A 401 37.07 -3.10 19.54
C CYS A 401 37.43 -3.33 18.07
N PRO A 402 38.12 -4.44 17.75
CA PRO A 402 38.40 -4.75 16.34
C PRO A 402 37.12 -5.11 15.61
N ALA A 403 36.84 -4.36 14.55
CA ALA A 403 35.60 -4.56 13.80
C ALA A 403 35.92 -4.43 12.32
N ASP A 404 35.31 -5.29 11.51
CA ASP A 404 35.57 -5.33 10.08
C ASP A 404 34.31 -4.78 9.40
N TRP A 405 34.39 -3.50 9.02
CA TRP A 405 33.20 -2.77 8.56
C TRP A 405 32.43 -3.55 7.48
N ALA A 406 33.16 -4.07 6.50
CA ALA A 406 32.54 -4.74 5.36
C ALA A 406 31.79 -6.01 5.76
N TRP A 407 32.13 -6.59 6.91
CA TRP A 407 31.43 -7.77 7.40
C TRP A 407 30.38 -7.47 8.46
N ILE A 408 30.52 -6.36 9.19
CA ILE A 408 29.54 -6.00 10.21
C ILE A 408 28.28 -5.41 9.58
N VAL A 409 28.45 -4.58 8.55
CA VAL A 409 27.33 -4.02 7.81
C VAL A 409 26.59 -5.13 7.07
N PRO A 410 25.28 -5.25 7.26
CA PRO A 410 24.55 -6.40 6.69
C PRO A 410 24.48 -6.33 5.17
N PRO A 411 24.23 -7.45 4.50
CA PRO A 411 24.25 -7.47 3.02
C PRO A 411 23.00 -6.95 2.36
N ILE A 412 21.99 -6.53 3.11
CA ILE A 412 20.87 -5.78 2.58
C ILE A 412 20.66 -4.61 3.53
N SER A 413 20.11 -3.52 3.01
CA SER A 413 19.70 -2.39 3.83
C SER A 413 20.84 -1.84 4.69
N GLY A 414 22.08 -1.95 4.19
CA GLY A 414 23.26 -1.43 4.88
C GLY A 414 23.10 -0.09 5.57
N SER A 415 22.79 0.99 4.83
CA SER A 415 22.74 2.30 5.46
C SER A 415 21.50 2.51 6.32
N LEU A 416 20.57 1.57 6.35
CA LEU A 416 19.46 1.64 7.30
C LEU A 416 19.84 1.14 8.69
N THR A 417 21.01 0.54 8.85
CA THR A 417 21.43 0.09 10.16
C THR A 417 22.46 1.04 10.73
N PRO A 418 22.60 1.11 12.05
CA PRO A 418 23.49 2.12 12.63
C PRO A 418 24.97 1.85 12.36
N VAL A 419 25.36 0.59 12.15
CA VAL A 419 26.79 0.29 11.97
C VAL A 419 27.33 0.91 10.69
N PHE A 420 26.46 1.17 9.70
CA PHE A 420 26.90 1.79 8.44
C PHE A 420 27.61 3.11 8.71
N HIS A 421 27.08 3.91 9.62
CA HIS A 421 27.53 5.27 9.86
C HIS A 421 28.64 5.32 10.90
N GLN A 422 29.11 4.18 11.35
CA GLN A 422 30.13 4.05 12.39
C GLN A 422 31.46 3.70 11.75
N GLU A 423 32.46 4.57 11.89
CA GLU A 423 33.82 4.23 11.51
C GLU A 423 34.37 3.16 12.47
N MET A 424 35.20 2.27 11.92
CA MET A 424 35.70 1.11 12.63
C MET A 424 37.17 0.92 12.33
N VAL A 425 37.86 0.31 13.29
CA VAL A 425 39.27 -0.05 13.16
C VAL A 425 39.35 -1.57 13.20
N ASN A 426 40.11 -2.12 12.26
CA ASN A 426 40.26 -3.55 12.09
C ASN A 426 41.71 -3.95 12.36
N TYR A 427 41.89 -4.96 13.21
CA TYR A 427 43.22 -5.41 13.62
C TYR A 427 43.06 -6.75 14.34
N PHE A 428 44.18 -7.43 14.52
CA PHE A 428 44.23 -8.79 15.06
C PHE A 428 44.66 -8.74 16.52
N LEU A 429 43.81 -9.25 17.42
CA LEU A 429 44.19 -9.55 18.80
C LEU A 429 44.17 -11.05 19.04
N SER A 430 44.90 -11.48 20.07
CA SER A 430 44.89 -12.87 20.47
C SER A 430 44.34 -12.98 21.89
N PRO A 431 43.66 -14.09 22.24
CA PRO A 431 43.37 -15.27 21.41
C PRO A 431 42.44 -14.99 20.23
N ALA A 432 42.47 -15.87 19.24
CA ALA A 432 41.73 -15.60 18.03
C ALA A 432 41.26 -16.90 17.37
N PHE A 433 40.20 -16.76 16.57
CA PHE A 433 39.90 -17.75 15.55
C PHE A 433 40.62 -17.37 14.27
N ARG A 434 41.22 -18.37 13.63
CA ARG A 434 41.98 -18.18 12.39
C ARG A 434 41.43 -19.11 11.32
N TYR A 435 41.59 -18.70 10.06
CA TYR A 435 41.34 -19.58 8.94
C TYR A 435 42.53 -20.53 8.77
N GLN A 436 42.27 -21.69 8.19
CA GLN A 436 43.34 -22.67 8.05
C GLN A 436 43.15 -23.44 6.76
N PRO A 437 44.23 -23.98 6.19
CA PRO A 437 44.09 -24.76 4.95
C PRO A 437 43.19 -25.96 5.16
N ASP A 438 42.56 -26.39 4.07
CA ASP A 438 41.80 -27.64 4.11
C ASP A 438 42.77 -28.80 4.27
N PRO A 439 42.34 -29.89 4.94
CA PRO A 439 43.25 -31.03 5.15
C PRO A 439 43.40 -31.90 3.90
N TRP A 440 43.55 -31.28 2.74
CA TRP A 440 43.81 -32.00 1.49
C TRP A 440 44.29 -31.02 0.40
N PHE B 28 52.51 -8.02 -5.45
CA PHE B 28 51.31 -7.70 -6.22
C PHE B 28 50.06 -8.37 -5.64
N PRO B 29 49.10 -7.57 -5.18
CA PRO B 29 47.92 -8.13 -4.49
C PRO B 29 47.10 -9.01 -5.42
N ARG B 30 46.78 -10.22 -4.94
CA ARG B 30 45.87 -11.11 -5.65
C ARG B 30 44.42 -10.81 -5.25
N VAL B 31 43.56 -10.66 -6.25
CA VAL B 31 42.21 -10.14 -6.11
C VAL B 31 41.24 -11.17 -6.69
N LYS B 32 40.22 -11.52 -5.94
CA LYS B 32 39.30 -12.57 -6.36
C LYS B 32 37.89 -12.02 -6.47
N ASN B 33 37.21 -12.42 -7.55
CA ASN B 33 35.76 -12.27 -7.66
C ASN B 33 35.10 -13.55 -7.17
N TRP B 34 34.22 -13.43 -6.20
CA TRP B 34 33.65 -14.62 -5.57
C TRP B 34 32.38 -15.12 -6.26
N GLU B 35 31.69 -14.27 -7.01
CA GLU B 35 30.53 -14.76 -7.74
C GLU B 35 30.94 -15.72 -8.85
N VAL B 36 32.08 -15.46 -9.48
CA VAL B 36 32.48 -16.17 -10.69
C VAL B 36 33.70 -17.08 -10.46
N GLY B 37 34.62 -16.71 -9.57
CA GLY B 37 35.87 -17.42 -9.42
C GLY B 37 37.08 -16.75 -10.06
N SER B 38 36.88 -15.67 -10.81
CA SER B 38 37.99 -15.00 -11.50
C SER B 38 39.05 -14.52 -10.51
N ILE B 39 40.29 -14.50 -10.98
CA ILE B 39 41.43 -14.07 -10.19
C ILE B 39 42.30 -13.16 -11.05
N THR B 40 42.70 -12.01 -10.49
CA THR B 40 43.58 -11.06 -11.15
C THR B 40 44.55 -10.48 -10.11
N TYR B 41 45.63 -9.91 -10.60
CA TYR B 41 46.60 -9.23 -9.77
C TYR B 41 46.61 -7.74 -10.11
N ASP B 42 46.65 -6.90 -9.08
CA ASP B 42 46.61 -5.44 -9.26
C ASP B 42 48.05 -4.92 -9.26
N THR B 43 48.68 -4.92 -10.44
CA THR B 43 50.03 -4.36 -10.57
C THR B 43 50.03 -2.85 -10.61
N LEU B 44 48.89 -2.22 -10.92
CA LEU B 44 48.82 -0.76 -10.91
C LEU B 44 49.05 -0.20 -9.50
N SER B 45 48.69 -0.95 -8.46
CA SER B 45 48.77 -0.43 -7.10
C SER B 45 50.19 -0.16 -6.66
N ALA B 46 51.18 -0.85 -7.24
CA ALA B 46 52.57 -0.59 -6.89
C ALA B 46 53.01 0.83 -7.28
N GLN B 47 52.35 1.44 -8.27
CA GLN B 47 52.61 2.81 -8.68
C GLN B 47 51.97 3.85 -7.76
N ALA B 48 51.31 3.44 -6.69
CA ALA B 48 50.63 4.40 -5.82
C ALA B 48 51.64 5.28 -5.11
N GLN B 49 51.54 6.59 -5.33
CA GLN B 49 52.51 7.50 -4.74
C GLN B 49 52.09 7.89 -3.31
N GLN B 50 51.14 8.82 -3.19
CA GLN B 50 50.79 9.34 -1.87
C GLN B 50 50.15 8.24 -1.02
N ASP B 51 50.28 8.39 0.30
CA ASP B 51 50.08 7.28 1.21
C ASP B 51 48.73 7.37 1.92
N GLY B 52 48.14 6.19 2.17
CA GLY B 52 46.85 6.07 2.81
C GLY B 52 46.96 5.83 4.32
N PRO B 53 45.81 5.60 4.96
CA PRO B 53 45.77 5.55 6.43
C PRO B 53 46.06 4.21 7.06
N CYS B 54 46.20 3.14 6.29
CA CYS B 54 46.33 1.80 6.85
C CYS B 54 47.79 1.44 7.10
N THR B 55 48.00 0.52 8.04
CA THR B 55 49.32 -0.04 8.30
C THR B 55 49.16 -1.54 8.48
N PRO B 56 50.26 -2.30 8.54
CA PRO B 56 50.14 -3.72 8.86
C PRO B 56 49.47 -3.98 10.20
N ARG B 57 49.51 -3.01 11.13
CA ARG B 57 48.89 -3.21 12.43
C ARG B 57 47.37 -3.12 12.35
N ARG B 58 46.87 -2.16 11.58
CA ARG B 58 45.45 -1.84 11.64
C ARG B 58 44.98 -1.23 10.32
N CYS B 59 43.78 -1.62 9.92
CA CYS B 59 43.13 -1.11 8.73
C CYS B 59 42.18 0.00 9.14
N LEU B 60 42.25 1.15 8.45
CA LEU B 60 41.35 2.27 8.64
C LEU B 60 40.58 2.59 7.37
N GLY B 61 40.30 1.56 6.58
CA GLY B 61 39.62 1.78 5.30
C GLY B 61 38.25 2.40 5.44
N SER B 62 37.58 2.21 6.58
CA SER B 62 36.23 2.73 6.77
C SER B 62 36.19 4.19 7.20
N LEU B 63 37.33 4.86 7.36
CA LEU B 63 37.30 6.28 7.72
C LEU B 63 36.86 7.11 6.52
N VAL B 64 35.93 8.05 6.76
CA VAL B 64 35.46 8.91 5.69
C VAL B 64 36.60 9.82 5.20
N PHE B 65 37.37 10.37 6.13
CA PHE B 65 38.50 11.20 5.72
C PHE B 65 39.82 10.53 6.10
N PRO B 66 40.48 9.82 5.16
CA PRO B 66 41.72 9.06 5.30
C PRO B 66 42.99 9.91 5.22
N ALA B 79 59.50 24.40 -1.85
CA ALA B 79 59.79 23.03 -2.27
C ALA B 79 59.58 22.82 -3.78
N PRO B 80 60.50 23.35 -4.60
CA PRO B 80 60.36 23.15 -6.06
C PRO B 80 60.71 21.76 -6.55
N GLU B 81 61.57 21.04 -5.83
CA GLU B 81 62.02 19.72 -6.29
C GLU B 81 60.88 18.71 -6.33
N GLN B 82 59.93 18.82 -5.41
CA GLN B 82 58.82 17.90 -5.35
C GLN B 82 57.70 18.30 -6.30
N LEU B 83 57.47 19.61 -6.48
CA LEU B 83 56.62 20.06 -7.57
C LEU B 83 57.14 19.55 -8.89
N LEU B 84 58.45 19.61 -9.10
CA LEU B 84 59.04 19.12 -10.35
C LEU B 84 58.79 17.63 -10.54
N SER B 85 58.95 16.83 -9.49
CA SER B 85 58.90 15.39 -9.70
C SER B 85 57.47 14.90 -9.86
N GLN B 86 56.48 15.62 -9.33
CA GLN B 86 55.09 15.34 -9.67
C GLN B 86 54.79 15.73 -11.11
N ALA B 87 55.24 16.91 -11.54
CA ALA B 87 54.97 17.35 -12.90
C ALA B 87 55.62 16.42 -13.90
N ARG B 88 56.85 16.00 -13.64
CA ARG B 88 57.53 15.06 -14.52
C ARG B 88 56.73 13.77 -14.67
N ASP B 89 56.08 13.33 -13.59
CA ASP B 89 55.28 12.10 -13.67
C ASP B 89 53.99 12.34 -14.45
N PHE B 90 53.38 13.51 -14.29
CA PHE B 90 52.18 13.78 -15.07
C PHE B 90 52.51 13.93 -16.56
N ILE B 91 53.58 14.69 -16.88
CA ILE B 91 53.98 14.84 -18.28
C ILE B 91 54.25 13.47 -18.91
N ASN B 92 54.92 12.58 -18.18
CA ASN B 92 55.14 11.23 -18.68
C ASN B 92 53.83 10.51 -18.92
N GLN B 93 52.86 10.67 -18.01
CA GLN B 93 51.53 10.12 -18.25
C GLN B 93 50.94 10.68 -19.55
N TYR B 94 50.96 12.00 -19.69
CA TYR B 94 50.29 12.62 -20.83
C TYR B 94 50.87 12.13 -22.15
N TYR B 95 52.20 12.14 -22.26
CA TYR B 95 52.83 11.70 -23.51
C TYR B 95 52.71 10.19 -23.74
N SER B 96 52.56 9.38 -22.67
CA SER B 96 52.17 7.98 -22.88
C SER B 96 50.81 7.88 -23.54
N SER B 97 49.84 8.68 -23.09
CA SER B 97 48.47 8.53 -23.57
C SER B 97 48.31 8.90 -25.04
N ILE B 98 49.14 9.80 -25.56
CA ILE B 98 49.12 10.15 -26.97
C ILE B 98 50.18 9.38 -27.76
N LYS B 99 50.69 8.28 -27.19
CA LYS B 99 51.64 7.39 -27.88
C LYS B 99 52.86 8.16 -28.39
N ARG B 100 53.49 8.92 -27.50
CA ARG B 100 54.65 9.72 -27.87
C ARG B 100 55.69 9.76 -26.73
N SER B 101 55.76 8.71 -25.91
CA SER B 101 56.71 8.69 -24.81
CA SER B 101 56.71 8.67 -24.80
C SER B 101 58.13 8.68 -25.32
N GLY B 102 59.00 9.42 -24.64
CA GLY B 102 60.40 9.54 -25.04
C GLY B 102 60.64 10.26 -26.34
N SER B 103 59.65 10.97 -26.87
CA SER B 103 59.83 11.64 -28.15
C SER B 103 60.38 13.04 -27.97
N GLN B 104 60.70 13.68 -29.10
CA GLN B 104 61.22 15.05 -29.07
C GLN B 104 60.32 15.98 -28.29
N ALA B 105 59.05 16.05 -28.67
CA ALA B 105 58.09 16.89 -27.97
C ALA B 105 58.04 16.57 -26.48
N HIS B 106 58.24 15.29 -26.12
CA HIS B 106 58.18 14.87 -24.73
C HIS B 106 59.35 15.47 -23.92
N GLU B 107 60.58 15.28 -24.39
CA GLU B 107 61.72 15.85 -23.68
C GLU B 107 61.65 17.37 -23.66
N GLN B 108 61.20 17.96 -24.76
CA GLN B 108 61.07 19.41 -24.82
C GLN B 108 60.12 19.93 -23.75
N ARG B 109 59.00 19.24 -23.54
CA ARG B 109 58.03 19.67 -22.54
C ARG B 109 58.58 19.50 -21.12
N LEU B 110 59.35 18.43 -20.89
CA LEU B 110 59.99 18.26 -19.60
C LEU B 110 60.93 19.43 -19.29
N GLN B 111 61.76 19.81 -20.26
CA GLN B 111 62.71 20.92 -20.06
C GLN B 111 61.98 22.25 -19.90
N GLU B 112 60.96 22.49 -20.72
CA GLU B 112 60.12 23.68 -20.57
C GLU B 112 59.55 23.78 -19.15
N VAL B 113 59.10 22.66 -18.58
CA VAL B 113 58.48 22.71 -17.25
C VAL B 113 59.54 23.02 -16.19
N GLU B 114 60.68 22.34 -16.25
CA GLU B 114 61.79 22.65 -15.36
C GLU B 114 62.19 24.12 -15.45
N ALA B 115 62.26 24.65 -16.68
CA ALA B 115 62.63 26.06 -16.85
C ALA B 115 61.60 26.98 -16.20
N GLU B 116 60.31 26.65 -16.34
CA GLU B 116 59.29 27.52 -15.80
C GLU B 116 59.22 27.44 -14.28
N VAL B 117 59.52 26.29 -13.70
CA VAL B 117 59.56 26.19 -12.26
C VAL B 117 60.78 26.94 -11.72
N ALA B 118 61.88 26.95 -12.48
CA ALA B 118 63.06 27.72 -12.05
C ALA B 118 62.78 29.21 -12.06
N ALA B 119 62.11 29.71 -13.10
CA ALA B 119 61.89 31.13 -13.23
C ALA B 119 60.74 31.64 -12.36
N THR B 120 59.75 30.78 -12.08
CA THR B 120 58.49 31.25 -11.49
C THR B 120 58.06 30.49 -10.25
N GLY B 121 58.68 29.37 -9.92
CA GLY B 121 58.17 28.53 -8.85
C GLY B 121 56.94 27.71 -9.19
N THR B 122 56.44 27.81 -10.41
CA THR B 122 55.25 27.07 -10.84
C THR B 122 55.37 26.81 -12.34
N TYR B 123 54.30 26.29 -12.94
CA TYR B 123 54.20 26.18 -14.40
C TYR B 123 52.73 26.15 -14.76
N GLN B 124 52.46 26.17 -16.08
CA GLN B 124 51.09 26.21 -16.59
C GLN B 124 50.84 25.01 -17.47
N LEU B 125 49.64 24.44 -17.35
CA LEU B 125 49.25 23.33 -18.21
C LEU B 125 48.82 23.84 -19.58
N ARG B 126 49.22 23.11 -20.63
CA ARG B 126 48.58 23.27 -21.92
C ARG B 126 47.14 22.79 -21.83
N GLU B 127 46.30 23.27 -22.75
CA GLU B 127 44.88 22.95 -22.74
C GLU B 127 44.64 21.44 -22.78
N SER B 128 45.29 20.75 -23.72
CA SER B 128 45.10 19.31 -23.85
CA SER B 128 45.09 19.31 -23.84
C SER B 128 45.63 18.55 -22.62
N GLU B 129 46.66 19.07 -21.97
CA GLU B 129 47.11 18.44 -20.74
C GLU B 129 46.07 18.58 -19.64
N LEU B 130 45.41 19.74 -19.60
CA LEU B 130 44.37 19.96 -18.60
C LEU B 130 43.20 19.02 -18.81
N VAL B 131 42.78 18.85 -20.07
CA VAL B 131 41.67 17.95 -20.38
C VAL B 131 42.03 16.52 -19.97
N PHE B 132 43.19 16.04 -20.41
CA PHE B 132 43.65 14.72 -20.00
C PHE B 132 43.74 14.61 -18.48
N GLY B 133 44.25 15.66 -17.84
CA GLY B 133 44.40 15.63 -16.39
C GLY B 133 43.08 15.51 -15.65
N ALA B 134 42.05 16.21 -16.12
CA ALA B 134 40.76 16.17 -15.44
C ALA B 134 40.10 14.80 -15.61
N LYS B 135 40.18 14.23 -16.81
CA LYS B 135 39.68 12.87 -17.04
C LYS B 135 40.40 11.83 -16.19
N GLN B 136 41.73 11.93 -16.09
CA GLN B 136 42.46 10.97 -15.26
C GLN B 136 42.05 11.06 -13.81
N ALA B 137 41.81 12.28 -13.32
CA ALA B 137 41.42 12.45 -11.93
C ALA B 137 40.11 11.73 -11.64
N TRP B 138 39.15 11.82 -12.57
CA TRP B 138 37.92 11.04 -12.45
C TRP B 138 38.22 9.56 -12.54
N ARG B 139 38.98 9.17 -13.55
CA ARG B 139 39.40 7.77 -13.69
C ARG B 139 40.02 7.21 -12.41
N ASN B 140 40.77 8.03 -11.66
CA ASN B 140 41.50 7.58 -10.48
C ASN B 140 40.69 7.63 -9.18
N ALA B 141 39.46 8.15 -9.21
CA ALA B 141 38.68 8.42 -8.01
C ALA B 141 38.11 7.13 -7.39
N PRO B 142 38.67 6.64 -6.26
CA PRO B 142 38.35 5.27 -5.80
C PRO B 142 36.92 5.07 -5.36
N ARG B 143 36.22 6.12 -4.95
CA ARG B 143 34.89 5.96 -4.41
C ARG B 143 33.79 6.24 -5.44
N CYS B 144 34.15 6.41 -6.72
CA CYS B 144 33.19 6.69 -7.78
C CYS B 144 32.79 5.41 -8.51
N VAL B 145 31.52 5.05 -8.43
CA VAL B 145 31.01 3.88 -9.16
C VAL B 145 30.69 4.21 -10.60
N GLY B 146 30.67 5.50 -10.96
CA GLY B 146 30.27 5.93 -12.29
C GLY B 146 31.39 6.03 -13.32
N ARG B 147 32.55 5.44 -13.02
CA ARG B 147 33.74 5.70 -13.84
C ARG B 147 33.76 5.00 -15.19
N ILE B 148 32.78 4.14 -15.52
CA ILE B 148 32.73 3.63 -16.89
C ILE B 148 32.74 4.79 -17.89
N GLN B 149 32.18 5.93 -17.48
CA GLN B 149 32.00 7.15 -18.28
C GLN B 149 33.23 8.06 -18.33
N TRP B 150 34.39 7.65 -17.77
CA TRP B 150 35.42 8.63 -17.43
C TRP B 150 35.94 9.38 -18.66
N GLY B 151 35.94 8.74 -19.83
CA GLY B 151 36.44 9.37 -21.03
C GLY B 151 35.51 10.40 -21.63
N LYS B 152 34.23 10.38 -21.24
CA LYS B 152 33.23 11.30 -21.77
C LYS B 152 33.02 12.40 -20.74
N LEU B 153 33.89 13.41 -20.80
CA LEU B 153 33.87 14.48 -19.81
C LEU B 153 34.11 15.78 -20.55
N GLN B 154 33.19 16.73 -20.39
CA GLN B 154 33.34 18.05 -21.00
C GLN B 154 34.11 18.92 -20.02
N VAL B 155 35.26 19.43 -20.46
CA VAL B 155 36.14 20.25 -19.62
C VAL B 155 36.01 21.69 -20.06
N PHE B 156 35.52 22.55 -19.18
CA PHE B 156 35.49 23.99 -19.43
C PHE B 156 36.70 24.64 -18.76
N ASP B 157 37.53 25.30 -19.56
CA ASP B 157 38.76 25.95 -19.09
C ASP B 157 38.40 27.37 -18.70
N ALA B 158 38.26 27.60 -17.39
CA ALA B 158 38.04 28.94 -16.85
C ALA B 158 39.28 29.48 -16.14
N ARG B 159 40.46 29.06 -16.60
CA ARG B 159 41.66 29.48 -15.89
C ARG B 159 41.99 30.94 -16.09
N ASP B 160 41.30 31.63 -16.99
CA ASP B 160 41.46 33.06 -17.15
C ASP B 160 40.46 33.85 -16.32
N CYS B 161 39.72 33.18 -15.44
CA CYS B 161 38.70 33.85 -14.65
C CYS B 161 39.30 34.93 -13.76
N ARG B 162 38.59 36.04 -13.64
CA ARG B 162 39.15 37.25 -13.06
C ARG B 162 38.49 37.68 -11.77
N SER B 163 37.24 37.31 -11.53
CA SER B 163 36.49 37.81 -10.38
C SER B 163 35.43 36.80 -10.00
N ALA B 164 34.80 37.06 -8.84
CA ALA B 164 33.68 36.22 -8.43
C ALA B 164 32.48 36.40 -9.37
N GLN B 165 32.32 37.59 -9.95
CA GLN B 165 31.22 37.81 -10.88
C GLN B 165 31.40 36.95 -12.14
N GLU B 166 32.58 37.00 -12.74
CA GLU B 166 32.87 36.12 -13.87
C GLU B 166 32.74 34.66 -13.47
N MET B 167 33.23 34.32 -12.28
CA MET B 167 33.12 32.95 -11.77
C MET B 167 31.67 32.49 -11.78
N PHE B 168 30.75 33.37 -11.35
CA PHE B 168 29.33 33.06 -11.40
C PHE B 168 28.86 32.75 -12.82
N THR B 169 29.31 33.54 -13.80
CA THR B 169 28.85 33.31 -15.18
C THR B 169 29.31 31.96 -15.70
N TYR B 170 30.56 31.60 -15.43
CA TYR B 170 31.05 30.27 -15.78
C TYR B 170 30.24 29.16 -15.11
N ILE B 171 29.81 29.37 -13.87
CA ILE B 171 29.09 28.33 -13.14
C ILE B 171 27.70 28.12 -13.73
N CYS B 172 26.98 29.23 -13.98
CA CYS B 172 25.67 29.16 -14.63
C CYS B 172 25.73 28.44 -15.97
N ASN B 173 26.75 28.74 -16.78
CA ASN B 173 26.85 28.03 -18.04
CA ASN B 173 26.94 28.05 -18.05
C ASN B 173 27.21 26.57 -17.83
N HIS B 174 27.96 26.25 -16.78
CA HIS B 174 28.18 24.84 -16.44
C HIS B 174 26.85 24.17 -16.15
N ILE B 175 26.07 24.73 -15.21
CA ILE B 175 24.79 24.15 -14.84
C ILE B 175 23.89 23.99 -16.06
N LYS B 176 23.89 25.00 -16.94
CA LYS B 176 23.03 24.93 -18.11
C LYS B 176 23.46 23.83 -19.06
N TYR B 177 24.77 23.75 -19.35
CA TYR B 177 25.27 22.71 -20.25
C TYR B 177 25.06 21.30 -19.68
N ALA B 178 25.34 21.13 -18.39
CA ALA B 178 25.33 19.80 -17.79
C ALA B 178 23.91 19.29 -17.59
N THR B 179 22.99 20.21 -17.34
CA THR B 179 21.59 19.82 -17.14
C THR B 179 20.94 19.46 -18.46
N ASN B 180 21.10 20.33 -19.48
CA ASN B 180 20.71 20.00 -20.85
C ASN B 180 19.23 19.57 -20.89
N ARG B 181 18.41 20.28 -20.12
CA ARG B 181 16.96 20.05 -20.08
C ARG B 181 16.59 18.63 -19.62
N GLY B 182 17.46 18.00 -18.83
CA GLY B 182 17.17 16.68 -18.28
C GLY B 182 18.02 15.57 -18.86
N ASN B 183 18.58 15.77 -20.06
CA ASN B 183 19.49 14.79 -20.64
C ASN B 183 20.93 15.13 -20.20
N LEU B 184 21.26 14.72 -18.97
CA LEU B 184 22.44 15.25 -18.29
C LEU B 184 23.75 14.83 -18.96
N ARG B 185 24.71 15.75 -18.95
CA ARG B 185 26.04 15.52 -19.52
C ARG B 185 27.08 15.81 -18.45
N SER B 186 28.11 14.95 -18.39
CA SER B 186 29.18 15.10 -17.40
C SER B 186 30.11 16.25 -17.77
N ALA B 187 30.47 17.07 -16.79
CA ALA B 187 31.24 18.26 -17.08
C ALA B 187 32.07 18.67 -15.88
N ILE B 188 33.18 19.37 -16.15
CA ILE B 188 33.95 20.01 -15.09
C ILE B 188 34.33 21.41 -15.57
N THR B 189 34.29 22.40 -14.68
CA THR B 189 34.83 23.72 -14.98
C THR B 189 36.03 23.97 -14.09
N VAL B 190 37.17 24.34 -14.69
CA VAL B 190 38.43 24.49 -13.96
C VAL B 190 38.76 25.96 -13.85
N PHE B 191 38.70 26.49 -12.65
CA PHE B 191 39.08 27.87 -12.36
C PHE B 191 40.57 27.95 -12.07
N PRO B 192 41.14 29.16 -11.92
CA PRO B 192 42.60 29.30 -11.89
C PRO B 192 43.25 28.54 -10.75
N GLN B 193 44.44 28.01 -11.03
CA GLN B 193 45.19 27.25 -10.05
C GLN B 193 45.69 28.11 -8.90
N ARG B 194 45.87 27.46 -7.76
CA ARG B 194 46.62 28.03 -6.64
C ARG B 194 47.98 28.47 -7.15
N CYS B 195 48.41 29.67 -6.72
CA CYS B 195 49.73 30.16 -7.14
C CYS B 195 50.26 31.14 -6.11
N PRO B 196 51.58 31.25 -5.97
CA PRO B 196 52.14 32.15 -4.97
C PRO B 196 51.85 33.62 -5.27
N GLY B 197 51.49 34.36 -4.22
CA GLY B 197 51.22 35.78 -4.32
C GLY B 197 49.77 36.14 -4.33
N ARG B 198 48.88 35.16 -4.36
CA ARG B 198 47.46 35.38 -4.52
C ARG B 198 46.71 34.36 -3.68
N GLY B 199 45.54 34.74 -3.18
CA GLY B 199 44.66 33.78 -2.54
C GLY B 199 44.01 32.87 -3.57
N ASP B 200 43.20 31.94 -3.08
CA ASP B 200 42.55 30.96 -3.93
C ASP B 200 41.18 31.44 -4.38
N PHE B 201 40.79 31.01 -5.58
CA PHE B 201 39.37 30.89 -5.88
C PHE B 201 38.77 29.75 -5.04
N ARG B 202 37.63 30.00 -4.40
CA ARG B 202 36.92 28.95 -3.69
C ARG B 202 35.43 29.10 -3.92
N ILE B 203 34.76 27.96 -4.06
CA ILE B 203 33.31 27.87 -3.94
C ILE B 203 33.01 27.38 -2.53
N TRP B 204 32.30 28.18 -1.75
CA TRP B 204 32.08 27.79 -0.36
C TRP B 204 31.06 26.67 -0.24
N ASN B 205 30.05 26.63 -1.12
CA ASN B 205 29.05 25.57 -1.13
C ASN B 205 29.68 24.21 -1.42
N SER B 206 29.14 23.17 -0.80
CA SER B 206 29.65 21.83 -1.08
C SER B 206 29.16 21.31 -2.43
N GLN B 207 27.99 21.74 -2.89
CA GLN B 207 27.52 21.46 -4.24
C GLN B 207 26.91 22.72 -4.82
N LEU B 208 26.84 22.78 -6.14
CA LEU B 208 26.22 23.95 -6.78
C LEU B 208 24.76 24.09 -6.41
N VAL B 209 24.05 22.96 -6.25
CA VAL B 209 22.63 22.94 -5.91
C VAL B 209 22.47 22.21 -4.57
N ARG B 210 21.98 22.93 -3.56
CA ARG B 210 21.79 22.40 -2.22
C ARG B 210 20.59 23.10 -1.61
N TYR B 211 19.85 22.36 -0.78
CA TYR B 211 18.71 22.90 -0.08
C TYR B 211 19.11 23.43 1.29
N ALA B 212 18.52 24.56 1.67
CA ALA B 212 18.77 25.15 2.97
C ALA B 212 18.41 24.17 4.08
N GLY B 213 19.02 24.39 5.25
CA GLY B 213 18.64 23.74 6.48
C GLY B 213 18.55 24.78 7.58
N TYR B 214 17.35 25.01 8.11
CA TYR B 214 17.09 26.02 9.11
C TYR B 214 16.94 25.37 10.49
N ARG B 215 17.79 25.78 11.44
CA ARG B 215 17.59 25.42 12.84
C ARG B 215 16.24 25.95 13.31
N GLN B 216 15.53 25.15 14.08
CA GLN B 216 14.13 25.45 14.34
C GLN B 216 13.95 26.12 15.70
N GLN B 217 12.69 26.46 15.98
CA GLN B 217 12.30 26.99 17.28
C GLN B 217 12.74 26.07 18.41
N ASP B 218 12.37 24.79 18.31
CA ASP B 218 12.69 23.78 19.32
C ASP B 218 14.09 23.17 19.14
N GLY B 219 14.88 23.66 18.19
CA GLY B 219 16.20 23.11 17.97
C GLY B 219 16.29 22.01 16.93
N SER B 220 15.17 21.67 16.28
CA SER B 220 15.20 20.74 15.15
C SER B 220 15.66 21.49 13.89
N VAL B 221 15.60 20.83 12.74
CA VAL B 221 16.04 21.42 11.49
C VAL B 221 14.92 21.30 10.47
N ARG B 222 14.66 22.38 9.75
CA ARG B 222 13.73 22.36 8.63
C ARG B 222 14.54 22.44 7.34
N GLY B 223 14.25 21.53 6.40
CA GLY B 223 15.09 21.38 5.24
C GLY B 223 16.16 20.33 5.49
N ASP B 224 17.34 20.51 4.89
CA ASP B 224 18.39 19.50 4.86
C ASP B 224 19.37 19.75 6.01
N PRO B 225 19.47 18.86 7.00
CA PRO B 225 20.44 19.08 8.09
C PRO B 225 21.90 19.08 7.66
N ALA B 226 22.26 18.46 6.54
CA ALA B 226 23.65 18.50 6.13
C ALA B 226 24.14 19.91 5.81
N ASN B 227 23.23 20.88 5.67
CA ASN B 227 23.54 22.19 5.10
C ASN B 227 23.26 23.31 6.09
N VAL B 228 23.20 22.99 7.38
CA VAL B 228 22.96 24.01 8.41
C VAL B 228 24.07 25.05 8.41
N GLU B 229 25.33 24.61 8.34
CA GLU B 229 26.47 25.52 8.41
C GLU B 229 26.46 26.52 7.26
N ILE B 230 26.36 26.01 6.02
CA ILE B 230 26.38 26.86 4.84
C ILE B 230 25.14 27.77 4.82
N THR B 231 24.01 27.29 5.35
CA THR B 231 22.81 28.11 5.42
C THR B 231 23.01 29.33 6.32
N GLU B 232 23.65 29.12 7.49
CA GLU B 232 23.93 30.26 8.38
C GLU B 232 24.90 31.24 7.73
N LEU B 233 25.94 30.72 7.08
CA LEU B 233 26.89 31.59 6.40
C LEU B 233 26.21 32.44 5.35
N CYS B 234 25.28 31.86 4.60
CA CYS B 234 24.58 32.64 3.59
C CYS B 234 23.79 33.77 4.21
N ILE B 235 23.09 33.49 5.31
CA ILE B 235 22.29 34.52 5.98
C ILE B 235 23.20 35.62 6.53
N GLN B 236 24.31 35.23 7.15
CA GLN B 236 25.28 36.19 7.65
C GLN B 236 25.81 37.09 6.53
N HIS B 237 25.88 36.57 5.30
CA HIS B 237 26.38 37.33 4.17
C HIS B 237 25.26 37.97 3.36
N GLY B 238 24.10 38.20 3.97
CA GLY B 238 23.07 39.01 3.37
C GLY B 238 21.92 38.27 2.70
N TRP B 239 21.85 36.95 2.82
CA TRP B 239 20.75 36.22 2.19
C TRP B 239 19.50 36.32 3.05
N THR B 240 18.36 36.56 2.40
CA THR B 240 17.08 36.55 3.08
C THR B 240 16.50 35.14 3.03
N PRO B 241 16.45 34.41 4.14
CA PRO B 241 16.08 32.99 4.06
C PRO B 241 14.62 32.81 3.73
N GLY B 242 14.32 31.66 3.15
CA GLY B 242 12.97 31.15 3.10
C GLY B 242 12.64 30.41 4.38
N ASN B 243 11.65 29.51 4.29
CA ASN B 243 11.39 28.62 5.41
C ASN B 243 10.68 27.35 4.96
N GLY B 244 10.87 26.95 3.72
CA GLY B 244 10.45 25.64 3.26
C GLY B 244 11.54 24.60 3.50
N ARG B 245 11.22 23.37 3.11
CA ARG B 245 12.14 22.26 3.28
C ARG B 245 13.01 22.02 2.06
N PHE B 246 12.71 22.67 0.95
CA PHE B 246 13.45 22.49 -0.29
C PHE B 246 13.83 23.84 -0.91
N ASP B 247 14.36 24.76 -0.10
CA ASP B 247 14.80 26.06 -0.59
C ASP B 247 16.21 25.97 -1.15
N VAL B 248 16.37 26.26 -2.45
CA VAL B 248 17.69 26.23 -3.06
C VAL B 248 18.56 27.33 -2.48
N LEU B 249 19.81 27.00 -2.11
CA LEU B 249 20.71 27.97 -1.49
C LEU B 249 21.37 28.86 -2.53
N PRO B 250 21.78 30.06 -2.15
CA PRO B 250 22.65 30.86 -3.03
C PRO B 250 24.06 30.28 -3.05
N LEU B 251 24.85 30.76 -4.00
CA LEU B 251 26.27 30.47 -4.07
C LEU B 251 27.08 31.54 -3.32
N LEU B 252 28.05 31.08 -2.54
CA LEU B 252 29.05 31.93 -1.89
C LEU B 252 30.35 31.70 -2.63
N LEU B 253 30.79 32.71 -3.37
CA LEU B 253 31.93 32.59 -4.28
C LEU B 253 33.02 33.56 -3.84
N GLN B 254 34.24 33.04 -3.72
CA GLN B 254 35.37 33.79 -3.21
C GLN B 254 36.40 33.89 -4.33
N ALA B 255 36.72 35.11 -4.71
CA ALA B 255 37.85 35.48 -5.55
C ALA B 255 39.09 35.67 -4.67
N PRO B 256 40.29 35.59 -5.26
CA PRO B 256 41.52 35.74 -4.47
C PRO B 256 41.50 36.98 -3.58
N ASP B 257 41.76 36.77 -2.28
CA ASP B 257 42.00 37.83 -1.31
C ASP B 257 40.78 38.76 -1.17
N GLU B 258 39.60 38.20 -1.43
CA GLU B 258 38.32 38.87 -1.37
C GLU B 258 37.42 38.12 -0.40
N PRO B 259 36.49 38.80 0.26
CA PRO B 259 35.44 38.07 1.01
C PRO B 259 34.55 37.33 0.04
N PRO B 260 33.79 36.35 0.52
CA PRO B 260 32.85 35.67 -0.38
C PRO B 260 31.71 36.60 -0.75
N GLU B 261 31.19 36.38 -1.95
CA GLU B 261 30.14 37.21 -2.52
C GLU B 261 28.96 36.30 -2.84
N LEU B 262 27.76 36.78 -2.51
CA LEU B 262 26.54 36.00 -2.66
C LEU B 262 25.97 36.17 -4.05
N PHE B 263 25.51 35.05 -4.64
CA PHE B 263 24.87 35.05 -5.95
C PHE B 263 23.66 34.12 -5.89
N LEU B 264 22.50 34.65 -6.24
CA LEU B 264 21.30 33.83 -6.35
C LEU B 264 21.31 33.10 -7.68
N LEU B 265 21.11 31.79 -7.65
CA LEU B 265 20.95 31.05 -8.89
C LEU B 265 19.60 31.39 -9.52
N PRO B 266 19.55 31.60 -10.82
CA PRO B 266 18.27 31.85 -11.48
C PRO B 266 17.36 30.65 -11.35
N PRO B 267 16.10 30.84 -10.93
CA PRO B 267 15.18 29.69 -10.82
C PRO B 267 15.16 28.77 -12.05
N GLU B 268 15.07 29.34 -13.25
CA GLU B 268 14.97 28.54 -14.48
C GLU B 268 16.21 27.69 -14.75
N LEU B 269 17.31 27.91 -14.05
CA LEU B 269 18.51 27.15 -14.29
C LEU B 269 18.61 25.88 -13.45
N VAL B 270 17.88 25.81 -12.34
CA VAL B 270 17.92 24.69 -11.40
C VAL B 270 16.73 23.78 -11.73
N LEU B 271 16.99 22.71 -12.47
CA LEU B 271 15.95 21.73 -12.77
C LEU B 271 15.70 20.86 -11.55
N GLU B 272 14.42 20.67 -11.20
CA GLU B 272 14.03 19.85 -10.05
C GLU B 272 12.97 18.83 -10.45
N VAL B 273 12.78 17.84 -9.59
CA VAL B 273 11.90 16.69 -9.85
C VAL B 273 10.97 16.51 -8.65
N PRO B 274 9.68 16.83 -8.75
CA PRO B 274 8.76 16.45 -7.68
C PRO B 274 8.70 14.93 -7.59
N LEU B 275 8.64 14.40 -6.37
CA LEU B 275 8.71 12.96 -6.17
C LEU B 275 7.31 12.39 -5.99
N GLU B 276 6.98 11.38 -6.78
CA GLU B 276 5.73 10.65 -6.66
C GLU B 276 6.02 9.15 -6.76
N HIS B 277 5.05 8.33 -6.34
CA HIS B 277 5.23 6.89 -6.43
C HIS B 277 4.28 6.32 -7.46
N PRO B 278 4.72 5.37 -8.30
CA PRO B 278 3.84 4.89 -9.38
C PRO B 278 2.54 4.28 -8.90
N THR B 279 2.53 3.68 -7.72
CA THR B 279 1.32 3.11 -7.18
C THR B 279 0.94 3.62 -5.80
N LEU B 280 1.74 4.45 -5.13
CA LEU B 280 1.32 4.91 -3.79
C LEU B 280 0.94 6.38 -3.94
N GLU B 281 -0.36 6.65 -4.16
CA GLU B 281 -0.76 7.98 -4.57
C GLU B 281 -0.58 9.01 -3.46
N TRP B 282 -0.71 8.60 -2.20
CA TRP B 282 -0.46 9.53 -1.10
C TRP B 282 0.99 10.02 -1.05
N PHE B 283 1.92 9.33 -1.73
CA PHE B 283 3.32 9.70 -1.65
C PHE B 283 3.53 11.13 -2.17
N ALA B 284 2.80 11.52 -3.20
CA ALA B 284 2.93 12.86 -3.73
C ALA B 284 2.61 13.92 -2.70
N ALA B 285 1.73 13.60 -1.74
CA ALA B 285 1.35 14.58 -0.72
C ALA B 285 2.42 14.79 0.34
N LEU B 286 3.50 14.01 0.32
CA LEU B 286 4.63 14.35 1.17
C LEU B 286 5.30 15.62 0.71
N GLY B 287 5.14 15.99 -0.57
CA GLY B 287 5.71 17.22 -1.06
C GLY B 287 7.20 17.16 -1.25
N LEU B 288 7.75 15.97 -1.42
CA LEU B 288 9.19 15.82 -1.59
C LEU B 288 9.59 16.20 -3.01
N ARG B 289 10.83 16.67 -3.14
CA ARG B 289 11.46 17.10 -4.38
C ARG B 289 12.95 16.78 -4.26
N TRP B 290 13.59 16.60 -5.40
CA TRP B 290 15.05 16.64 -5.44
C TRP B 290 15.48 17.31 -6.72
N TYR B 291 16.75 17.73 -6.79
CA TYR B 291 17.28 18.43 -7.95
C TYR B 291 17.96 17.46 -8.92
N ALA B 292 18.06 17.89 -10.17
CA ALA B 292 18.53 17.02 -11.25
C ALA B 292 20.04 16.82 -11.20
N LEU B 293 20.79 17.86 -10.85
CA LEU B 293 22.21 17.90 -11.14
C LEU B 293 23.04 17.73 -9.87
N PRO B 294 23.78 16.63 -9.71
CA PRO B 294 24.76 16.52 -8.63
C PRO B 294 26.07 17.16 -9.06
N ALA B 295 26.38 18.33 -8.51
CA ALA B 295 27.54 19.12 -8.95
C ALA B 295 28.41 19.41 -7.73
N VAL B 296 29.43 18.60 -7.52
CA VAL B 296 30.26 18.74 -6.33
C VAL B 296 31.26 19.85 -6.57
N SER B 297 31.37 20.77 -5.63
CA SER B 297 32.06 22.03 -5.85
C SER B 297 33.10 22.38 -4.78
N ASN B 298 33.34 21.52 -3.79
CA ASN B 298 34.28 21.85 -2.72
C ASN B 298 35.52 20.97 -2.72
N MET B 299 35.74 20.19 -3.77
CA MET B 299 36.93 19.34 -3.83
C MET B 299 38.06 20.03 -4.60
N LEU B 300 39.28 19.60 -4.32
CA LEU B 300 40.46 20.13 -4.96
C LEU B 300 40.91 19.20 -6.07
N LEU B 301 41.15 19.77 -7.25
CA LEU B 301 41.68 19.00 -8.39
C LEU B 301 43.19 19.21 -8.44
N GLU B 302 43.94 18.12 -8.35
CA GLU B 302 45.41 18.16 -8.40
C GLU B 302 45.90 17.49 -9.66
N ILE B 303 46.72 18.20 -10.45
CA ILE B 303 47.26 17.67 -11.69
C ILE B 303 48.74 18.07 -11.73
N GLY B 304 49.62 17.07 -11.79
CA GLY B 304 51.05 17.31 -11.90
C GLY B 304 51.62 18.28 -10.91
N GLY B 305 51.22 18.14 -9.63
CA GLY B 305 51.64 19.06 -8.60
C GLY B 305 50.90 20.39 -8.56
N LEU B 306 50.16 20.76 -9.59
CA LEU B 306 49.36 21.97 -9.53
C LEU B 306 48.04 21.68 -8.85
N GLU B 307 47.52 22.66 -8.13
CA GLU B 307 46.29 22.45 -7.38
C GLU B 307 45.25 23.48 -7.81
N PHE B 308 44.04 23.02 -8.10
CA PHE B 308 42.90 23.84 -8.47
C PHE B 308 41.86 23.74 -7.36
N PRO B 309 41.91 24.62 -6.35
CA PRO B 309 40.93 24.52 -5.24
C PRO B 309 39.51 24.77 -5.67
N ALA B 310 39.27 25.30 -6.86
CA ALA B 310 37.91 25.48 -7.34
C ALA B 310 37.81 24.87 -8.74
N ALA B 311 37.14 23.71 -8.82
CA ALA B 311 36.93 23.02 -10.10
C ALA B 311 35.70 22.13 -9.93
N PRO B 312 34.50 22.72 -9.95
CA PRO B 312 33.29 21.93 -9.69
C PRO B 312 33.04 20.97 -10.83
N PHE B 313 32.56 19.78 -10.50
CA PHE B 313 32.26 18.79 -11.52
C PHE B 313 30.89 18.15 -11.25
N SER B 314 30.33 17.57 -12.29
CA SER B 314 28.97 17.10 -12.18
C SER B 314 28.76 15.92 -13.13
N GLY B 315 27.86 15.01 -12.73
CA GLY B 315 27.46 13.90 -13.58
C GLY B 315 25.95 13.75 -13.53
N TRP B 316 25.46 12.55 -13.24
CA TRP B 316 24.06 12.37 -12.94
C TRP B 316 23.94 11.45 -11.72
N TYR B 317 22.77 11.48 -11.10
CA TYR B 317 22.57 10.76 -9.85
C TYR B 317 22.42 9.26 -10.07
N MET B 318 22.92 8.50 -9.10
CA MET B 318 22.46 7.13 -8.89
C MET B 318 21.32 7.18 -7.88
N SER B 319 20.21 6.47 -8.17
CA SER B 319 18.99 6.70 -7.38
C SER B 319 19.17 6.49 -5.88
N THR B 320 20.06 5.57 -5.46
CA THR B 320 20.22 5.37 -4.03
C THR B 320 20.83 6.56 -3.29
N GLU B 321 21.58 7.44 -3.98
CA GLU B 321 22.03 8.65 -3.29
C GLU B 321 20.84 9.46 -2.79
N ILE B 322 19.83 9.59 -3.62
CA ILE B 322 18.65 10.38 -3.26
C ILE B 322 17.74 9.59 -2.32
N GLY B 323 17.33 8.39 -2.75
CA GLY B 323 16.32 7.66 -2.01
C GLY B 323 16.82 7.18 -0.65
N THR B 324 17.91 6.43 -0.64
CA THR B 324 18.42 5.89 0.61
C THR B 324 19.12 6.96 1.45
N ARG B 325 20.15 7.59 0.90
CA ARG B 325 20.97 8.45 1.76
C ARG B 325 20.28 9.78 2.05
N ASN B 326 19.97 10.56 1.01
CA ASN B 326 19.50 11.92 1.27
C ASN B 326 18.14 11.91 1.97
N LEU B 327 17.26 10.97 1.62
CA LEU B 327 15.94 10.99 2.21
C LEU B 327 15.78 10.13 3.47
N CYS B 328 16.51 9.00 3.57
CA CYS B 328 16.28 8.07 4.67
C CYS B 328 17.29 8.15 5.82
N ASP B 329 18.50 8.68 5.60
CA ASP B 329 19.49 8.80 6.65
C ASP B 329 18.85 9.47 7.88
N PRO B 330 19.05 8.93 9.08
CA PRO B 330 18.44 9.56 10.27
C PRO B 330 18.83 11.02 10.42
N HIS B 331 20.01 11.38 9.94
CA HIS B 331 20.52 12.73 10.09
C HIS B 331 20.32 13.58 8.84
N ARG B 332 19.60 13.10 7.85
CA ARG B 332 19.21 13.90 6.69
C ARG B 332 17.70 14.15 6.75
N TYR B 333 16.94 13.94 5.66
CA TYR B 333 15.52 14.25 5.73
C TYR B 333 14.74 13.25 6.58
N ASN B 334 15.27 12.05 6.82
CA ASN B 334 14.77 11.12 7.83
C ASN B 334 13.29 10.79 7.66
N ILE B 335 12.89 10.46 6.42
CA ILE B 335 11.46 10.25 6.16
C ILE B 335 11.03 8.80 6.35
N LEU B 336 11.96 7.90 6.70
CA LEU B 336 11.69 6.47 6.62
C LEU B 336 10.47 6.06 7.45
N GLU B 337 10.39 6.52 8.70
CA GLU B 337 9.30 6.05 9.54
C GLU B 337 7.97 6.65 9.11
N ASP B 338 7.97 7.91 8.67
CA ASP B 338 6.73 8.48 8.18
C ASP B 338 6.21 7.69 6.98
N VAL B 339 7.10 7.30 6.06
CA VAL B 339 6.66 6.52 4.91
C VAL B 339 6.14 5.14 5.34
N ALA B 340 6.84 4.47 6.25
CA ALA B 340 6.43 3.13 6.68
C ALA B 340 5.05 3.16 7.34
N VAL B 341 4.79 4.18 8.15
CA VAL B 341 3.49 4.33 8.79
C VAL B 341 2.40 4.49 7.73
N CYS B 342 2.64 5.37 6.75
CA CYS B 342 1.66 5.56 5.68
C CYS B 342 1.39 4.26 4.93
N MET B 343 2.42 3.42 4.75
CA MET B 343 2.27 2.12 4.10
C MET B 343 1.53 1.11 4.96
N ASP B 344 1.12 1.50 6.16
CA ASP B 344 0.50 0.60 7.13
C ASP B 344 1.39 -0.59 7.46
N LEU B 345 2.70 -0.36 7.51
CA LEU B 345 3.60 -1.40 8.00
C LEU B 345 3.58 -1.44 9.53
N ASP B 346 3.96 -2.60 10.08
CA ASP B 346 4.08 -2.76 11.52
C ASP B 346 5.43 -2.20 11.95
N THR B 347 5.44 -0.96 12.43
CA THR B 347 6.68 -0.31 12.83
C THR B 347 7.06 -0.57 14.28
N ARG B 348 6.36 -1.47 14.96
CA ARG B 348 6.65 -1.73 16.37
C ARG B 348 7.68 -2.84 16.57
N THR B 349 7.97 -3.62 15.53
CA THR B 349 8.93 -4.71 15.62
C THR B 349 9.88 -4.62 14.43
N THR B 350 11.18 -4.79 14.70
CA THR B 350 12.18 -4.72 13.63
C THR B 350 12.03 -5.89 12.67
N SER B 351 11.54 -7.03 13.16
CA SER B 351 11.52 -8.24 12.35
C SER B 351 10.42 -8.23 11.29
N SER B 352 9.50 -7.26 11.30
CA SER B 352 8.65 -7.10 10.13
C SER B 352 9.40 -6.55 8.93
N LEU B 353 10.63 -6.05 9.13
CA LEU B 353 11.45 -5.45 8.08
C LEU B 353 10.77 -4.22 7.46
N TRP B 354 10.04 -3.46 8.28
CA TRP B 354 9.37 -2.27 7.79
C TRP B 354 10.35 -1.26 7.20
N LYS B 355 11.55 -1.16 7.78
CA LYS B 355 12.52 -0.18 7.26
C LYS B 355 12.96 -0.56 5.86
N ASP B 356 13.26 -1.84 5.65
CA ASP B 356 13.68 -2.31 4.33
C ASP B 356 12.59 -2.13 3.30
N LYS B 357 11.34 -2.43 3.67
CA LYS B 357 10.22 -2.29 2.73
C LYS B 357 9.96 -0.83 2.39
N ALA B 358 9.95 0.04 3.40
CA ALA B 358 9.73 1.47 3.13
C ALA B 358 10.84 2.04 2.26
N ALA B 359 12.10 1.65 2.51
CA ALA B 359 13.21 2.20 1.73
C ALA B 359 13.13 1.78 0.27
N VAL B 360 12.75 0.53 0.01
CA VAL B 360 12.63 0.07 -1.38
C VAL B 360 11.61 0.92 -2.12
N GLU B 361 10.48 1.22 -1.48
CA GLU B 361 9.46 2.01 -2.16
C GLU B 361 9.90 3.45 -2.36
N ILE B 362 10.72 4.00 -1.46
CA ILE B 362 11.25 5.36 -1.62
C ILE B 362 12.17 5.41 -2.85
N ASN B 363 13.00 4.38 -3.02
CA ASN B 363 13.86 4.28 -4.19
C ASN B 363 13.07 4.09 -5.47
N VAL B 364 12.04 3.24 -5.44
CA VAL B 364 11.12 3.14 -6.58
C VAL B 364 10.58 4.53 -6.95
N ALA B 365 10.12 5.28 -5.95
CA ALA B 365 9.56 6.60 -6.19
C ALA B 365 10.59 7.52 -6.87
N VAL B 366 11.85 7.47 -6.43
CA VAL B 366 12.86 8.33 -7.01
C VAL B 366 13.06 8.00 -8.49
N LEU B 367 13.18 6.70 -8.80
CA LEU B 367 13.44 6.26 -10.16
C LEU B 367 12.27 6.62 -11.06
N HIS B 368 11.06 6.29 -10.62
CA HIS B 368 9.86 6.61 -11.38
C HIS B 368 9.72 8.11 -11.60
N SER B 369 9.99 8.90 -10.56
CA SER B 369 9.80 10.34 -10.70
C SER B 369 10.77 10.93 -11.73
N TYR B 370 12.04 10.54 -11.66
CA TYR B 370 13.04 11.04 -12.61
C TYR B 370 12.78 10.56 -14.02
N GLN B 371 12.34 9.31 -14.18
CA GLN B 371 12.02 8.82 -15.52
C GLN B 371 10.81 9.55 -16.09
N LEU B 372 9.78 9.77 -15.25
CA LEU B 372 8.62 10.56 -15.66
C LEU B 372 9.03 11.97 -16.11
N ALA B 373 9.90 12.63 -15.34
CA ALA B 373 10.37 13.97 -15.66
C ALA B 373 11.39 13.97 -16.80
N LYS B 374 11.79 12.80 -17.29
CA LYS B 374 12.81 12.68 -18.34
C LYS B 374 14.14 13.31 -17.92
N VAL B 375 14.54 13.08 -16.67
CA VAL B 375 15.83 13.49 -16.13
C VAL B 375 16.69 12.25 -15.93
N THR B 376 17.92 12.28 -16.46
CA THR B 376 18.81 11.12 -16.37
C THR B 376 19.00 10.65 -14.94
N ILE B 377 18.96 9.32 -14.77
CA ILE B 377 19.21 8.69 -13.48
C ILE B 377 19.58 7.24 -13.75
N VAL B 378 20.41 6.66 -12.87
CA VAL B 378 20.80 5.26 -12.99
C VAL B 378 20.50 4.57 -11.66
N ASP B 379 19.98 3.33 -11.74
CA ASP B 379 19.71 2.56 -10.52
C ASP B 379 20.99 1.80 -10.12
N HIS B 380 21.01 1.32 -8.87
CA HIS B 380 22.23 0.72 -8.34
C HIS B 380 22.59 -0.59 -9.04
N HIS B 381 21.61 -1.29 -9.63
CA HIS B 381 21.95 -2.50 -10.38
C HIS B 381 22.64 -2.18 -11.70
N ALA B 382 22.09 -1.23 -12.46
CA ALA B 382 22.75 -0.85 -13.70
C ALA B 382 24.12 -0.24 -13.42
N ALA B 383 24.22 0.59 -12.40
CA ALA B 383 25.49 1.28 -12.14
C ALA B 383 26.58 0.31 -11.71
N THR B 384 26.26 -0.65 -10.84
CA THR B 384 27.30 -1.56 -10.41
C THR B 384 27.67 -2.54 -11.50
N ALA B 385 26.72 -2.89 -12.38
CA ALA B 385 27.06 -3.74 -13.51
C ALA B 385 27.99 -3.01 -14.48
N SER B 386 27.75 -1.72 -14.70
CA SER B 386 28.67 -0.99 -15.56
C SER B 386 30.04 -0.83 -14.90
N PHE B 387 30.07 -0.74 -13.56
CA PHE B 387 31.35 -0.64 -12.88
C PHE B 387 32.16 -1.93 -13.00
N MET B 388 31.51 -3.09 -12.99
CA MET B 388 32.22 -4.34 -13.23
C MET B 388 32.89 -4.32 -14.61
N LYS B 389 32.20 -3.79 -15.62
CA LYS B 389 32.81 -3.65 -16.94
C LYS B 389 33.96 -2.66 -16.91
N HIS B 390 33.87 -1.60 -16.10
CA HIS B 390 34.98 -0.66 -15.97
C HIS B 390 36.20 -1.34 -15.39
N LEU B 391 36.02 -2.17 -14.34
CA LEU B 391 37.13 -2.88 -13.73
C LEU B 391 37.83 -3.78 -14.74
N GLU B 392 37.05 -4.46 -15.57
CA GLU B 392 37.64 -5.32 -16.61
C GLU B 392 38.36 -4.48 -17.66
N ASN B 393 37.75 -3.39 -18.13
CA ASN B 393 38.47 -2.48 -19.03
C ASN B 393 39.78 -2.04 -18.40
N GLU B 394 39.75 -1.66 -17.13
CA GLU B 394 40.93 -1.07 -16.49
C GLU B 394 42.01 -2.10 -16.22
N GLN B 395 41.63 -3.36 -15.99
CA GLN B 395 42.64 -4.40 -15.81
C GLN B 395 43.44 -4.61 -17.08
N LYS B 396 42.78 -4.55 -18.23
CA LYS B 396 43.49 -4.65 -19.51
C LYS B 396 44.36 -3.43 -19.76
N ALA B 397 43.83 -2.25 -19.45
CA ALA B 397 44.49 -0.98 -19.79
C ALA B 397 45.67 -0.68 -18.89
N ARG B 398 45.51 -0.79 -17.57
CA ARG B 398 46.54 -0.35 -16.64
C ARG B 398 47.00 -1.41 -15.64
N GLY B 399 46.44 -2.63 -15.70
CA GLY B 399 46.81 -3.66 -14.76
C GLY B 399 46.13 -3.57 -13.42
N GLY B 400 45.02 -2.85 -13.33
CA GLY B 400 44.35 -2.66 -12.05
C GLY B 400 43.48 -1.43 -12.07
N CYS B 401 42.84 -1.20 -10.93
CA CYS B 401 41.92 -0.09 -10.75
C CYS B 401 41.70 0.21 -9.27
N PRO B 402 42.04 1.42 -8.80
CA PRO B 402 41.79 1.76 -7.40
C PRO B 402 40.29 1.86 -7.11
N ALA B 403 39.84 1.17 -6.05
CA ALA B 403 38.42 1.13 -5.73
C ALA B 403 38.22 0.94 -4.24
N ASP B 404 37.29 1.71 -3.68
CA ASP B 404 36.96 1.70 -2.26
C ASP B 404 35.68 0.88 -2.06
N TRP B 405 35.84 -0.39 -1.69
CA TRP B 405 34.72 -1.34 -1.63
C TRP B 405 33.52 -0.78 -0.86
N ALA B 406 33.78 -0.18 0.29
CA ALA B 406 32.71 0.30 1.15
C ALA B 406 31.92 1.46 0.55
N TRP B 407 32.52 2.18 -0.42
CA TRP B 407 31.80 3.23 -1.13
C TRP B 407 31.20 2.74 -2.44
N ILE B 408 31.83 1.75 -3.08
CA ILE B 408 31.31 1.23 -4.34
C ILE B 408 30.03 0.40 -4.12
N VAL B 409 29.97 -0.36 -3.02
CA VAL B 409 28.81 -1.20 -2.72
C VAL B 409 27.66 -0.30 -2.29
N PRO B 410 26.51 -0.35 -2.96
CA PRO B 410 25.40 0.58 -2.65
C PRO B 410 24.87 0.38 -1.25
N PRO B 411 24.23 1.40 -0.68
CA PRO B 411 23.78 1.31 0.72
C PRO B 411 22.49 0.55 0.95
N ILE B 412 21.81 0.06 -0.09
CA ILE B 412 20.79 -0.97 0.04
C ILE B 412 21.14 -2.07 -0.94
N SER B 413 20.73 -3.29 -0.60
CA SER B 413 20.80 -4.43 -1.51
C SER B 413 22.22 -4.74 -1.93
N GLY B 414 23.19 -4.46 -1.05
CA GLY B 414 24.60 -4.71 -1.31
C GLY B 414 24.93 -6.01 -2.03
N SER B 415 24.58 -7.17 -1.46
CA SER B 415 25.01 -8.43 -2.06
C SER B 415 24.15 -8.85 -3.24
N LEU B 416 23.07 -8.13 -3.51
CA LEU B 416 22.36 -8.31 -4.77
C LEU B 416 23.11 -7.68 -5.94
N THR B 417 24.19 -6.88 -5.69
CA THR B 417 24.93 -6.28 -6.79
C THR B 417 26.24 -7.03 -6.99
N PRO B 418 26.80 -7.04 -8.20
CA PRO B 418 28.01 -7.84 -8.42
C PRO B 418 29.26 -7.27 -7.74
N VAL B 419 29.30 -5.96 -7.47
CA VAL B 419 30.49 -5.40 -6.82
C VAL B 419 30.68 -5.93 -5.40
N PHE B 420 29.62 -6.40 -4.76
CA PHE B 420 29.74 -6.93 -3.41
C PHE B 420 30.69 -8.13 -3.36
N HIS B 421 30.65 -8.98 -4.39
CA HIS B 421 31.39 -10.23 -4.44
C HIS B 421 32.77 -10.08 -5.05
N GLN B 422 33.16 -8.86 -5.38
CA GLN B 422 34.44 -8.54 -6.01
C GLN B 422 35.37 -7.95 -4.96
N GLU B 423 36.52 -8.57 -4.74
CA GLU B 423 37.55 -7.95 -3.92
C GLU B 423 38.17 -6.76 -4.65
N MET B 424 38.61 -5.77 -3.89
CA MET B 424 39.15 -4.54 -4.49
C MET B 424 40.38 -4.07 -3.73
N VAL B 425 41.19 -3.26 -4.42
CA VAL B 425 42.41 -2.68 -3.87
C VAL B 425 42.27 -1.17 -3.90
N ASN B 426 42.33 -0.55 -2.73
CA ASN B 426 42.19 0.89 -2.59
C ASN B 426 43.55 1.55 -2.49
N TYR B 427 43.80 2.55 -3.34
CA TYR B 427 45.05 3.30 -3.29
C TYR B 427 44.87 4.63 -4.02
N PHE B 428 45.84 5.52 -3.87
CA PHE B 428 45.76 6.89 -4.35
C PHE B 428 46.69 7.09 -5.54
N LEU B 429 46.13 7.33 -6.71
CA LEU B 429 46.89 7.75 -7.88
C LEU B 429 46.66 9.23 -8.16
N SER B 430 47.62 9.85 -8.84
CA SER B 430 47.50 11.22 -9.28
C SER B 430 47.55 11.27 -10.81
N PRO B 431 46.77 12.16 -11.46
CA PRO B 431 45.88 13.23 -10.99
C PRO B 431 44.72 12.75 -10.13
N ALA B 432 44.20 13.64 -9.28
CA ALA B 432 43.30 13.19 -8.25
C ALA B 432 42.39 14.33 -7.82
N PHE B 433 41.18 13.97 -7.40
CA PHE B 433 40.33 14.88 -6.64
C PHE B 433 40.55 14.60 -5.16
N ARG B 434 40.72 15.65 -4.38
CA ARG B 434 41.08 15.55 -2.97
C ARG B 434 40.12 16.38 -2.14
N TYR B 435 39.88 15.95 -0.91
CA TYR B 435 39.15 16.80 0.02
C TYR B 435 40.04 17.94 0.47
N GLN B 436 39.42 19.07 0.81
CA GLN B 436 40.18 20.20 1.32
C GLN B 436 39.36 20.81 2.45
N PRO B 437 39.99 21.59 3.33
CA PRO B 437 39.22 22.17 4.44
C PRO B 437 38.27 23.24 3.93
N ASP B 438 37.22 23.46 4.72
CA ASP B 438 36.25 24.50 4.40
C ASP B 438 36.92 25.86 4.52
N PRO B 439 36.58 26.82 3.66
CA PRO B 439 37.27 28.12 3.68
C PRO B 439 36.98 28.96 4.92
N TRP B 440 36.05 28.55 5.79
CA TRP B 440 35.68 29.37 6.94
C TRP B 440 36.17 28.80 8.27
N LYS C 27 -56.79 1.02 -9.23
CA LYS C 27 -55.38 0.75 -8.94
C LYS C 27 -54.48 1.85 -9.55
N PHE C 28 -54.49 2.98 -8.92
CA PHE C 28 -53.36 3.88 -9.10
C PHE C 28 -52.48 3.74 -7.87
N PRO C 29 -51.17 3.53 -8.01
CA PRO C 29 -50.32 3.33 -6.83
C PRO C 29 -50.45 4.48 -5.83
N ARG C 30 -50.74 4.14 -4.57
CA ARG C 30 -50.65 5.11 -3.48
C ARG C 30 -49.19 5.26 -3.06
N VAL C 31 -48.72 6.50 -2.97
CA VAL C 31 -47.31 6.77 -2.70
C VAL C 31 -47.21 7.76 -1.54
N LYS C 32 -46.35 7.44 -0.59
CA LYS C 32 -46.30 8.14 0.69
C LYS C 32 -44.92 8.75 0.95
N ASN C 33 -44.92 9.95 1.53
CA ASN C 33 -43.72 10.54 2.08
C ASN C 33 -43.73 10.34 3.58
N TRP C 34 -42.74 9.59 4.09
CA TRP C 34 -42.69 9.18 5.49
C TRP C 34 -42.10 10.24 6.42
N GLU C 35 -41.46 11.27 5.87
CA GLU C 35 -41.03 12.38 6.70
C GLU C 35 -42.19 13.34 6.99
N VAL C 36 -43.01 13.63 5.98
CA VAL C 36 -44.11 14.57 6.14
C VAL C 36 -45.42 13.84 6.50
N GLY C 37 -45.57 12.59 6.05
CA GLY C 37 -46.81 11.86 6.19
C GLY C 37 -47.83 12.12 5.10
N SER C 38 -47.45 12.79 4.02
CA SER C 38 -48.38 13.13 2.94
C SER C 38 -48.53 11.99 1.94
N ILE C 39 -49.67 12.00 1.23
CA ILE C 39 -50.06 10.93 0.32
C ILE C 39 -50.36 11.52 -1.06
N THR C 40 -49.88 10.87 -2.12
CA THR C 40 -50.33 11.15 -3.49
C THR C 40 -50.62 9.83 -4.20
N TYR C 41 -51.33 9.92 -5.32
CA TYR C 41 -51.59 8.77 -6.19
C TYR C 41 -50.97 9.04 -7.55
N ASP C 42 -50.15 8.10 -8.04
CA ASP C 42 -49.46 8.29 -9.31
C ASP C 42 -50.41 7.78 -10.40
N THR C 43 -51.19 8.70 -10.96
CA THR C 43 -52.07 8.35 -12.06
C THR C 43 -51.34 8.30 -13.40
N LEU C 44 -50.17 8.93 -13.51
CA LEU C 44 -49.44 8.91 -14.77
C LEU C 44 -48.88 7.53 -15.08
N SER C 45 -48.62 6.70 -14.06
CA SER C 45 -48.03 5.38 -14.32
C SER C 45 -48.95 4.52 -15.18
N ALA C 46 -50.26 4.78 -15.15
CA ALA C 46 -51.18 4.03 -16.02
C ALA C 46 -50.90 4.28 -17.50
N GLN C 47 -50.20 5.36 -17.82
CA GLN C 47 -49.83 5.74 -19.17
C GLN C 47 -48.54 5.08 -19.64
N ALA C 48 -47.88 4.29 -18.79
CA ALA C 48 -46.55 3.77 -19.13
C ALA C 48 -46.63 2.92 -20.38
N GLN C 49 -45.94 3.36 -21.43
CA GLN C 49 -45.97 2.68 -22.72
C GLN C 49 -45.29 1.31 -22.61
N GLN C 50 -43.97 1.28 -22.68
CA GLN C 50 -43.25 0.03 -22.72
C GLN C 50 -43.18 -0.60 -21.33
N ASP C 51 -42.69 -1.84 -21.28
CA ASP C 51 -42.71 -2.64 -20.07
C ASP C 51 -41.30 -2.84 -19.52
N GLY C 52 -41.17 -2.66 -18.20
CA GLY C 52 -39.91 -2.87 -17.50
C GLY C 52 -39.71 -4.30 -17.04
N PRO C 53 -38.73 -4.51 -16.17
CA PRO C 53 -38.27 -5.88 -15.86
C PRO C 53 -38.97 -6.59 -14.70
N CYS C 54 -39.76 -5.89 -13.89
CA CYS C 54 -40.29 -6.53 -12.68
C CYS C 54 -41.56 -7.33 -13.01
N THR C 55 -41.86 -8.30 -12.15
CA THR C 55 -43.11 -9.05 -12.18
C THR C 55 -43.65 -9.17 -10.76
N PRO C 56 -44.89 -9.60 -10.60
CA PRO C 56 -45.40 -9.89 -9.25
C PRO C 56 -44.57 -10.93 -8.52
N ARG C 57 -43.80 -11.74 -9.24
CA ARG C 57 -42.98 -12.76 -8.60
C ARG C 57 -41.69 -12.18 -8.03
N ARG C 58 -41.05 -11.23 -8.72
CA ARG C 58 -39.80 -10.72 -8.20
C ARG C 58 -39.51 -9.35 -8.79
N CYS C 59 -38.90 -8.49 -7.98
CA CYS C 59 -38.60 -7.13 -8.35
C CYS C 59 -37.15 -7.04 -8.80
N LEU C 60 -36.94 -6.46 -10.00
CA LEU C 60 -35.61 -6.27 -10.56
C LEU C 60 -35.26 -4.79 -10.68
N GLY C 61 -35.83 -3.96 -9.79
CA GLY C 61 -35.56 -2.54 -9.82
C GLY C 61 -34.09 -2.16 -9.70
N SER C 62 -33.26 -3.01 -9.09
CA SER C 62 -31.87 -2.64 -8.87
C SER C 62 -30.96 -2.95 -10.05
N LEU C 63 -31.47 -3.59 -11.11
CA LEU C 63 -30.63 -3.87 -12.27
C LEU C 63 -30.32 -2.57 -13.02
N VAL C 64 -29.06 -2.43 -13.43
CA VAL C 64 -28.63 -1.21 -14.12
C VAL C 64 -29.23 -1.15 -15.52
N PHE C 65 -29.12 -2.25 -16.27
CA PHE C 65 -29.75 -2.36 -17.58
C PHE C 65 -30.91 -3.34 -17.49
N PRO C 66 -32.16 -2.86 -17.38
CA PRO C 66 -33.36 -3.70 -17.31
C PRO C 66 -33.51 -4.64 -18.52
N ALA C 79 -41.55 -2.74 -39.96
CA ALA C 79 -42.86 -2.55 -39.34
C ALA C 79 -43.32 -1.11 -39.45
N PRO C 80 -44.01 -0.78 -40.56
CA PRO C 80 -44.56 0.57 -40.72
C PRO C 80 -45.78 0.78 -39.83
N GLU C 81 -46.54 -0.29 -39.62
CA GLU C 81 -47.64 -0.25 -38.67
C GLU C 81 -47.16 0.12 -37.27
N GLN C 82 -46.03 -0.46 -36.85
CA GLN C 82 -45.47 -0.14 -35.54
C GLN C 82 -44.99 1.31 -35.49
N LEU C 83 -44.33 1.77 -36.55
CA LEU C 83 -43.78 3.13 -36.55
C LEU C 83 -44.89 4.16 -36.44
N LEU C 84 -46.00 3.93 -37.15
CA LEU C 84 -47.09 4.91 -37.18
C LEU C 84 -47.79 5.03 -35.84
N SER C 85 -47.95 3.92 -35.10
CA SER C 85 -48.63 4.02 -33.82
C SER C 85 -47.83 4.85 -32.84
N GLN C 86 -46.51 4.64 -32.78
CA GLN C 86 -45.65 5.50 -31.97
C GLN C 86 -45.65 6.93 -32.51
N ALA C 87 -45.65 7.09 -33.83
CA ALA C 87 -45.66 8.44 -34.40
C ALA C 87 -46.94 9.17 -34.05
N ARG C 88 -48.08 8.50 -34.21
CA ARG C 88 -49.38 9.10 -33.87
C ARG C 88 -49.44 9.50 -32.41
N ASP C 89 -49.00 8.60 -31.52
CA ASP C 89 -49.04 8.89 -30.08
C ASP C 89 -48.23 10.15 -29.74
N PHE C 90 -47.06 10.30 -30.34
CA PHE C 90 -46.24 11.48 -30.05
C PHE C 90 -46.87 12.75 -30.62
N ILE C 91 -47.37 12.70 -31.86
CA ILE C 91 -48.03 13.88 -32.44
C ILE C 91 -49.22 14.29 -31.58
N ASN C 92 -49.95 13.31 -31.05
CA ASN C 92 -51.06 13.62 -30.15
C ASN C 92 -50.55 14.25 -28.87
N GLN C 93 -49.46 13.72 -28.31
CA GLN C 93 -48.86 14.33 -27.13
C GLN C 93 -48.53 15.79 -27.37
N TYR C 94 -47.79 16.05 -28.45
CA TYR C 94 -47.36 17.41 -28.78
C TYR C 94 -48.54 18.36 -28.83
N TYR C 95 -49.57 18.02 -29.60
CA TYR C 95 -50.67 18.98 -29.79
C TYR C 95 -51.48 19.17 -28.52
N SER C 96 -51.62 18.12 -27.70
CA SER C 96 -52.28 18.25 -26.41
C SER C 96 -51.56 19.24 -25.51
N SER C 97 -50.22 19.26 -25.61
CA SER C 97 -49.41 20.08 -24.72
C SER C 97 -49.40 21.55 -25.11
N ILE C 98 -49.78 21.88 -26.34
CA ILE C 98 -49.83 23.26 -26.79
C ILE C 98 -51.26 23.77 -26.90
N LYS C 99 -52.23 23.03 -26.34
CA LYS C 99 -53.64 23.43 -26.29
C LYS C 99 -54.29 23.48 -27.67
N ARG C 100 -53.86 22.61 -28.58
CA ARG C 100 -54.39 22.61 -29.94
C ARG C 100 -54.69 21.19 -30.41
N SER C 101 -55.28 20.38 -29.53
CA SER C 101 -55.61 19.00 -29.88
C SER C 101 -56.93 18.96 -30.65
N GLY C 102 -56.97 18.16 -31.70
CA GLY C 102 -58.14 18.07 -32.54
C GLY C 102 -58.31 19.21 -33.52
N SER C 103 -57.51 20.27 -33.40
CA SER C 103 -57.48 21.34 -34.38
C SER C 103 -57.16 20.77 -35.77
N GLN C 104 -57.36 21.61 -36.78
CA GLN C 104 -57.02 21.15 -38.13
C GLN C 104 -55.52 21.14 -38.35
N ALA C 105 -54.75 21.93 -37.60
CA ALA C 105 -53.30 21.76 -37.61
C ALA C 105 -52.89 20.39 -37.09
N HIS C 106 -53.66 19.85 -36.13
CA HIS C 106 -53.41 18.51 -35.64
C HIS C 106 -53.64 17.47 -36.73
N GLU C 107 -54.70 17.64 -37.52
CA GLU C 107 -55.00 16.65 -38.55
C GLU C 107 -54.01 16.71 -39.70
N GLN C 108 -53.57 17.91 -40.10
CA GLN C 108 -52.65 18.03 -41.22
C GLN C 108 -51.34 17.31 -40.91
N ARG C 109 -50.81 17.52 -39.70
CA ARG C 109 -49.56 16.86 -39.32
C ARG C 109 -49.74 15.34 -39.30
N LEU C 110 -50.85 14.85 -38.75
CA LEU C 110 -51.10 13.40 -38.73
C LEU C 110 -51.12 12.81 -40.12
N GLN C 111 -51.77 13.50 -41.06
CA GLN C 111 -51.85 13.00 -42.43
C GLN C 111 -50.51 13.10 -43.13
N GLU C 112 -49.76 14.19 -42.88
CA GLU C 112 -48.42 14.33 -43.45
C GLU C 112 -47.54 13.14 -43.06
N VAL C 113 -47.54 12.77 -41.78
CA VAL C 113 -46.70 11.66 -41.33
C VAL C 113 -47.13 10.36 -42.00
N GLU C 114 -48.43 10.16 -42.19
CA GLU C 114 -48.90 8.94 -42.83
C GLU C 114 -48.46 8.86 -44.29
N ALA C 115 -48.51 9.98 -45.03
CA ALA C 115 -48.03 9.94 -46.41
C ALA C 115 -46.52 9.78 -46.48
N GLU C 116 -45.80 10.37 -45.52
CA GLU C 116 -44.33 10.32 -45.52
C GLU C 116 -43.82 8.91 -45.29
N VAL C 117 -44.36 8.22 -44.29
CA VAL C 117 -43.94 6.84 -44.01
C VAL C 117 -44.38 5.91 -45.13
N ALA C 118 -45.50 6.21 -45.79
CA ALA C 118 -45.95 5.39 -46.92
C ALA C 118 -44.97 5.48 -48.08
N ALA C 119 -44.45 6.68 -48.34
CA ALA C 119 -43.57 6.87 -49.48
C ALA C 119 -42.14 6.41 -49.20
N THR C 120 -41.69 6.46 -47.95
CA THR C 120 -40.27 6.28 -47.66
C THR C 120 -39.96 5.38 -46.48
N GLY C 121 -40.96 4.91 -45.74
CA GLY C 121 -40.71 4.06 -44.58
C GLY C 121 -40.40 4.79 -43.29
N THR C 122 -40.28 6.12 -43.32
CA THR C 122 -39.94 6.89 -42.13
C THR C 122 -40.55 8.28 -42.31
N TYR C 123 -40.22 9.22 -41.40
CA TYR C 123 -40.71 10.58 -41.55
C TYR C 123 -39.78 11.56 -40.85
N GLN C 124 -39.94 12.86 -41.17
CA GLN C 124 -39.15 13.92 -40.58
C GLN C 124 -39.93 14.63 -39.48
N LEU C 125 -39.27 14.86 -38.33
CA LEU C 125 -39.82 15.71 -37.29
C LEU C 125 -39.71 17.18 -37.67
N ARG C 126 -40.79 17.93 -37.48
CA ARG C 126 -40.70 19.39 -37.52
C ARG C 126 -39.81 19.86 -36.37
N GLU C 127 -39.19 21.03 -36.57
CA GLU C 127 -38.17 21.49 -35.62
C GLU C 127 -38.75 21.67 -34.22
N SER C 128 -39.96 22.22 -34.11
CA SER C 128 -40.59 22.37 -32.81
C SER C 128 -40.89 21.02 -32.17
N GLU C 129 -41.42 20.08 -32.97
CA GLU C 129 -41.61 18.71 -32.48
C GLU C 129 -40.32 18.15 -31.89
N LEU C 130 -39.18 18.41 -32.54
CA LEU C 130 -37.91 17.88 -32.05
C LEU C 130 -37.53 18.51 -30.71
N VAL C 131 -37.72 19.83 -30.56
CA VAL C 131 -37.42 20.48 -29.28
C VAL C 131 -38.32 19.91 -28.18
N PHE C 132 -39.61 19.77 -28.47
CA PHE C 132 -40.54 19.18 -27.49
C PHE C 132 -40.13 17.77 -27.12
N GLY C 133 -39.70 16.97 -28.09
CA GLY C 133 -39.38 15.58 -27.83
C GLY C 133 -38.11 15.42 -27.04
N ALA C 134 -37.11 16.27 -27.30
CA ALA C 134 -35.89 16.20 -26.50
C ALA C 134 -36.14 16.60 -25.05
N LYS C 135 -36.97 17.63 -24.83
CA LYS C 135 -37.29 18.06 -23.47
C LYS C 135 -38.14 17.02 -22.75
N GLN C 136 -39.10 16.40 -23.45
CA GLN C 136 -39.92 15.36 -22.83
C GLN C 136 -39.08 14.14 -22.46
N ALA C 137 -38.11 13.79 -23.30
CA ALA C 137 -37.28 12.62 -22.98
C ALA C 137 -36.47 12.86 -21.71
N TRP C 138 -35.95 14.08 -21.53
CA TRP C 138 -35.28 14.44 -20.28
C TRP C 138 -36.28 14.36 -19.12
N ARG C 139 -37.42 15.02 -19.25
CA ARG C 139 -38.44 15.06 -18.21
C ARG C 139 -38.89 13.65 -17.81
N ASN C 140 -38.87 12.72 -18.75
CA ASN C 140 -39.30 11.36 -18.51
C ASN C 140 -38.22 10.46 -17.95
N ALA C 141 -36.97 10.95 -17.81
CA ALA C 141 -35.85 10.07 -17.47
C ALA C 141 -35.90 9.72 -15.98
N PRO C 142 -36.22 8.47 -15.61
CA PRO C 142 -36.48 8.20 -14.18
C PRO C 142 -35.27 8.29 -13.28
N ARG C 143 -34.05 8.13 -13.78
CA ARG C 143 -32.89 8.15 -12.91
C ARG C 143 -32.24 9.53 -12.82
N CYS C 144 -32.84 10.56 -13.43
CA CYS C 144 -32.22 11.89 -13.43
C CYS C 144 -32.78 12.74 -12.29
N VAL C 145 -31.90 13.10 -11.35
CA VAL C 145 -32.32 13.97 -10.24
C VAL C 145 -32.36 15.45 -10.66
N GLY C 146 -31.89 15.78 -11.86
CA GLY C 146 -31.75 17.19 -12.21
C GLY C 146 -32.95 17.76 -12.94
N ARG C 147 -34.09 17.08 -12.87
CA ARG C 147 -35.16 17.35 -13.83
C ARG C 147 -35.96 18.60 -13.53
N ILE C 148 -35.78 19.26 -12.38
CA ILE C 148 -36.41 20.56 -12.17
C ILE C 148 -36.11 21.49 -13.34
N GLN C 149 -34.97 21.29 -14.02
CA GLN C 149 -34.48 22.15 -15.09
C GLN C 149 -35.01 21.77 -16.48
N TRP C 150 -35.99 20.86 -16.57
CA TRP C 150 -36.24 20.18 -17.84
C TRP C 150 -36.80 21.10 -18.92
N GLY C 151 -37.48 22.18 -18.55
CA GLY C 151 -37.97 23.10 -19.55
C GLY C 151 -36.92 24.03 -20.14
N LYS C 152 -35.71 23.98 -19.61
CA LYS C 152 -34.63 24.91 -19.96
C LYS C 152 -33.53 24.07 -20.59
N LEU C 153 -33.62 23.87 -21.90
CA LEU C 153 -32.74 22.98 -22.64
C LEU C 153 -32.52 23.59 -24.02
N GLN C 154 -31.26 23.69 -24.44
CA GLN C 154 -30.90 24.23 -25.74
C GLN C 154 -30.75 23.06 -26.71
N VAL C 155 -31.61 23.02 -27.72
CA VAL C 155 -31.63 21.92 -28.68
C VAL C 155 -30.95 22.39 -29.95
N PHE C 156 -29.84 21.74 -30.31
CA PHE C 156 -29.12 22.01 -31.53
C PHE C 156 -29.50 20.96 -32.56
N ASP C 157 -30.09 21.40 -33.67
CA ASP C 157 -30.53 20.50 -34.73
C ASP C 157 -29.36 20.26 -35.68
N ALA C 158 -28.76 19.07 -35.60
CA ALA C 158 -27.67 18.69 -36.49
C ALA C 158 -28.09 17.61 -37.49
N ARG C 159 -29.39 17.50 -37.78
CA ARG C 159 -29.83 16.49 -38.74
C ARG C 159 -29.31 16.75 -40.15
N ASP C 160 -28.61 17.85 -40.38
CA ASP C 160 -27.99 18.14 -41.67
C ASP C 160 -26.58 17.57 -41.81
N CYS C 161 -26.14 16.69 -40.89
CA CYS C 161 -24.75 16.28 -40.84
C CYS C 161 -24.45 15.18 -41.86
N ARG C 162 -23.29 15.26 -42.50
CA ARG C 162 -22.92 14.30 -43.54
C ARG C 162 -21.55 13.66 -43.39
N SER C 163 -20.72 14.09 -42.44
CA SER C 163 -19.39 13.52 -42.31
C SER C 163 -18.92 13.61 -40.87
N ALA C 164 -17.96 12.74 -40.54
CA ALA C 164 -17.35 12.79 -39.21
C ALA C 164 -16.72 14.15 -38.93
N GLN C 165 -16.21 14.82 -39.97
CA GLN C 165 -15.62 16.14 -39.77
C GLN C 165 -16.70 17.17 -39.44
N GLU C 166 -17.85 17.09 -40.10
CA GLU C 166 -18.97 17.95 -39.72
C GLU C 166 -19.49 17.58 -38.35
N MET C 167 -19.58 16.27 -38.07
CA MET C 167 -19.95 15.82 -36.74
C MET C 167 -19.05 16.45 -35.68
N PHE C 168 -17.73 16.41 -35.92
CA PHE C 168 -16.78 17.00 -34.98
C PHE C 168 -17.01 18.50 -34.80
N THR C 169 -17.43 19.19 -35.86
CA THR C 169 -17.70 20.63 -35.75
C THR C 169 -18.96 20.89 -34.93
N TYR C 170 -19.99 20.05 -35.09
CA TYR C 170 -21.18 20.19 -34.26
C TYR C 170 -20.86 19.92 -32.79
N ILE C 171 -20.05 18.90 -32.53
CA ILE C 171 -19.71 18.58 -31.15
C ILE C 171 -18.94 19.73 -30.52
N CYS C 172 -18.01 20.32 -31.28
CA CYS C 172 -17.19 21.40 -30.74
C CYS C 172 -18.04 22.62 -30.41
N ASN C 173 -19.04 22.93 -31.23
CA ASN C 173 -19.91 24.06 -30.92
C ASN C 173 -20.81 23.75 -29.72
N HIS C 174 -21.27 22.50 -29.59
CA HIS C 174 -21.97 22.11 -28.37
C HIS C 174 -21.11 22.35 -27.15
N ILE C 175 -19.90 21.77 -27.14
CA ILE C 175 -19.02 21.90 -25.98
C ILE C 175 -18.78 23.37 -25.65
N LYS C 176 -18.49 24.18 -26.68
CA LYS C 176 -18.27 25.60 -26.48
C LYS C 176 -19.50 26.28 -25.88
N TYR C 177 -20.68 26.04 -26.47
CA TYR C 177 -21.90 26.66 -25.94
C TYR C 177 -22.19 26.19 -24.52
N ALA C 178 -22.08 24.87 -24.28
CA ALA C 178 -22.51 24.33 -22.98
C ALA C 178 -21.57 24.76 -21.87
N THR C 179 -20.27 24.79 -22.13
CA THR C 179 -19.31 25.19 -21.11
C THR C 179 -19.50 26.66 -20.73
N ASN C 180 -19.52 27.55 -21.74
CA ASN C 180 -19.86 28.96 -21.50
C ASN C 180 -18.95 29.55 -20.41
N ARG C 181 -17.66 29.26 -20.52
CA ARG C 181 -16.65 29.73 -19.57
C ARG C 181 -16.98 29.36 -18.13
N GLY C 182 -17.66 28.21 -17.94
CA GLY C 182 -17.94 27.74 -16.60
C GLY C 182 -19.34 28.01 -16.10
N ASN C 183 -20.08 28.91 -16.75
CA ASN C 183 -21.49 29.07 -16.42
C ASN C 183 -22.28 28.11 -17.30
N LEU C 184 -22.43 26.87 -16.83
CA LEU C 184 -22.89 25.78 -17.69
C LEU C 184 -24.35 25.93 -18.05
N ARG C 185 -24.69 25.49 -19.26
CA ARG C 185 -26.04 25.59 -19.81
C ARG C 185 -26.41 24.25 -20.40
N SER C 186 -27.60 23.76 -20.10
CA SER C 186 -28.00 22.45 -20.61
C SER C 186 -28.23 22.51 -22.12
N ALA C 187 -27.79 21.47 -22.82
CA ALA C 187 -27.89 21.47 -24.28
C ALA C 187 -27.88 20.05 -24.78
N ILE C 188 -28.46 19.86 -25.96
CA ILE C 188 -28.39 18.59 -26.68
C ILE C 188 -28.19 18.90 -28.17
N THR C 189 -27.36 18.09 -28.82
CA THR C 189 -27.20 18.12 -30.27
C THR C 189 -27.72 16.81 -30.86
N VAL C 190 -28.60 16.92 -31.86
CA VAL C 190 -29.26 15.78 -32.47
C VAL C 190 -28.70 15.58 -33.88
N PHE C 191 -28.03 14.46 -34.09
CA PHE C 191 -27.54 14.06 -35.40
C PHE C 191 -28.60 13.26 -36.14
N PRO C 192 -28.41 12.98 -37.43
CA PRO C 192 -29.50 12.36 -38.21
C PRO C 192 -29.95 11.03 -37.65
N GLN C 193 -31.26 10.78 -37.79
CA GLN C 193 -31.83 9.55 -37.29
C GLN C 193 -31.34 8.36 -38.09
N ARG C 194 -31.49 7.17 -37.52
CA ARG C 194 -31.27 5.96 -38.30
C ARG C 194 -32.45 5.73 -39.25
N CYS C 195 -32.20 4.98 -40.31
CA CYS C 195 -33.27 4.52 -41.19
C CYS C 195 -32.79 3.28 -41.92
N PRO C 196 -33.72 2.47 -42.44
CA PRO C 196 -33.31 1.22 -43.11
C PRO C 196 -32.42 1.47 -44.31
N GLY C 197 -31.58 0.48 -44.60
CA GLY C 197 -30.66 0.59 -45.71
C GLY C 197 -29.69 1.75 -45.59
N ARG C 198 -29.35 2.13 -44.37
CA ARG C 198 -28.47 3.27 -44.14
C ARG C 198 -27.70 3.02 -42.86
N GLY C 199 -26.44 3.44 -42.84
CA GLY C 199 -25.64 3.36 -41.64
C GLY C 199 -26.14 4.31 -40.57
N ASP C 200 -25.40 4.35 -39.47
CA ASP C 200 -25.73 5.23 -38.36
C ASP C 200 -24.54 6.11 -38.02
N PHE C 201 -24.83 7.36 -37.65
CA PHE C 201 -23.88 8.14 -36.90
C PHE C 201 -23.78 7.59 -35.48
N ARG C 202 -22.56 7.33 -35.03
CA ARG C 202 -22.32 6.97 -33.64
C ARG C 202 -21.17 7.80 -33.11
N ILE C 203 -21.28 8.21 -31.86
CA ILE C 203 -20.15 8.65 -31.08
C ILE C 203 -19.68 7.46 -30.26
N TRP C 204 -18.47 6.98 -30.54
CA TRP C 204 -17.99 5.78 -29.86
C TRP C 204 -17.67 6.04 -28.39
N ASN C 205 -17.29 7.27 -28.05
CA ASN C 205 -17.02 7.60 -26.65
C ASN C 205 -18.32 7.64 -25.86
N SER C 206 -18.26 7.16 -24.61
CA SER C 206 -19.44 7.23 -23.74
C SER C 206 -19.72 8.66 -23.29
N GLN C 207 -18.68 9.50 -23.24
CA GLN C 207 -18.85 10.92 -22.96
C GLN C 207 -17.90 11.70 -23.87
N LEU C 208 -18.27 12.95 -24.15
CA LEU C 208 -17.43 13.79 -24.98
C LEU C 208 -16.08 14.04 -24.31
N VAL C 209 -16.08 14.19 -22.99
CA VAL C 209 -14.85 14.34 -22.21
C VAL C 209 -14.71 13.09 -21.33
N ARG C 210 -13.63 12.34 -21.55
CA ARG C 210 -13.29 11.20 -20.71
C ARG C 210 -11.78 11.13 -20.58
N TYR C 211 -11.32 10.61 -19.44
CA TYR C 211 -9.90 10.40 -19.23
C TYR C 211 -9.46 9.03 -19.69
N ALA C 212 -8.20 8.93 -20.10
CA ALA C 212 -7.66 7.68 -20.61
C ALA C 212 -7.49 6.65 -19.49
N GLY C 213 -7.58 5.38 -19.87
CA GLY C 213 -7.29 4.30 -18.96
C GLY C 213 -6.29 3.34 -19.58
N TYR C 214 -5.07 3.32 -19.07
CA TYR C 214 -3.97 2.53 -19.64
C TYR C 214 -3.76 1.28 -18.81
N ARG C 215 -3.90 0.11 -19.44
CA ARG C 215 -3.55 -1.15 -18.78
C ARG C 215 -2.05 -1.20 -18.48
N GLN C 216 -1.71 -1.64 -17.27
CA GLN C 216 -0.31 -1.70 -16.85
C GLN C 216 0.18 -3.14 -16.81
N GLN C 217 1.50 -3.29 -16.82
CA GLN C 217 2.12 -4.60 -16.63
C GLN C 217 1.85 -5.15 -15.23
N ASP C 218 1.51 -4.26 -14.28
CA ASP C 218 1.03 -4.66 -12.98
C ASP C 218 -0.29 -5.42 -13.05
N GLY C 219 -1.02 -5.29 -14.16
CA GLY C 219 -2.42 -5.65 -14.21
C GLY C 219 -3.36 -4.53 -13.80
N SER C 220 -2.82 -3.50 -13.16
CA SER C 220 -3.59 -2.33 -12.74
C SER C 220 -3.95 -1.48 -13.95
N VAL C 221 -4.52 -0.31 -13.69
CA VAL C 221 -4.83 0.68 -14.72
C VAL C 221 -4.31 2.02 -14.25
N ARG C 222 -3.63 2.75 -15.14
CA ARG C 222 -3.25 4.13 -14.90
C ARG C 222 -4.27 5.02 -15.60
N GLY C 223 -4.98 5.82 -14.81
CA GLY C 223 -6.08 6.62 -15.34
C GLY C 223 -7.42 6.07 -14.91
N ASP C 224 -8.43 6.18 -15.77
CA ASP C 224 -9.78 5.80 -15.43
C ASP C 224 -10.04 4.36 -15.88
N PRO C 225 -10.21 3.41 -14.96
CA PRO C 225 -10.51 2.03 -15.38
C PRO C 225 -11.76 1.90 -16.22
N ALA C 226 -12.73 2.81 -16.04
CA ALA C 226 -13.96 2.80 -16.83
C ALA C 226 -13.69 2.91 -18.33
N ASN C 227 -12.55 3.46 -18.72
CA ASN C 227 -12.29 3.84 -20.10
C ASN C 227 -11.14 3.05 -20.71
N VAL C 228 -10.86 1.86 -20.18
CA VAL C 228 -9.79 1.03 -20.74
C VAL C 228 -10.12 0.63 -22.18
N GLU C 229 -11.39 0.30 -22.44
CA GLU C 229 -11.79 -0.16 -23.76
C GLU C 229 -11.59 0.92 -24.82
N ILE C 230 -12.19 2.08 -24.62
CA ILE C 230 -12.12 3.14 -25.62
C ILE C 230 -10.70 3.68 -25.75
N THR C 231 -9.91 3.59 -24.68
CA THR C 231 -8.51 3.96 -24.80
C THR C 231 -7.77 3.03 -25.77
N GLU C 232 -8.12 1.74 -25.75
CA GLU C 232 -7.54 0.80 -26.71
C GLU C 232 -7.96 1.14 -28.14
N LEU C 233 -9.26 1.33 -28.36
CA LEU C 233 -9.74 1.66 -29.69
C LEU C 233 -9.09 2.94 -30.22
N CYS C 234 -9.03 3.97 -29.37
CA CYS C 234 -8.41 5.21 -29.79
C CYS C 234 -6.95 5.00 -30.15
N ILE C 235 -6.23 4.20 -29.38
CA ILE C 235 -4.84 3.91 -29.71
C ILE C 235 -4.76 3.18 -31.05
N GLN C 236 -5.69 2.27 -31.32
CA GLN C 236 -5.67 1.55 -32.58
C GLN C 236 -5.92 2.48 -33.75
N HIS C 237 -7.02 3.23 -33.71
CA HIS C 237 -7.42 4.05 -34.85
C HIS C 237 -6.61 5.34 -34.93
N GLY C 238 -5.34 5.28 -34.55
CA GLY C 238 -4.47 6.43 -34.70
C GLY C 238 -3.79 6.90 -33.44
N TRP C 239 -4.57 7.25 -32.42
CA TRP C 239 -4.08 8.06 -31.31
C TRP C 239 -2.82 7.46 -30.67
N THR C 240 -1.81 8.32 -30.48
CA THR C 240 -0.66 7.91 -29.69
C THR C 240 -0.90 8.31 -28.23
N PRO C 241 -0.78 7.37 -27.29
CA PRO C 241 -1.28 7.62 -25.93
C PRO C 241 -0.34 8.48 -25.11
N GLY C 242 -0.86 8.93 -23.97
CA GLY C 242 -0.07 9.59 -22.95
C GLY C 242 0.31 8.63 -21.84
N ASN C 243 0.71 9.21 -20.70
CA ASN C 243 0.98 8.39 -19.53
C ASN C 243 0.61 9.10 -18.24
N GLY C 244 -0.45 9.90 -18.26
CA GLY C 244 -0.91 10.60 -17.08
C GLY C 244 -2.18 9.98 -16.53
N ARG C 245 -2.53 10.31 -15.29
CA ARG C 245 -3.77 9.80 -14.71
C ARG C 245 -4.99 10.53 -15.25
N PHE C 246 -4.80 11.65 -15.93
CA PHE C 246 -5.92 12.44 -16.43
C PHE C 246 -5.63 12.97 -17.84
N ASP C 247 -5.40 12.04 -18.78
CA ASP C 247 -5.25 12.38 -20.20
C ASP C 247 -6.63 12.35 -20.88
N VAL C 248 -7.04 13.48 -21.45
CA VAL C 248 -8.32 13.54 -22.16
C VAL C 248 -8.21 12.71 -23.43
N LEU C 249 -9.16 11.78 -23.60
CA LEU C 249 -9.19 10.94 -24.78
C LEU C 249 -9.56 11.75 -26.02
N PRO C 250 -9.19 11.27 -27.22
CA PRO C 250 -9.76 11.84 -28.45
C PRO C 250 -11.22 11.43 -28.64
N LEU C 251 -11.82 11.84 -29.74
CA LEU C 251 -13.19 11.43 -30.09
C LEU C 251 -13.13 10.46 -31.26
N LEU C 252 -13.83 9.34 -31.11
CA LEU C 252 -14.00 8.36 -32.19
C LEU C 252 -15.41 8.55 -32.74
N LEU C 253 -15.49 9.22 -33.89
CA LEU C 253 -16.75 9.57 -34.53
C LEU C 253 -16.96 8.71 -35.76
N GLN C 254 -18.16 8.16 -35.91
CA GLN C 254 -18.45 7.23 -36.99
C GLN C 254 -19.63 7.74 -37.79
N ALA C 255 -19.35 8.20 -39.01
CA ALA C 255 -20.39 8.52 -39.97
C ALA C 255 -20.97 7.22 -40.54
N PRO C 256 -22.17 7.27 -41.15
CA PRO C 256 -22.78 6.05 -41.69
C PRO C 256 -21.85 5.22 -42.56
N ASP C 257 -21.68 3.95 -42.16
CA ASP C 257 -21.02 2.91 -42.95
C ASP C 257 -19.50 3.08 -43.01
N GLU C 258 -19.00 4.31 -42.99
CA GLU C 258 -17.56 4.52 -42.97
C GLU C 258 -17.01 4.14 -41.59
N PRO C 259 -15.82 3.53 -41.53
CA PRO C 259 -15.17 3.28 -40.24
C PRO C 259 -14.92 4.57 -39.50
N PRO C 260 -14.75 4.52 -38.18
CA PRO C 260 -14.70 5.75 -37.38
C PRO C 260 -13.36 6.47 -37.50
N GLU C 261 -13.45 7.80 -37.45
CA GLU C 261 -12.28 8.66 -37.60
C GLU C 261 -11.96 9.34 -36.26
N LEU C 262 -10.68 9.57 -36.03
CA LEU C 262 -10.17 10.03 -34.75
C LEU C 262 -9.98 11.54 -34.77
N PHE C 263 -10.61 12.24 -33.83
CA PHE C 263 -10.53 13.68 -33.73
C PHE C 263 -10.05 14.05 -32.33
N LEU C 264 -9.26 15.11 -32.24
CA LEU C 264 -8.70 15.55 -30.97
C LEU C 264 -9.38 16.84 -30.53
N LEU C 265 -9.76 16.89 -29.26
CA LEU C 265 -10.45 18.05 -28.72
C LEU C 265 -9.43 19.17 -28.49
N PRO C 266 -9.64 20.36 -29.05
CA PRO C 266 -8.74 21.49 -28.79
C PRO C 266 -8.68 21.79 -27.30
N PRO C 267 -7.47 21.77 -26.72
CA PRO C 267 -7.36 21.82 -25.24
C PRO C 267 -8.07 22.99 -24.59
N GLU C 268 -8.17 24.14 -25.26
CA GLU C 268 -8.90 25.26 -24.69
C GLU C 268 -10.42 25.07 -24.75
N LEU C 269 -10.90 24.07 -25.48
CA LEU C 269 -12.31 23.74 -25.42
C LEU C 269 -12.69 23.01 -24.14
N VAL C 270 -11.76 22.26 -23.55
CA VAL C 270 -12.06 21.27 -22.50
C VAL C 270 -11.74 21.92 -21.16
N LEU C 271 -12.76 22.50 -20.52
CA LEU C 271 -12.54 23.16 -19.24
C LEU C 271 -12.36 22.12 -18.14
N GLU C 272 -11.32 22.30 -17.33
CA GLU C 272 -10.97 21.37 -16.27
C GLU C 272 -10.78 22.12 -14.96
N VAL C 273 -11.02 21.41 -13.85
CA VAL C 273 -10.94 21.98 -12.52
C VAL C 273 -9.94 21.19 -11.70
N PRO C 274 -8.77 21.76 -11.35
CA PRO C 274 -7.88 21.06 -10.42
C PRO C 274 -8.49 21.07 -9.04
N LEU C 275 -8.32 19.98 -8.31
CA LEU C 275 -9.03 19.82 -7.05
C LEU C 275 -8.13 20.23 -5.90
N GLU C 276 -8.62 21.11 -5.06
CA GLU C 276 -7.94 21.45 -3.82
C GLU C 276 -8.98 21.44 -2.70
N HIS C 277 -8.49 21.54 -1.47
CA HIS C 277 -9.37 21.48 -0.32
C HIS C 277 -9.27 22.79 0.45
N PRO C 278 -10.37 23.30 0.99
CA PRO C 278 -10.29 24.61 1.69
C PRO C 278 -9.31 24.64 2.84
N THR C 279 -9.08 23.53 3.55
CA THR C 279 -8.20 23.58 4.72
C THR C 279 -7.13 22.50 4.78
N LEU C 280 -7.20 21.46 3.94
CA LEU C 280 -6.19 20.41 3.93
C LEU C 280 -5.21 20.78 2.84
N GLU C 281 -4.10 21.43 3.23
CA GLU C 281 -3.22 22.05 2.24
C GLU C 281 -2.61 21.03 1.31
N TRP C 282 -2.37 19.81 1.81
CA TRP C 282 -1.77 18.75 1.00
C TRP C 282 -2.70 18.18 -0.07
N PHE C 283 -4.00 18.48 -0.05
CA PHE C 283 -4.91 17.84 -0.99
C PHE C 283 -4.53 18.21 -2.43
N ALA C 284 -4.13 19.46 -2.64
CA ALA C 284 -3.74 19.90 -3.98
C ALA C 284 -2.63 19.04 -4.54
N ALA C 285 -1.66 18.67 -3.70
CA ALA C 285 -0.50 17.90 -4.13
C ALA C 285 -0.85 16.50 -4.61
N LEU C 286 -2.06 16.01 -4.34
CA LEU C 286 -2.43 14.72 -4.91
C LEU C 286 -2.61 14.81 -6.41
N GLY C 287 -2.81 16.02 -6.96
CA GLY C 287 -2.88 16.20 -8.40
C GLY C 287 -4.19 15.78 -9.02
N LEU C 288 -5.26 15.71 -8.24
CA LEU C 288 -6.56 15.34 -8.78
C LEU C 288 -7.15 16.48 -9.59
N ARG C 289 -7.89 16.11 -10.63
CA ARG C 289 -8.57 17.03 -11.53
C ARG C 289 -9.91 16.40 -11.91
N TRP C 290 -10.87 17.23 -12.29
CA TRP C 290 -11.98 16.72 -13.08
C TRP C 290 -12.43 17.79 -14.07
N TYR C 291 -13.24 17.36 -15.04
CA TYR C 291 -13.67 18.25 -16.11
C TYR C 291 -15.03 18.85 -15.79
N ALA C 292 -15.30 20.02 -16.41
CA ALA C 292 -16.48 20.81 -16.09
C ALA C 292 -17.78 20.19 -16.62
N LEU C 293 -17.73 19.56 -17.80
CA LEU C 293 -18.92 19.28 -18.59
C LEU C 293 -19.28 17.81 -18.56
N PRO C 294 -20.37 17.40 -17.89
CA PRO C 294 -20.87 16.03 -18.05
C PRO C 294 -21.74 15.95 -19.30
N ALA C 295 -21.25 15.25 -20.31
CA ALA C 295 -21.83 15.33 -21.66
C ALA C 295 -21.91 13.92 -22.21
N VAL C 296 -23.07 13.29 -22.05
CA VAL C 296 -23.23 11.87 -22.34
C VAL C 296 -23.51 11.69 -23.82
N SER C 297 -22.79 10.75 -24.46
CA SER C 297 -22.78 10.64 -25.90
C SER C 297 -23.04 9.23 -26.40
N ASN C 298 -23.40 8.29 -25.55
CA ASN C 298 -23.61 6.93 -26.03
C ASN C 298 -25.04 6.45 -25.89
N MET C 299 -25.98 7.34 -25.57
CA MET C 299 -27.36 6.92 -25.47
C MET C 299 -28.14 7.28 -26.73
N LEU C 300 -29.30 6.65 -26.87
CA LEU C 300 -30.14 6.79 -28.05
C LEU C 300 -31.39 7.56 -27.66
N LEU C 301 -31.73 8.58 -28.44
CA LEU C 301 -32.94 9.37 -28.22
C LEU C 301 -34.06 8.82 -29.09
N GLU C 302 -35.19 8.50 -28.46
CA GLU C 302 -36.36 7.98 -29.15
C GLU C 302 -37.50 8.99 -29.06
N ILE C 303 -37.96 9.48 -30.23
CA ILE C 303 -39.08 10.41 -30.31
C ILE C 303 -40.05 9.90 -31.37
N GLY C 304 -41.28 9.62 -30.98
CA GLY C 304 -42.32 9.28 -31.92
C GLY C 304 -42.02 8.11 -32.82
N GLY C 305 -41.33 7.10 -32.31
CA GLY C 305 -40.90 5.98 -33.10
C GLY C 305 -39.60 6.19 -33.86
N LEU C 306 -39.15 7.43 -34.02
CA LEU C 306 -37.84 7.69 -34.60
C LEU C 306 -36.76 7.52 -33.54
N GLU C 307 -35.56 7.17 -33.99
CA GLU C 307 -34.47 6.80 -33.10
C GLU C 307 -33.19 7.50 -33.54
N PHE C 308 -32.60 8.31 -32.66
CA PHE C 308 -31.39 9.05 -32.95
C PHE C 308 -30.22 8.44 -32.18
N PRO C 309 -29.47 7.50 -32.77
CA PRO C 309 -28.40 6.84 -32.01
C PRO C 309 -27.21 7.74 -31.70
N ALA C 310 -27.19 8.99 -32.20
CA ALA C 310 -26.18 9.97 -31.82
C ALA C 310 -26.90 11.28 -31.47
N ALA C 311 -26.97 11.59 -30.18
CA ALA C 311 -27.65 12.78 -29.68
C ALA C 311 -27.04 13.22 -28.34
N PRO C 312 -25.79 13.70 -28.34
CA PRO C 312 -25.14 13.98 -27.07
C PRO C 312 -25.82 15.12 -26.32
N PHE C 313 -26.00 14.93 -25.01
CA PHE C 313 -26.59 15.94 -24.14
C PHE C 313 -25.70 16.16 -22.93
N SER C 314 -25.83 17.34 -22.33
CA SER C 314 -24.97 17.73 -21.24
C SER C 314 -25.74 18.62 -20.28
N GLY C 315 -25.33 18.61 -19.02
CA GLY C 315 -25.89 19.49 -18.02
C GLY C 315 -24.78 20.10 -17.20
N TRP C 316 -24.89 19.99 -15.89
CA TRP C 316 -23.78 20.27 -14.99
C TRP C 316 -23.78 19.20 -13.91
N TYR C 317 -22.66 19.10 -13.19
CA TYR C 317 -22.47 17.98 -12.29
C TYR C 317 -23.15 18.21 -10.94
N MET C 318 -23.61 17.11 -10.36
CA MET C 318 -23.85 17.03 -8.93
C MET C 318 -22.56 16.55 -8.28
N SER C 319 -22.21 17.11 -7.13
CA SER C 319 -20.85 16.94 -6.63
C SER C 319 -20.53 15.49 -6.29
N THR C 320 -21.54 14.70 -5.88
CA THR C 320 -21.26 13.31 -5.51
C THR C 320 -20.93 12.44 -6.72
N GLU C 321 -21.34 12.83 -7.92
CA GLU C 321 -20.92 12.05 -9.09
C GLU C 321 -19.42 12.08 -9.22
N ILE C 322 -18.81 13.24 -8.96
CA ILE C 322 -17.37 13.36 -9.03
C ILE C 322 -16.71 12.85 -7.76
N GLY C 323 -17.12 13.39 -6.61
CA GLY C 323 -16.38 13.13 -5.39
C GLY C 323 -16.55 11.70 -4.90
N THR C 324 -17.76 11.18 -4.96
CA THR C 324 -18.00 9.84 -4.45
C THR C 324 -17.86 8.77 -5.53
N ARG C 325 -18.54 8.90 -6.67
CA ARG C 325 -18.53 7.79 -7.62
C ARG C 325 -17.24 7.74 -8.43
N ASN C 326 -16.91 8.83 -9.13
CA ASN C 326 -15.78 8.76 -10.07
C ASN C 326 -14.46 8.63 -9.33
N LEU C 327 -14.31 9.30 -8.18
CA LEU C 327 -13.01 9.28 -7.52
C LEU C 327 -12.91 8.21 -6.45
N CYS C 328 -14.03 7.79 -5.85
CA CYS C 328 -13.97 6.83 -4.75
C CYS C 328 -14.47 5.42 -5.07
N ASP C 329 -15.18 5.19 -6.18
CA ASP C 329 -15.62 3.82 -6.46
C ASP C 329 -14.41 2.89 -6.53
N PRO C 330 -14.53 1.66 -6.01
CA PRO C 330 -13.38 0.75 -6.05
C PRO C 330 -12.91 0.42 -7.45
N HIS C 331 -13.80 0.47 -8.42
CA HIS C 331 -13.48 0.15 -9.81
C HIS C 331 -13.32 1.40 -10.67
N ARG C 332 -13.18 2.57 -10.06
CA ARG C 332 -12.83 3.79 -10.76
C ARG C 332 -11.47 4.27 -10.25
N TYR C 333 -11.30 5.54 -9.87
CA TYR C 333 -9.99 5.99 -9.41
C TYR C 333 -9.64 5.43 -8.04
N ASN C 334 -10.63 5.12 -7.20
CA ASN C 334 -10.42 4.35 -5.97
C ASN C 334 -9.39 5.03 -5.06
N ILE C 335 -9.58 6.34 -4.83
CA ILE C 335 -8.59 7.15 -4.11
C ILE C 335 -8.84 7.21 -2.62
N LEU C 336 -9.87 6.52 -2.12
CA LEU C 336 -10.34 6.73 -0.76
C LEU C 336 -9.23 6.53 0.26
N GLU C 337 -8.54 5.40 0.18
CA GLU C 337 -7.54 5.09 1.19
C GLU C 337 -6.37 6.07 1.13
N ASP C 338 -6.00 6.52 -0.07
CA ASP C 338 -4.98 7.55 -0.21
C ASP C 338 -5.31 8.79 0.60
N VAL C 339 -6.54 9.26 0.46
CA VAL C 339 -6.97 10.44 1.21
C VAL C 339 -6.96 10.15 2.70
N ALA C 340 -7.48 8.99 3.11
CA ALA C 340 -7.52 8.66 4.54
C ALA C 340 -6.10 8.61 5.12
N VAL C 341 -5.16 8.03 4.37
CA VAL C 341 -3.77 8.02 4.82
C VAL C 341 -3.23 9.45 4.99
N CYS C 342 -3.54 10.35 4.06
CA CYS C 342 -3.05 11.72 4.24
C CYS C 342 -3.76 12.42 5.39
N MET C 343 -5.00 12.04 5.68
CA MET C 343 -5.73 12.59 6.81
C MET C 343 -5.29 11.98 8.12
N ASP C 344 -4.33 11.04 8.10
CA ASP C 344 -3.86 10.34 9.29
C ASP C 344 -5.00 9.64 10.03
N LEU C 345 -5.88 8.98 9.30
CA LEU C 345 -6.96 8.22 9.90
C LEU C 345 -6.51 6.78 10.17
N ASP C 346 -7.14 6.15 11.15
CA ASP C 346 -6.87 4.74 11.46
C ASP C 346 -7.59 3.86 10.44
N THR C 347 -6.85 3.40 9.43
CA THR C 347 -7.46 2.57 8.39
C THR C 347 -7.41 1.09 8.72
N ARG C 348 -6.98 0.71 9.94
CA ARG C 348 -6.84 -0.69 10.30
C ARG C 348 -8.17 -1.33 10.67
N THR C 349 -9.17 -0.54 11.07
CA THR C 349 -10.48 -1.03 11.43
C THR C 349 -11.56 -0.20 10.73
N THR C 350 -12.67 -0.85 10.39
CA THR C 350 -13.76 -0.12 9.73
C THR C 350 -14.52 0.76 10.72
N SER C 351 -14.52 0.40 12.01
CA SER C 351 -15.32 1.12 12.98
C SER C 351 -14.79 2.53 13.25
N SER C 352 -13.62 2.90 12.73
CA SER C 352 -13.20 4.29 12.80
C SER C 352 -13.96 5.17 11.82
N LEU C 353 -14.73 4.57 10.90
CA LEU C 353 -15.41 5.30 9.82
C LEU C 353 -14.44 6.18 9.03
N TRP C 354 -13.21 5.70 8.86
CA TRP C 354 -12.25 6.42 8.02
C TRP C 354 -12.73 6.53 6.59
N LYS C 355 -13.42 5.51 6.08
CA LYS C 355 -13.93 5.62 4.70
C LYS C 355 -14.94 6.76 4.58
N ASP C 356 -15.79 6.93 5.59
CA ASP C 356 -16.80 7.99 5.53
C ASP C 356 -16.17 9.36 5.70
N LYS C 357 -15.19 9.48 6.59
CA LYS C 357 -14.56 10.78 6.80
C LYS C 357 -13.80 11.23 5.56
N ALA C 358 -13.03 10.31 4.96
CA ALA C 358 -12.31 10.66 3.74
C ALA C 358 -13.28 11.02 2.60
N ALA C 359 -14.36 10.27 2.46
CA ALA C 359 -15.32 10.55 1.37
C ALA C 359 -15.90 11.95 1.51
N VAL C 360 -16.29 12.35 2.73
CA VAL C 360 -16.88 13.67 2.91
C VAL C 360 -15.89 14.76 2.53
N GLU C 361 -14.63 14.59 2.92
CA GLU C 361 -13.64 15.61 2.62
C GLU C 361 -13.32 15.69 1.13
N ILE C 362 -13.40 14.56 0.41
CA ILE C 362 -13.23 14.59 -1.04
C ILE C 362 -14.37 15.35 -1.70
N ASN C 363 -15.60 15.18 -1.18
CA ASN C 363 -16.73 15.92 -1.72
C ASN C 363 -16.63 17.41 -1.40
N VAL C 364 -16.15 17.76 -0.19
CA VAL C 364 -15.87 19.17 0.15
C VAL C 364 -14.86 19.77 -0.84
N ALA C 365 -13.78 19.06 -1.11
CA ALA C 365 -12.78 19.53 -2.06
C ALA C 365 -13.39 19.79 -3.44
N VAL C 366 -14.25 18.88 -3.91
CA VAL C 366 -14.88 19.04 -5.21
C VAL C 366 -15.74 20.29 -5.24
N LEU C 367 -16.57 20.47 -4.22
CA LEU C 367 -17.45 21.62 -4.20
C LEU C 367 -16.65 22.92 -4.13
N HIS C 368 -15.61 22.94 -3.29
CA HIS C 368 -14.80 24.14 -3.12
C HIS C 368 -14.03 24.48 -4.38
N SER C 369 -13.48 23.46 -5.04
CA SER C 369 -12.69 23.67 -6.26
C SER C 369 -13.55 24.18 -7.41
N TYR C 370 -14.75 23.62 -7.58
CA TYR C 370 -15.62 24.09 -8.65
C TYR C 370 -16.10 25.52 -8.38
N GLN C 371 -16.52 25.78 -7.14
CA GLN C 371 -16.96 27.13 -6.77
C GLN C 371 -15.84 28.14 -6.94
N LEU C 372 -14.62 27.77 -6.53
CA LEU C 372 -13.51 28.69 -6.66
C LEU C 372 -13.18 28.97 -8.12
N ALA C 373 -13.38 27.99 -8.99
CA ALA C 373 -13.13 28.17 -10.42
C ALA C 373 -14.35 28.69 -11.17
N LYS C 374 -15.46 28.94 -10.48
CA LYS C 374 -16.65 29.53 -11.09
C LYS C 374 -17.25 28.60 -12.14
N VAL C 375 -17.23 27.31 -11.83
CA VAL C 375 -17.83 26.28 -12.67
C VAL C 375 -19.08 25.78 -11.98
N THR C 376 -20.18 25.74 -12.73
CA THR C 376 -21.46 25.35 -12.14
C THR C 376 -21.36 23.95 -11.54
N ILE C 377 -21.78 23.82 -10.29
CA ILE C 377 -21.89 22.53 -9.63
C ILE C 377 -23.00 22.64 -8.61
N VAL C 378 -23.63 21.51 -8.28
CA VAL C 378 -24.69 21.48 -7.28
C VAL C 378 -24.40 20.36 -6.28
N ASP C 379 -24.62 20.64 -4.99
CA ASP C 379 -24.39 19.61 -4.00
C ASP C 379 -25.64 18.75 -3.84
N HIS C 380 -25.46 17.53 -3.34
CA HIS C 380 -26.57 16.58 -3.31
C HIS C 380 -27.72 17.02 -2.43
N HIS C 381 -27.47 17.85 -1.41
CA HIS C 381 -28.59 18.36 -0.63
C HIS C 381 -29.45 19.31 -1.46
N ALA C 382 -28.83 20.32 -2.08
CA ALA C 382 -29.61 21.23 -2.91
C ALA C 382 -30.28 20.50 -4.06
N ALA C 383 -29.57 19.54 -4.67
CA ALA C 383 -30.12 18.84 -5.83
C ALA C 383 -31.32 17.97 -5.45
N THR C 384 -31.29 17.32 -4.27
CA THR C 384 -32.46 16.50 -3.89
C THR C 384 -33.62 17.35 -3.43
N ALA C 385 -33.36 18.47 -2.76
CA ALA C 385 -34.43 19.37 -2.38
C ALA C 385 -35.14 19.93 -3.61
N SER C 386 -34.39 20.19 -4.68
CA SER C 386 -35.02 20.65 -5.91
CA SER C 386 -35.02 20.65 -5.91
C SER C 386 -35.83 19.53 -6.58
N PHE C 387 -35.37 18.28 -6.47
CA PHE C 387 -36.13 17.19 -7.05
C PHE C 387 -37.45 16.99 -6.33
N MET C 388 -37.47 17.21 -5.01
CA MET C 388 -38.74 17.17 -4.29
C MET C 388 -39.71 18.20 -4.86
N LYS C 389 -39.22 19.40 -5.18
CA LYS C 389 -40.07 20.41 -5.79
C LYS C 389 -40.55 19.94 -7.16
N HIS C 390 -39.64 19.36 -7.94
CA HIS C 390 -40.03 18.81 -9.23
C HIS C 390 -41.14 17.77 -9.09
N LEU C 391 -41.04 16.89 -8.07
CA LEU C 391 -42.12 15.92 -7.84
C LEU C 391 -43.44 16.60 -7.58
N GLU C 392 -43.40 17.71 -6.83
CA GLU C 392 -44.62 18.48 -6.54
C GLU C 392 -45.20 19.09 -7.81
N ASN C 393 -44.38 19.82 -8.58
CA ASN C 393 -44.80 20.38 -9.87
C ASN C 393 -45.38 19.31 -10.79
N GLU C 394 -44.66 18.20 -10.92
CA GLU C 394 -45.11 17.17 -11.85
C GLU C 394 -46.41 16.52 -11.40
N GLN C 395 -46.63 16.44 -10.09
CA GLN C 395 -47.88 15.88 -9.59
C GLN C 395 -49.08 16.70 -10.07
N LYS C 396 -48.94 18.03 -10.05
CA LYS C 396 -49.99 18.91 -10.57
C LYS C 396 -50.00 18.92 -12.09
N ALA C 397 -48.82 18.89 -12.71
CA ALA C 397 -48.72 18.95 -14.16
C ALA C 397 -49.33 17.72 -14.82
N ARG C 398 -48.86 16.51 -14.45
CA ARG C 398 -49.20 15.28 -15.16
C ARG C 398 -49.76 14.19 -14.29
N GLY C 399 -49.98 14.42 -13.01
CA GLY C 399 -50.46 13.37 -12.13
C GLY C 399 -49.41 12.35 -11.76
N GLY C 400 -48.13 12.73 -11.76
CA GLY C 400 -47.09 11.83 -11.29
C GLY C 400 -45.77 12.11 -11.96
N CYS C 401 -44.81 11.27 -11.66
CA CYS C 401 -43.44 11.44 -12.12
C CYS C 401 -42.69 10.12 -11.98
N PRO C 402 -42.24 9.52 -13.09
CA PRO C 402 -41.44 8.29 -12.98
C PRO C 402 -40.10 8.59 -12.34
N ALA C 403 -39.78 7.82 -11.30
CA ALA C 403 -38.60 8.08 -10.50
C ALA C 403 -38.05 6.75 -10.00
N ASP C 404 -36.74 6.62 -10.10
CA ASP C 404 -35.99 5.42 -9.76
C ASP C 404 -35.27 5.72 -8.46
N TRP C 405 -35.87 5.31 -7.35
CA TRP C 405 -35.39 5.70 -6.01
C TRP C 405 -33.90 5.40 -5.85
N ALA C 406 -33.48 4.21 -6.29
CA ALA C 406 -32.09 3.79 -6.10
C ALA C 406 -31.09 4.72 -6.80
N TRP C 407 -31.52 5.43 -7.85
CA TRP C 407 -30.65 6.40 -8.52
C TRP C 407 -30.89 7.84 -8.09
N ILE C 408 -32.07 8.14 -7.56
CA ILE C 408 -32.36 9.49 -7.09
C ILE C 408 -31.69 9.75 -5.75
N VAL C 409 -31.71 8.77 -4.84
CA VAL C 409 -31.06 8.92 -3.53
C VAL C 409 -29.54 9.01 -3.73
N PRO C 410 -28.88 10.05 -3.21
CA PRO C 410 -27.41 10.20 -3.37
C PRO C 410 -26.62 9.04 -2.79
N PRO C 411 -25.40 8.81 -3.28
CA PRO C 411 -24.57 7.68 -2.82
C PRO C 411 -23.80 7.92 -1.53
N ILE C 412 -23.91 9.10 -0.93
CA ILE C 412 -23.52 9.32 0.45
C ILE C 412 -24.66 10.08 1.11
N SER C 413 -24.77 9.91 2.42
CA SER C 413 -25.75 10.65 3.24
C SER C 413 -27.19 10.47 2.75
N GLY C 414 -27.47 9.34 2.10
CA GLY C 414 -28.81 9.05 1.59
C GLY C 414 -29.97 9.53 2.45
N SER C 415 -30.05 9.05 3.70
CA SER C 415 -31.20 9.37 4.54
C SER C 415 -31.14 10.77 5.13
N LEU C 416 -30.04 11.50 4.97
CA LEU C 416 -30.03 12.92 5.30
C LEU C 416 -30.72 13.78 4.23
N THR C 417 -31.08 13.20 3.07
CA THR C 417 -31.76 13.94 2.01
C THR C 417 -33.25 13.59 1.99
N PRO C 418 -34.11 14.53 1.57
CA PRO C 418 -35.56 14.26 1.64
C PRO C 418 -36.05 13.20 0.68
N VAL C 419 -35.34 12.94 -0.43
CA VAL C 419 -35.76 11.88 -1.34
C VAL C 419 -35.70 10.50 -0.68
N PHE C 420 -34.88 10.31 0.36
CA PHE C 420 -34.79 8.99 0.98
C PHE C 420 -36.13 8.54 1.51
N HIS C 421 -36.89 9.46 2.10
CA HIS C 421 -38.18 9.16 2.74
C HIS C 421 -39.37 9.26 1.79
N GLN C 422 -39.12 9.44 0.49
CA GLN C 422 -40.19 9.59 -0.48
C GLN C 422 -40.37 8.27 -1.23
N GLU C 423 -41.55 7.67 -1.14
CA GLU C 423 -41.82 6.51 -1.97
C GLU C 423 -41.97 6.96 -3.42
N MET C 424 -41.48 6.14 -4.34
CA MET C 424 -41.49 6.52 -5.74
C MET C 424 -42.03 5.38 -6.62
N VAL C 425 -42.49 5.76 -7.81
CA VAL C 425 -42.97 4.81 -8.80
C VAL C 425 -42.12 4.95 -10.06
N ASN C 426 -41.56 3.84 -10.53
CA ASN C 426 -40.67 3.82 -11.68
C ASN C 426 -41.36 3.17 -12.88
N TYR C 427 -41.38 3.87 -14.02
CA TYR C 427 -41.98 3.35 -15.25
C TYR C 427 -41.39 4.07 -16.47
N PHE C 428 -41.68 3.53 -17.66
CA PHE C 428 -41.09 4.03 -18.90
C PHE C 428 -42.10 4.85 -19.69
N LEU C 429 -41.81 6.13 -19.90
CA LEU C 429 -42.58 6.95 -20.82
C LEU C 429 -41.73 7.28 -22.04
N SER C 430 -42.42 7.47 -23.17
CA SER C 430 -41.83 7.97 -24.39
C SER C 430 -42.35 9.39 -24.65
N PRO C 431 -41.53 10.29 -25.24
CA PRO C 431 -40.12 10.21 -25.64
C PRO C 431 -39.18 9.79 -24.52
N ALA C 432 -38.02 9.23 -24.86
CA ALA C 432 -37.14 8.67 -23.85
C ALA C 432 -35.70 8.66 -24.36
N PHE C 433 -34.77 8.68 -23.40
CA PHE C 433 -33.39 8.30 -23.63
C PHE C 433 -33.22 6.83 -23.25
N ARG C 434 -32.52 6.09 -24.10
CA ARG C 434 -32.39 4.64 -23.93
C ARG C 434 -30.94 4.22 -24.07
N TYR C 435 -30.57 3.15 -23.37
CA TYR C 435 -29.24 2.60 -23.59
C TYR C 435 -29.24 1.81 -24.91
N GLN C 436 -28.06 1.60 -25.46
CA GLN C 436 -27.93 0.97 -26.76
C GLN C 436 -26.60 0.23 -26.80
N PRO C 437 -26.47 -0.77 -27.66
CA PRO C 437 -25.24 -1.54 -27.70
C PRO C 437 -24.07 -0.67 -28.16
N ASP C 438 -22.87 -1.07 -27.75
CA ASP C 438 -21.68 -0.42 -28.24
C ASP C 438 -21.60 -0.56 -29.76
N PRO C 439 -20.96 0.39 -30.45
CA PRO C 439 -20.87 0.28 -31.91
C PRO C 439 -20.05 -0.92 -32.36
N TRP C 440 -18.99 -1.27 -31.63
CA TRP C 440 -18.20 -2.45 -31.96
C TRP C 440 -18.88 -3.73 -31.43
N PHE D 28 -34.21 -17.10 -16.04
CA PHE D 28 -33.74 -16.66 -14.73
C PHE D 28 -33.02 -15.32 -14.79
N PRO D 29 -33.32 -14.44 -13.83
CA PRO D 29 -32.67 -13.11 -13.81
C PRO D 29 -31.15 -13.21 -13.75
N ARG D 30 -30.49 -12.50 -14.67
CA ARG D 30 -29.05 -12.33 -14.63
C ARG D 30 -28.71 -11.12 -13.76
N VAL D 31 -27.75 -11.30 -12.85
CA VAL D 31 -27.46 -10.36 -11.77
C VAL D 31 -25.96 -10.11 -11.76
N LYS D 32 -25.55 -8.84 -11.73
CA LYS D 32 -24.16 -8.46 -11.89
C LYS D 32 -23.63 -7.72 -10.67
N ASN D 33 -22.40 -8.04 -10.30
CA ASN D 33 -21.63 -7.20 -9.39
C ASN D 33 -20.77 -6.25 -10.23
N TRP D 34 -20.99 -4.95 -10.09
CA TRP D 34 -20.28 -3.95 -10.90
C TRP D 34 -18.93 -3.57 -10.33
N GLU D 35 -18.66 -3.90 -9.06
CA GLU D 35 -17.34 -3.64 -8.50
C GLU D 35 -16.32 -4.60 -9.08
N VAL D 36 -16.77 -5.81 -9.40
CA VAL D 36 -15.87 -6.92 -9.71
C VAL D 36 -16.07 -7.46 -11.12
N GLY D 37 -17.24 -7.27 -11.73
CA GLY D 37 -17.53 -7.78 -13.04
C GLY D 37 -18.29 -9.09 -13.05
N SER D 38 -18.49 -9.72 -11.90
CA SER D 38 -19.01 -11.08 -11.85
C SER D 38 -20.52 -11.10 -12.10
N ILE D 39 -21.01 -12.28 -12.51
CA ILE D 39 -22.39 -12.45 -12.97
C ILE D 39 -22.95 -13.76 -12.43
N THR D 40 -24.16 -13.72 -11.87
CA THR D 40 -24.86 -14.91 -11.41
C THR D 40 -26.31 -14.87 -11.89
N TYR D 41 -26.97 -16.02 -11.74
CA TYR D 41 -28.39 -16.15 -12.05
C TYR D 41 -29.14 -16.53 -10.78
N ASP D 42 -30.21 -15.80 -10.48
CA ASP D 42 -30.99 -16.07 -9.27
C ASP D 42 -32.12 -17.04 -9.63
N THR D 43 -31.78 -18.34 -9.65
CA THR D 43 -32.79 -19.36 -9.93
C THR D 43 -33.78 -19.50 -8.78
N LEU D 44 -33.38 -19.18 -7.55
CA LEU D 44 -34.29 -19.38 -6.42
C LEU D 44 -35.56 -18.55 -6.57
N SER D 45 -35.47 -17.39 -7.23
CA SER D 45 -36.62 -16.50 -7.38
C SER D 45 -37.76 -17.18 -8.13
N ALA D 46 -37.44 -18.16 -8.97
CA ALA D 46 -38.48 -18.86 -9.71
C ALA D 46 -39.47 -19.55 -8.78
N GLN D 47 -39.12 -19.73 -7.50
CA GLN D 47 -39.96 -20.41 -6.52
C GLN D 47 -40.69 -19.45 -5.59
N ALA D 48 -40.67 -18.15 -5.89
CA ALA D 48 -41.37 -17.15 -5.08
C ALA D 48 -42.85 -17.50 -4.96
N GLN D 49 -43.29 -17.76 -3.74
CA GLN D 49 -44.69 -18.09 -3.47
C GLN D 49 -45.56 -16.85 -3.57
N GLN D 50 -45.71 -16.10 -2.47
CA GLN D 50 -46.57 -14.93 -2.47
C GLN D 50 -46.04 -13.87 -3.44
N ASP D 51 -46.89 -12.89 -3.73
CA ASP D 51 -46.67 -11.98 -4.85
C ASP D 51 -46.44 -10.56 -4.37
N GLY D 52 -45.52 -9.87 -5.05
CA GLY D 52 -45.12 -8.54 -4.68
C GLY D 52 -45.92 -7.48 -5.40
N PRO D 53 -45.53 -6.22 -5.23
CA PRO D 53 -46.33 -5.10 -5.75
C PRO D 53 -45.97 -4.64 -7.16
N CYS D 54 -44.95 -5.22 -7.79
CA CYS D 54 -44.46 -4.73 -9.07
C CYS D 54 -45.14 -5.45 -10.21
N THR D 55 -45.23 -4.77 -11.35
CA THR D 55 -45.71 -5.34 -12.61
C THR D 55 -44.78 -4.89 -13.72
N PRO D 56 -44.88 -5.49 -14.91
CA PRO D 56 -44.11 -4.98 -16.06
C PRO D 56 -44.37 -3.52 -16.34
N ARG D 57 -45.52 -3.00 -15.93
CA ARG D 57 -45.89 -1.62 -16.20
C ARG D 57 -45.20 -0.63 -15.25
N ARG D 58 -44.95 -1.01 -13.99
CA ARG D 58 -44.44 -0.06 -13.01
C ARG D 58 -43.82 -0.83 -11.84
N CYS D 59 -42.69 -0.33 -11.36
CA CYS D 59 -41.98 -0.89 -10.22
C CYS D 59 -42.33 -0.10 -8.95
N LEU D 60 -42.67 -0.81 -7.89
CA LEU D 60 -43.03 -0.23 -6.60
C LEU D 60 -42.08 -0.72 -5.53
N GLY D 61 -40.82 -0.95 -5.90
CA GLY D 61 -39.86 -1.51 -4.97
C GLY D 61 -39.52 -0.59 -3.81
N SER D 62 -39.79 0.70 -3.92
CA SER D 62 -39.45 1.61 -2.83
C SER D 62 -40.56 1.73 -1.79
N LEU D 63 -41.69 1.06 -1.99
CA LEU D 63 -42.80 1.17 -1.04
C LEU D 63 -42.43 0.49 0.27
N VAL D 64 -42.73 1.15 1.39
CA VAL D 64 -42.37 0.60 2.69
C VAL D 64 -43.26 -0.61 3.03
N PHE D 65 -44.57 -0.46 2.85
CA PHE D 65 -45.52 -1.57 3.07
C PHE D 65 -46.20 -1.93 1.77
N PRO D 66 -45.70 -2.91 1.03
CA PRO D 66 -46.45 -3.37 -0.16
C PRO D 66 -47.90 -3.71 0.14
N ARG D 67 -48.15 -4.38 1.26
CA ARG D 67 -49.45 -4.95 1.56
C ARG D 67 -50.13 -4.32 2.78
N ALA D 79 -59.27 -22.97 4.89
CA ALA D 79 -59.05 -23.54 3.57
C ALA D 79 -58.11 -24.73 3.67
N PRO D 80 -58.68 -25.92 3.91
CA PRO D 80 -57.82 -27.10 4.16
C PRO D 80 -56.76 -27.33 3.10
N GLU D 81 -57.12 -27.28 1.82
CA GLU D 81 -56.17 -27.61 0.77
C GLU D 81 -55.04 -26.60 0.70
N GLN D 82 -55.34 -25.31 0.87
CA GLN D 82 -54.29 -24.32 0.78
C GLN D 82 -53.33 -24.46 1.96
N LEU D 83 -53.84 -24.72 3.16
CA LEU D 83 -52.96 -24.99 4.29
C LEU D 83 -52.07 -26.19 4.02
N LEU D 84 -52.64 -27.25 3.46
CA LEU D 84 -51.88 -28.48 3.19
C LEU D 84 -50.74 -28.25 2.19
N SER D 85 -50.99 -27.50 1.11
CA SER D 85 -49.91 -27.28 0.16
C SER D 85 -48.76 -26.48 0.79
N GLN D 86 -49.09 -25.51 1.64
CA GLN D 86 -48.03 -24.78 2.36
C GLN D 86 -47.32 -25.70 3.34
N ALA D 87 -48.05 -26.60 3.99
CA ALA D 87 -47.44 -27.49 4.97
C ALA D 87 -46.55 -28.51 4.29
N ARG D 88 -47.05 -29.14 3.21
CA ARG D 88 -46.23 -30.07 2.44
C ARG D 88 -44.93 -29.42 1.98
N ASP D 89 -45.01 -28.20 1.45
CA ASP D 89 -43.78 -27.56 0.99
C ASP D 89 -42.83 -27.32 2.14
N PHE D 90 -43.34 -26.88 3.29
CA PHE D 90 -42.48 -26.67 4.43
C PHE D 90 -41.80 -27.97 4.86
N ILE D 91 -42.56 -29.06 4.96
CA ILE D 91 -41.99 -30.35 5.38
C ILE D 91 -40.91 -30.80 4.40
N ASN D 92 -41.16 -30.62 3.10
CA ASN D 92 -40.14 -30.92 2.10
C ASN D 92 -38.90 -30.06 2.31
N GLN D 93 -39.08 -28.80 2.70
CA GLN D 93 -37.92 -27.96 2.97
C GLN D 93 -37.12 -28.54 4.13
N TYR D 94 -37.82 -28.93 5.19
CA TYR D 94 -37.16 -29.46 6.37
C TYR D 94 -36.40 -30.74 6.05
N TYR D 95 -37.03 -31.66 5.33
CA TYR D 95 -36.32 -32.90 5.08
C TYR D 95 -35.16 -32.71 4.13
N SER D 96 -35.22 -31.70 3.27
CA SER D 96 -34.05 -31.35 2.47
C SER D 96 -32.91 -30.86 3.36
N SER D 97 -33.23 -30.01 4.35
CA SER D 97 -32.17 -29.37 5.11
C SER D 97 -31.35 -30.39 5.89
N ILE D 98 -31.97 -31.48 6.34
CA ILE D 98 -31.26 -32.52 7.08
C ILE D 98 -30.87 -33.68 6.19
N LYS D 99 -31.00 -33.52 4.86
CA LYS D 99 -30.48 -34.50 3.89
C LYS D 99 -31.13 -35.86 4.07
N ARG D 100 -32.46 -35.87 4.06
CA ARG D 100 -33.25 -37.10 4.18
C ARG D 100 -34.52 -37.01 3.36
N SER D 101 -34.50 -36.31 2.24
CA SER D 101 -35.67 -36.22 1.39
C SER D 101 -36.04 -37.58 0.83
N GLY D 102 -37.32 -37.86 0.74
CA GLY D 102 -37.79 -39.15 0.28
C GLY D 102 -37.62 -40.31 1.23
N SER D 103 -37.02 -40.09 2.41
CA SER D 103 -36.88 -41.15 3.40
C SER D 103 -38.26 -41.55 3.93
N GLN D 104 -38.29 -42.69 4.66
CA GLN D 104 -39.53 -43.12 5.29
C GLN D 104 -40.06 -42.08 6.27
N ALA D 105 -39.15 -41.47 7.03
CA ALA D 105 -39.55 -40.46 8.01
C ALA D 105 -40.21 -39.27 7.33
N HIS D 106 -39.75 -38.94 6.12
CA HIS D 106 -40.30 -37.80 5.39
C HIS D 106 -41.71 -38.11 4.88
N GLU D 107 -41.88 -39.28 4.25
CA GLU D 107 -43.21 -39.75 3.87
C GLU D 107 -44.15 -39.81 5.07
N GLN D 108 -43.69 -40.38 6.18
CA GLN D 108 -44.58 -40.54 7.33
C GLN D 108 -44.99 -39.20 7.92
N ARG D 109 -44.08 -38.22 7.94
CA ARG D 109 -44.45 -36.93 8.50
C ARG D 109 -45.49 -36.22 7.62
N LEU D 110 -45.34 -36.30 6.29
CA LEU D 110 -46.34 -35.76 5.36
C LEU D 110 -47.71 -36.40 5.63
N GLN D 111 -47.78 -37.73 5.64
CA GLN D 111 -49.03 -38.41 5.97
C GLN D 111 -49.56 -37.95 7.32
N GLU D 112 -48.68 -37.82 8.31
CA GLU D 112 -49.11 -37.40 9.64
C GLU D 112 -49.74 -36.01 9.61
N VAL D 113 -49.11 -35.07 8.90
CA VAL D 113 -49.68 -33.71 8.82
C VAL D 113 -51.01 -33.74 8.07
N GLU D 114 -51.04 -34.46 6.96
CA GLU D 114 -52.26 -34.64 6.18
C GLU D 114 -53.42 -35.15 7.03
N ALA D 115 -53.16 -36.14 7.89
CA ALA D 115 -54.24 -36.68 8.70
C ALA D 115 -54.66 -35.73 9.81
N GLU D 116 -53.72 -34.93 10.33
CA GLU D 116 -54.10 -34.01 11.40
C GLU D 116 -54.92 -32.83 10.84
N VAL D 117 -54.56 -32.35 9.66
CA VAL D 117 -55.33 -31.28 9.03
C VAL D 117 -56.74 -31.77 8.70
N ALA D 118 -56.84 -33.02 8.26
CA ALA D 118 -58.14 -33.59 7.92
C ALA D 118 -59.02 -33.73 9.15
N ALA D 119 -58.43 -34.11 10.29
CA ALA D 119 -59.16 -34.32 11.54
C ALA D 119 -59.55 -33.02 12.21
N THR D 120 -58.67 -32.02 12.18
CA THR D 120 -58.80 -30.83 13.02
C THR D 120 -58.80 -29.53 12.24
N GLY D 121 -58.47 -29.56 10.94
CA GLY D 121 -58.30 -28.33 10.20
C GLY D 121 -56.99 -27.61 10.42
N THR D 122 -56.12 -28.13 11.30
CA THR D 122 -54.81 -27.53 11.55
C THR D 122 -53.83 -28.65 11.92
N TYR D 123 -52.61 -28.25 12.27
CA TYR D 123 -51.62 -29.22 12.71
C TYR D 123 -50.62 -28.52 13.62
N GLN D 124 -49.76 -29.30 14.23
CA GLN D 124 -48.73 -28.80 15.14
C GLN D 124 -47.37 -29.12 14.56
N LEU D 125 -46.46 -28.14 14.63
CA LEU D 125 -45.08 -28.40 14.24
C LEU D 125 -44.37 -29.25 15.29
N ARG D 126 -43.50 -30.13 14.84
CA ARG D 126 -42.55 -30.72 15.76
C ARG D 126 -41.57 -29.65 16.23
N GLU D 127 -40.98 -29.85 17.41
CA GLU D 127 -40.02 -28.88 17.95
C GLU D 127 -38.93 -28.57 16.92
N SER D 128 -38.33 -29.61 16.35
CA SER D 128 -37.26 -29.41 15.38
CA SER D 128 -37.26 -29.43 15.37
C SER D 128 -37.74 -28.65 14.14
N GLU D 129 -38.99 -28.85 13.73
CA GLU D 129 -39.52 -28.09 12.60
C GLU D 129 -39.68 -26.63 12.95
N LEU D 130 -40.05 -26.33 14.19
CA LEU D 130 -40.19 -24.95 14.62
C LEU D 130 -38.83 -24.25 14.62
N VAL D 131 -37.79 -24.92 15.11
CA VAL D 131 -36.45 -24.32 15.11
C VAL D 131 -36.02 -24.05 13.68
N PHE D 132 -36.22 -25.02 12.79
CA PHE D 132 -35.84 -24.83 11.41
C PHE D 132 -36.64 -23.70 10.76
N GLY D 133 -37.95 -23.67 11.01
CA GLY D 133 -38.79 -22.67 10.37
C GLY D 133 -38.39 -21.25 10.74
N ALA D 134 -38.06 -21.02 12.02
CA ALA D 134 -37.70 -19.67 12.45
C ALA D 134 -36.39 -19.24 11.83
N LYS D 135 -35.40 -20.15 11.77
CA LYS D 135 -34.15 -19.82 11.11
C LYS D 135 -34.36 -19.56 9.62
N GLN D 136 -35.33 -20.25 9.01
CA GLN D 136 -35.58 -20.03 7.59
C GLN D 136 -36.28 -18.72 7.33
N ALA D 137 -37.18 -18.35 8.24
CA ALA D 137 -37.85 -17.05 8.13
C ALA D 137 -36.83 -15.92 8.15
N TRP D 138 -35.85 -15.99 9.05
CA TRP D 138 -34.76 -15.00 9.08
C TRP D 138 -33.94 -15.07 7.79
N ARG D 139 -33.58 -16.28 7.38
CA ARG D 139 -32.82 -16.47 6.15
C ARG D 139 -33.51 -15.83 4.94
N ASN D 140 -34.84 -15.83 4.92
CA ASN D 140 -35.65 -15.33 3.81
C ASN D 140 -36.00 -13.85 3.92
N ALA D 141 -35.62 -13.15 4.98
CA ALA D 141 -36.06 -11.78 5.16
C ALA D 141 -35.26 -10.84 4.24
N PRO D 142 -35.88 -10.25 3.21
CA PRO D 142 -35.10 -9.57 2.16
C PRO D 142 -34.45 -8.28 2.60
N ARG D 143 -35.02 -7.59 3.59
CA ARG D 143 -34.48 -6.34 4.06
C ARG D 143 -33.49 -6.49 5.20
N CYS D 144 -33.08 -7.72 5.57
CA CYS D 144 -32.16 -7.92 6.71
C CYS D 144 -30.74 -8.08 6.21
N VAL D 145 -29.87 -7.13 6.60
CA VAL D 145 -28.46 -7.23 6.23
C VAL D 145 -27.67 -8.15 7.16
N GLY D 146 -28.25 -8.59 8.28
CA GLY D 146 -27.51 -9.42 9.21
C GLY D 146 -27.60 -10.93 9.03
N ARG D 147 -28.03 -11.38 7.84
CA ARG D 147 -28.36 -12.80 7.66
C ARG D 147 -27.17 -13.73 7.52
N ILE D 148 -25.92 -13.22 7.54
CA ILE D 148 -24.79 -14.15 7.64
C ILE D 148 -24.97 -15.07 8.88
N GLN D 149 -25.64 -14.58 9.90
CA GLN D 149 -25.77 -15.23 11.20
C GLN D 149 -26.95 -16.20 11.27
N TRP D 150 -27.67 -16.42 10.16
CA TRP D 150 -29.03 -16.96 10.26
C TRP D 150 -29.06 -18.34 10.92
N GLY D 151 -27.97 -19.12 10.82
CA GLY D 151 -27.93 -20.44 11.42
C GLY D 151 -27.70 -20.45 12.93
N LYS D 152 -27.24 -19.34 13.49
CA LYS D 152 -27.04 -19.22 14.94
C LYS D 152 -28.19 -18.38 15.46
N LEU D 153 -29.23 -19.07 15.87
CA LEU D 153 -30.43 -18.43 16.41
C LEU D 153 -30.92 -19.34 17.50
N GLN D 154 -31.05 -18.80 18.71
CA GLN D 154 -31.61 -19.55 19.82
C GLN D 154 -33.13 -19.42 19.74
N VAL D 155 -33.83 -20.56 19.66
CA VAL D 155 -35.28 -20.56 19.52
C VAL D 155 -35.87 -21.01 20.86
N PHE D 156 -36.57 -20.12 21.53
CA PHE D 156 -37.31 -20.49 22.73
C PHE D 156 -38.74 -20.89 22.35
N ASP D 157 -39.12 -22.10 22.74
CA ASP D 157 -40.45 -22.63 22.44
C ASP D 157 -41.41 -22.26 23.56
N ALA D 158 -42.24 -21.23 23.32
CA ALA D 158 -43.24 -20.83 24.31
C ALA D 158 -44.66 -21.21 23.88
N ARG D 159 -44.82 -22.30 23.14
CA ARG D 159 -46.15 -22.64 22.63
C ARG D 159 -47.08 -23.18 23.70
N ASP D 160 -46.59 -23.51 24.88
CA ASP D 160 -47.45 -23.90 26.00
C ASP D 160 -47.93 -22.72 26.81
N CYS D 161 -47.66 -21.50 26.36
CA CYS D 161 -47.98 -20.32 27.15
C CYS D 161 -49.49 -20.17 27.32
N ARG D 162 -49.91 -19.70 28.49
CA ARG D 162 -51.35 -19.65 28.74
C ARG D 162 -51.85 -18.38 29.43
N SER D 163 -50.99 -17.41 29.73
CA SER D 163 -51.50 -16.20 30.33
C SER D 163 -50.62 -15.05 29.89
N ALA D 164 -51.14 -13.83 30.07
CA ALA D 164 -50.25 -12.68 29.88
C ALA D 164 -49.12 -12.71 30.90
N GLN D 165 -49.39 -13.26 32.10
CA GLN D 165 -48.36 -13.34 33.12
C GLN D 165 -47.22 -14.27 32.70
N GLU D 166 -47.54 -15.42 32.10
CA GLU D 166 -46.47 -16.30 31.64
C GLU D 166 -45.76 -15.73 30.41
N MET D 167 -46.46 -14.94 29.59
CA MET D 167 -45.77 -14.24 28.51
C MET D 167 -44.61 -13.42 29.07
N PHE D 168 -44.87 -12.71 30.16
CA PHE D 168 -43.89 -11.80 30.73
C PHE D 168 -42.64 -12.56 31.21
N THR D 169 -42.84 -13.75 31.78
CA THR D 169 -41.71 -14.56 32.22
C THR D 169 -40.87 -15.01 31.05
N TYR D 170 -41.53 -15.51 29.99
CA TYR D 170 -40.84 -15.85 28.76
C TYR D 170 -40.08 -14.67 28.17
N ILE D 171 -40.66 -13.46 28.24
CA ILE D 171 -40.01 -12.30 27.62
C ILE D 171 -38.79 -11.87 28.42
N CYS D 172 -38.92 -11.84 29.74
CA CYS D 172 -37.77 -11.55 30.59
C CYS D 172 -36.67 -12.59 30.40
N ASN D 173 -37.02 -13.87 30.25
CA ASN D 173 -35.98 -14.85 29.97
C ASN D 173 -35.32 -14.60 28.62
N HIS D 174 -36.11 -14.23 27.60
CA HIS D 174 -35.56 -13.88 26.30
C HIS D 174 -34.54 -12.74 26.43
N ILE D 175 -34.95 -11.65 27.09
CA ILE D 175 -34.08 -10.47 27.21
C ILE D 175 -32.79 -10.82 27.93
N LYS D 176 -32.90 -11.64 28.98
CA LYS D 176 -31.71 -12.01 29.75
C LYS D 176 -30.74 -12.82 28.91
N TYR D 177 -31.25 -13.87 28.24
CA TYR D 177 -30.40 -14.68 27.38
C TYR D 177 -29.76 -13.83 26.28
N ALA D 178 -30.56 -12.99 25.62
CA ALA D 178 -30.10 -12.27 24.42
C ALA D 178 -29.11 -11.17 24.78
N THR D 179 -29.33 -10.50 25.91
CA THR D 179 -28.43 -9.43 26.32
C THR D 179 -27.09 -9.99 26.76
N ASN D 180 -27.11 -10.95 27.69
CA ASN D 180 -25.90 -11.66 28.08
C ASN D 180 -24.81 -10.66 28.48
N ARG D 181 -25.22 -9.68 29.29
CA ARG D 181 -24.40 -8.60 29.84
C ARG D 181 -23.50 -7.94 28.78
N GLY D 182 -24.05 -7.71 27.60
CA GLY D 182 -23.36 -7.01 26.54
C GLY D 182 -22.88 -7.89 25.40
N ASN D 183 -22.69 -9.19 25.63
CA ASN D 183 -22.24 -10.09 24.56
C ASN D 183 -23.48 -10.70 23.90
N LEU D 184 -24.06 -9.94 22.98
CA LEU D 184 -25.43 -10.18 22.54
C LEU D 184 -25.57 -11.45 21.70
N ARG D 185 -26.70 -12.14 21.87
CA ARG D 185 -26.97 -13.41 21.20
C ARG D 185 -28.34 -13.35 20.55
N SER D 186 -28.40 -13.78 19.30
CA SER D 186 -29.67 -13.78 18.58
C SER D 186 -30.63 -14.80 19.17
N ALA D 187 -31.91 -14.41 19.26
CA ALA D 187 -32.89 -15.27 19.87
C ALA D 187 -34.27 -14.90 19.35
N ILE D 188 -35.17 -15.89 19.40
CA ILE D 188 -36.59 -15.68 19.11
C ILE D 188 -37.37 -16.53 20.10
N THR D 189 -38.48 -15.99 20.60
CA THR D 189 -39.40 -16.71 21.45
C THR D 189 -40.74 -16.82 20.73
N VAL D 190 -41.23 -18.05 20.53
CA VAL D 190 -42.42 -18.29 19.73
C VAL D 190 -43.58 -18.64 20.66
N PHE D 191 -44.57 -17.77 20.72
CA PHE D 191 -45.78 -18.01 21.50
C PHE D 191 -46.78 -18.82 20.68
N PRO D 192 -47.90 -19.25 21.28
CA PRO D 192 -48.79 -20.18 20.56
C PRO D 192 -49.32 -19.63 19.24
N GLN D 193 -49.52 -20.54 18.30
CA GLN D 193 -49.99 -20.18 16.98
C GLN D 193 -51.44 -19.74 17.04
N ARG D 194 -51.82 -18.93 16.05
CA ARG D 194 -53.20 -18.56 15.84
C ARG D 194 -54.05 -19.81 15.63
N CYS D 195 -55.25 -19.80 16.17
CA CYS D 195 -56.12 -20.94 15.88
C CYS D 195 -57.57 -20.51 16.03
N PRO D 196 -58.49 -21.13 15.30
CA PRO D 196 -59.87 -20.66 15.33
C PRO D 196 -60.50 -20.87 16.70
N GLY D 197 -61.45 -20.00 17.03
CA GLY D 197 -62.15 -20.12 18.29
C GLY D 197 -61.37 -19.68 19.50
N ARG D 198 -60.29 -18.94 19.28
CA ARG D 198 -59.39 -18.46 20.31
C ARG D 198 -58.77 -17.19 19.78
N GLY D 199 -58.65 -16.17 20.62
CA GLY D 199 -57.93 -14.97 20.22
C GLY D 199 -56.43 -15.18 20.20
N ASP D 200 -55.75 -14.22 19.58
CA ASP D 200 -54.29 -14.25 19.42
C ASP D 200 -53.55 -13.80 20.68
N PHE D 201 -52.41 -14.41 20.94
CA PHE D 201 -51.39 -13.72 21.72
C PHE D 201 -50.82 -12.56 20.89
N ARG D 202 -50.62 -11.41 21.53
CA ARG D 202 -50.02 -10.27 20.86
C ARG D 202 -49.19 -9.48 21.86
N ILE D 203 -48.06 -8.98 21.40
CA ILE D 203 -47.30 -7.94 22.10
C ILE D 203 -47.60 -6.61 21.41
N TRP D 204 -48.16 -5.65 22.15
CA TRP D 204 -48.58 -4.43 21.48
C TRP D 204 -47.40 -3.55 21.12
N ASN D 205 -46.38 -3.52 21.97
CA ASN D 205 -45.18 -2.75 21.69
C ASN D 205 -44.53 -3.25 20.40
N SER D 206 -43.90 -2.32 19.68
CA SER D 206 -43.24 -2.68 18.43
C SER D 206 -41.88 -3.34 18.68
N GLN D 207 -41.24 -2.98 19.78
CA GLN D 207 -40.00 -3.61 20.23
C GLN D 207 -40.11 -3.87 21.71
N LEU D 208 -39.30 -4.80 22.22
CA LEU D 208 -39.34 -5.07 23.64
C LEU D 208 -38.84 -3.89 24.45
N VAL D 209 -37.87 -3.15 23.93
CA VAL D 209 -37.32 -1.99 24.62
C VAL D 209 -37.53 -0.78 23.74
N ARG D 210 -38.27 0.22 24.26
CA ARG D 210 -38.61 1.43 23.53
C ARG D 210 -38.66 2.59 24.49
N TYR D 211 -38.26 3.77 23.99
CA TYR D 211 -38.31 4.98 24.78
C TYR D 211 -39.66 5.66 24.59
N ALA D 212 -40.18 6.21 25.67
CA ALA D 212 -41.45 6.91 25.63
C ALA D 212 -41.35 8.17 24.77
N GLY D 213 -42.46 8.50 24.11
CA GLY D 213 -42.57 9.71 23.34
C GLY D 213 -43.83 10.47 23.72
N TYR D 214 -43.65 11.53 24.51
CA TYR D 214 -44.75 12.31 25.04
C TYR D 214 -45.09 13.46 24.09
N ARG D 215 -46.32 13.50 23.60
CA ARG D 215 -46.80 14.66 22.86
C ARG D 215 -46.72 15.89 23.76
N GLN D 216 -45.95 16.88 23.35
CA GLN D 216 -45.76 18.02 24.23
C GLN D 216 -46.78 19.10 23.93
N GLN D 217 -46.94 19.98 24.91
CA GLN D 217 -47.92 21.08 24.95
C GLN D 217 -48.32 21.61 23.58
N ASP D 218 -47.37 21.67 22.64
CA ASP D 218 -47.53 22.41 21.39
C ASP D 218 -48.04 21.58 20.23
N GLY D 219 -47.83 20.27 20.26
CA GLY D 219 -47.81 19.46 19.05
C GLY D 219 -46.42 18.97 18.72
N SER D 220 -45.42 19.34 19.53
CA SER D 220 -44.09 18.76 19.48
C SER D 220 -44.08 17.48 20.32
N VAL D 221 -42.89 16.92 20.55
CA VAL D 221 -42.75 15.63 21.26
C VAL D 221 -41.49 15.69 22.10
N ARG D 222 -41.57 15.13 23.31
CA ARG D 222 -40.39 14.91 24.14
C ARG D 222 -40.15 13.41 24.27
N GLY D 223 -38.92 12.99 24.02
CA GLY D 223 -38.62 11.58 23.89
C GLY D 223 -38.66 11.14 22.44
N ASP D 224 -39.11 9.91 22.18
CA ASP D 224 -39.00 9.34 20.84
C ASP D 224 -40.31 9.53 20.11
N PRO D 225 -40.34 10.29 19.00
CA PRO D 225 -41.62 10.52 18.29
C PRO D 225 -42.19 9.28 17.64
N ALA D 226 -41.35 8.29 17.32
CA ALA D 226 -41.86 7.06 16.74
C ALA D 226 -42.82 6.33 17.67
N ASN D 227 -42.76 6.60 18.98
CA ASN D 227 -43.49 5.83 19.99
C ASN D 227 -44.57 6.65 20.68
N VAL D 228 -45.08 7.68 20.01
CA VAL D 228 -46.17 8.47 20.57
C VAL D 228 -47.39 7.59 20.80
N GLU D 229 -47.74 6.78 19.80
CA GLU D 229 -49.00 6.03 19.85
C GLU D 229 -48.99 5.02 20.99
N ILE D 230 -47.93 4.23 21.09
CA ILE D 230 -47.87 3.20 22.14
C ILE D 230 -47.71 3.84 23.52
N THR D 231 -47.07 5.02 23.58
CA THR D 231 -46.97 5.74 24.86
C THR D 231 -48.35 6.11 25.39
N GLU D 232 -49.23 6.62 24.52
CA GLU D 232 -50.58 6.97 24.95
C GLU D 232 -51.37 5.75 25.39
N LEU D 233 -51.29 4.65 24.63
CA LEU D 233 -51.95 3.41 25.04
C LEU D 233 -51.45 2.95 26.41
N CYS D 234 -50.13 3.04 26.63
CA CYS D 234 -49.58 2.70 27.94
C CYS D 234 -50.19 3.56 29.04
N ILE D 235 -50.29 4.88 28.79
CA ILE D 235 -50.86 5.78 29.79
C ILE D 235 -52.29 5.38 30.08
N GLN D 236 -53.11 5.30 29.03
CA GLN D 236 -54.54 5.09 29.21
C GLN D 236 -54.82 3.67 29.67
N HIS D 237 -53.77 2.88 29.88
CA HIS D 237 -53.88 1.58 30.52
C HIS D 237 -53.30 1.56 31.93
N GLY D 238 -52.94 2.71 32.48
CA GLY D 238 -52.60 2.82 33.89
C GLY D 238 -51.16 3.19 34.20
N TRP D 239 -50.26 3.13 33.23
CA TRP D 239 -48.85 3.43 33.49
C TRP D 239 -48.69 4.85 34.01
N THR D 240 -47.92 5.00 35.08
CA THR D 240 -47.54 6.33 35.54
C THR D 240 -46.43 6.88 34.67
N PRO D 241 -46.66 7.95 33.92
CA PRO D 241 -45.66 8.40 32.94
C PRO D 241 -44.42 9.01 33.57
N GLY D 242 -43.50 9.43 32.72
CA GLY D 242 -42.38 10.23 33.15
C GLY D 242 -42.34 11.48 32.31
N ASN D 243 -41.24 12.21 32.34
CA ASN D 243 -41.05 13.30 31.40
C ASN D 243 -39.60 13.36 30.93
N GLY D 244 -38.94 12.20 30.84
CA GLY D 244 -37.59 12.12 30.31
C GLY D 244 -37.58 11.86 28.83
N ARG D 245 -36.38 12.01 28.24
CA ARG D 245 -36.18 11.69 26.84
C ARG D 245 -35.83 10.23 26.62
N PHE D 246 -35.47 9.50 27.67
CA PHE D 246 -35.07 8.11 27.55
C PHE D 246 -35.74 7.24 28.61
N ASP D 247 -37.06 7.37 28.72
CA ASP D 247 -37.87 6.56 29.63
C ASP D 247 -38.26 5.26 28.93
N VAL D 248 -37.80 4.14 29.48
CA VAL D 248 -38.18 2.85 28.90
C VAL D 248 -39.66 2.58 29.11
N LEU D 249 -40.35 2.19 28.04
CA LEU D 249 -41.78 1.92 28.11
C LEU D 249 -42.06 0.58 28.76
N PRO D 250 -43.20 0.45 29.45
CA PRO D 250 -43.63 -0.88 29.89
C PRO D 250 -44.14 -1.68 28.71
N LEU D 251 -44.39 -2.96 28.96
CA LEU D 251 -44.94 -3.85 27.94
C LEU D 251 -46.45 -3.95 28.12
N LEU D 252 -47.18 -3.87 27.01
CA LEU D 252 -48.60 -4.20 26.97
C LEU D 252 -48.71 -5.57 26.34
N LEU D 253 -49.05 -6.57 27.16
CA LEU D 253 -49.11 -7.97 26.75
C LEU D 253 -50.56 -8.45 26.68
N GLN D 254 -50.90 -9.10 25.58
CA GLN D 254 -52.27 -9.51 25.32
C GLN D 254 -52.31 -11.02 25.19
N ALA D 255 -53.05 -11.65 26.06
CA ALA D 255 -53.40 -13.07 26.03
C ALA D 255 -54.74 -13.24 25.31
N PRO D 256 -55.03 -14.44 24.81
CA PRO D 256 -56.25 -14.62 24.01
C PRO D 256 -57.49 -14.10 24.70
N ASP D 257 -58.22 -13.21 23.99
CA ASP D 257 -59.56 -12.76 24.36
C ASP D 257 -59.57 -11.98 25.67
N GLU D 258 -58.49 -11.27 25.93
CA GLU D 258 -58.31 -10.44 27.10
C GLU D 258 -57.82 -9.07 26.67
N PRO D 259 -58.17 -8.02 27.39
CA PRO D 259 -57.54 -6.72 27.16
C PRO D 259 -56.04 -6.81 27.41
N PRO D 260 -55.26 -5.88 26.87
CA PRO D 260 -53.81 -5.92 27.14
C PRO D 260 -53.53 -5.67 28.61
N GLU D 261 -52.46 -6.27 29.10
CA GLU D 261 -52.01 -6.12 30.48
C GLU D 261 -50.64 -5.43 30.49
N LEU D 262 -50.43 -4.64 31.53
CA LEU D 262 -49.25 -3.77 31.63
C LEU D 262 -48.21 -4.42 32.54
N PHE D 263 -46.98 -4.53 32.05
CA PHE D 263 -45.88 -5.09 32.83
C PHE D 263 -44.67 -4.16 32.73
N LEU D 264 -44.10 -3.84 33.89
CA LEU D 264 -42.88 -3.03 33.94
C LEU D 264 -41.65 -3.93 33.78
N LEU D 265 -40.74 -3.53 32.90
CA LEU D 265 -39.49 -4.27 32.77
C LEU D 265 -38.59 -3.96 33.96
N PRO D 266 -37.97 -4.98 34.56
CA PRO D 266 -37.02 -4.73 35.65
C PRO D 266 -35.83 -3.92 35.15
N PRO D 267 -35.54 -2.77 35.77
CA PRO D 267 -34.44 -1.93 35.28
C PRO D 267 -33.14 -2.67 35.01
N GLU D 268 -32.80 -3.67 35.82
CA GLU D 268 -31.52 -4.38 35.65
C GLU D 268 -31.53 -5.33 34.45
N LEU D 269 -32.66 -5.50 33.79
CA LEU D 269 -32.75 -6.33 32.60
C LEU D 269 -32.54 -5.53 31.31
N VAL D 270 -32.69 -4.21 31.37
CA VAL D 270 -32.64 -3.33 30.21
C VAL D 270 -31.28 -2.63 30.21
N LEU D 271 -30.34 -3.19 29.45
CA LEU D 271 -28.98 -2.64 29.36
C LEU D 271 -28.96 -1.48 28.37
N GLU D 272 -28.37 -0.38 28.80
CA GLU D 272 -28.32 0.86 28.04
C GLU D 272 -26.88 1.34 27.95
N VAL D 273 -26.61 2.15 26.93
CA VAL D 273 -25.28 2.67 26.65
C VAL D 273 -25.37 4.20 26.64
N PRO D 274 -24.69 4.89 27.55
CA PRO D 274 -24.57 6.34 27.41
C PRO D 274 -23.62 6.69 26.28
N LEU D 275 -24.00 7.70 25.51
CA LEU D 275 -23.27 8.07 24.31
C LEU D 275 -22.25 9.17 24.60
N GLU D 276 -21.00 8.91 24.25
CA GLU D 276 -19.96 9.92 24.31
C GLU D 276 -19.10 9.79 23.06
N HIS D 277 -18.32 10.85 22.77
CA HIS D 277 -17.52 10.81 21.56
C HIS D 277 -16.05 10.68 21.93
N PRO D 278 -15.25 9.90 21.19
CA PRO D 278 -13.87 9.67 21.64
C PRO D 278 -13.06 10.95 21.71
N THR D 279 -13.30 11.92 20.83
CA THR D 279 -12.60 13.18 20.93
C THR D 279 -13.47 14.39 21.23
N LEU D 280 -14.79 14.36 21.02
CA LEU D 280 -15.57 15.58 21.30
C LEU D 280 -16.20 15.49 22.68
N GLU D 281 -15.54 16.08 23.69
CA GLU D 281 -15.92 15.87 25.08
C GLU D 281 -17.27 16.48 25.41
N TRP D 282 -17.65 17.59 24.76
CA TRP D 282 -18.98 18.16 25.02
C TRP D 282 -20.11 17.23 24.59
N PHE D 283 -19.83 16.24 23.73
CA PHE D 283 -20.88 15.35 23.28
C PHE D 283 -21.58 14.67 24.46
N ALA D 284 -20.80 14.22 25.44
CA ALA D 284 -21.38 13.58 26.62
C ALA D 284 -22.44 14.45 27.28
N ALA D 285 -22.33 15.76 27.18
CA ALA D 285 -23.28 16.65 27.86
C ALA D 285 -24.64 16.72 27.17
N LEU D 286 -24.74 16.28 25.90
CA LEU D 286 -26.04 16.10 25.28
C LEU D 286 -26.93 15.13 26.06
N GLY D 287 -26.33 14.23 26.83
CA GLY D 287 -27.12 13.30 27.60
C GLY D 287 -27.86 12.28 26.76
N LEU D 288 -27.24 11.83 25.67
CA LEU D 288 -27.86 10.82 24.85
C LEU D 288 -27.55 9.42 25.39
N ARG D 289 -28.44 8.48 25.12
CA ARG D 289 -28.19 7.07 25.39
C ARG D 289 -29.02 6.26 24.42
N TRP D 290 -28.65 4.99 24.26
CA TRP D 290 -29.53 4.08 23.55
C TRP D 290 -29.49 2.72 24.25
N TYR D 291 -30.46 1.87 23.94
CA TYR D 291 -30.49 0.56 24.58
C TYR D 291 -29.69 -0.46 23.77
N ALA D 292 -29.29 -1.54 24.45
CA ALA D 292 -28.37 -2.50 23.83
C ALA D 292 -29.07 -3.39 22.81
N LEU D 293 -30.34 -3.73 23.05
CA LEU D 293 -30.96 -4.91 22.45
C LEU D 293 -32.06 -4.50 21.48
N PRO D 294 -31.89 -4.72 20.19
CA PRO D 294 -32.98 -4.46 19.25
C PRO D 294 -33.88 -5.69 19.13
N ALA D 295 -35.07 -5.64 19.69
CA ALA D 295 -35.91 -6.84 19.80
C ALA D 295 -37.30 -6.51 19.27
N VAL D 296 -37.53 -6.87 18.01
CA VAL D 296 -38.78 -6.55 17.34
C VAL D 296 -39.87 -7.52 17.80
N SER D 297 -41.03 -6.97 18.17
CA SER D 297 -42.07 -7.78 18.80
C SER D 297 -43.44 -7.70 18.13
N ASN D 298 -43.57 -6.98 17.01
CA ASN D 298 -44.88 -6.78 16.40
C ASN D 298 -45.03 -7.45 15.05
N MET D 299 -44.08 -8.29 14.64
CA MET D 299 -44.24 -9.00 13.39
C MET D 299 -44.84 -10.40 13.60
N LEU D 300 -45.39 -10.94 12.51
CA LEU D 300 -45.99 -12.26 12.51
C LEU D 300 -45.03 -13.23 11.85
N LEU D 301 -44.82 -14.38 12.47
CA LEU D 301 -44.01 -15.45 11.89
C LEU D 301 -44.94 -16.49 11.27
N GLU D 302 -44.68 -16.82 10.01
CA GLU D 302 -45.49 -17.80 9.27
C GLU D 302 -44.60 -18.96 8.90
N ILE D 303 -44.99 -20.17 9.32
CA ILE D 303 -44.24 -21.39 9.03
C ILE D 303 -45.22 -22.45 8.52
N GLY D 304 -45.06 -22.87 7.28
CA GLY D 304 -45.89 -23.94 6.74
C GLY D 304 -47.37 -23.69 6.85
N GLY D 305 -47.80 -22.45 6.64
CA GLY D 305 -49.21 -22.12 6.75
C GLY D 305 -49.70 -21.82 8.14
N LEU D 306 -48.92 -22.11 9.18
CA LEU D 306 -49.28 -21.72 10.52
C LEU D 306 -48.80 -20.31 10.81
N GLU D 307 -49.55 -19.59 11.61
CA GLU D 307 -49.27 -18.19 11.87
C GLU D 307 -49.02 -18.03 13.35
N PHE D 308 -47.90 -17.39 13.68
CA PHE D 308 -47.52 -17.06 15.06
C PHE D 308 -47.53 -15.55 15.22
N PRO D 309 -48.65 -14.95 15.68
CA PRO D 309 -48.72 -13.48 15.75
C PRO D 309 -47.85 -12.87 16.83
N ALA D 310 -47.36 -13.67 17.78
CA ALA D 310 -46.44 -13.17 18.80
C ALA D 310 -45.21 -14.06 18.78
N ALA D 311 -44.08 -13.50 18.33
CA ALA D 311 -42.84 -14.24 18.22
C ALA D 311 -41.69 -13.25 18.18
N PRO D 312 -41.42 -12.56 19.28
CA PRO D 312 -40.37 -11.52 19.28
C PRO D 312 -38.98 -12.09 19.03
N PHE D 313 -38.16 -11.35 18.28
CA PHE D 313 -36.84 -11.83 17.93
C PHE D 313 -35.85 -10.67 18.06
N SER D 314 -34.57 -11.01 18.23
CA SER D 314 -33.60 -9.96 18.50
C SER D 314 -32.23 -10.40 18.03
N GLY D 315 -31.41 -9.42 17.64
CA GLY D 315 -30.01 -9.67 17.37
C GLY D 315 -29.17 -8.62 18.06
N TRP D 316 -28.38 -7.88 17.28
CA TRP D 316 -27.63 -6.75 17.79
C TRP D 316 -27.67 -5.63 16.75
N TYR D 317 -27.34 -4.43 17.18
CA TYR D 317 -27.51 -3.26 16.33
C TYR D 317 -26.42 -3.15 15.29
N MET D 318 -26.81 -2.64 14.13
CA MET D 318 -25.88 -1.98 13.22
C MET D 318 -25.90 -0.49 13.56
N SER D 319 -24.71 0.12 13.65
CA SER D 319 -24.62 1.46 14.28
C SER D 319 -25.38 2.53 13.52
N THR D 320 -25.49 2.42 12.19
CA THR D 320 -26.29 3.42 11.48
C THR D 320 -27.75 3.42 11.89
N GLU D 321 -28.28 2.29 12.41
CA GLU D 321 -29.68 2.32 12.83
C GLU D 321 -29.87 3.30 13.98
N ILE D 322 -28.91 3.36 14.89
CA ILE D 322 -29.00 4.28 16.01
C ILE D 322 -28.54 5.67 15.60
N GLY D 323 -27.34 5.75 15.00
CA GLY D 323 -26.73 7.05 14.78
C GLY D 323 -27.42 7.86 13.70
N THR D 324 -27.65 7.24 12.54
CA THR D 324 -28.25 7.99 11.45
C THR D 324 -29.77 8.02 11.56
N ARG D 325 -30.42 6.85 11.65
CA ARG D 325 -31.88 6.82 11.63
C ARG D 325 -32.47 7.32 12.95
N ASN D 326 -32.18 6.66 14.07
CA ASN D 326 -32.89 6.99 15.31
C ASN D 326 -32.50 8.37 15.85
N LEU D 327 -31.26 8.81 15.67
CA LEU D 327 -30.89 10.10 16.24
C LEU D 327 -30.90 11.26 15.25
N CYS D 328 -30.74 10.99 13.94
CA CYS D 328 -30.70 12.07 12.96
C CYS D 328 -31.93 12.24 12.09
N ASP D 329 -32.82 11.24 12.00
CA ASP D 329 -34.04 11.45 11.22
C ASP D 329 -34.75 12.69 11.77
N PRO D 330 -35.22 13.59 10.90
CA PRO D 330 -35.88 14.81 11.38
C PRO D 330 -37.12 14.51 12.20
N HIS D 331 -37.76 13.38 11.95
CA HIS D 331 -38.97 12.96 12.64
C HIS D 331 -38.69 12.00 13.80
N ARG D 332 -37.43 11.84 14.17
CA ARG D 332 -37.03 11.08 15.36
C ARG D 332 -36.41 12.05 16.35
N TYR D 333 -35.21 11.77 16.90
CA TYR D 333 -34.65 12.66 17.90
C TYR D 333 -34.06 13.93 17.30
N ASN D 334 -33.65 13.88 16.03
CA ASN D 334 -33.37 15.08 15.24
C ASN D 334 -32.32 15.98 15.90
N ILE D 335 -31.15 15.39 16.18
CA ILE D 335 -30.05 16.08 16.86
C ILE D 335 -29.00 16.65 15.89
N LEU D 336 -29.14 16.38 14.60
CA LEU D 336 -28.10 16.72 13.62
C LEU D 336 -27.67 18.17 13.71
N GLU D 337 -28.63 19.10 13.70
CA GLU D 337 -28.27 20.51 13.59
C GLU D 337 -27.58 20.99 14.86
N ASP D 338 -28.03 20.51 16.02
CA ASP D 338 -27.42 20.91 17.27
C ASP D 338 -25.98 20.40 17.37
N VAL D 339 -25.75 19.15 16.99
CA VAL D 339 -24.39 18.63 16.96
C VAL D 339 -23.53 19.49 16.05
N ALA D 340 -24.03 19.82 14.85
CA ALA D 340 -23.25 20.56 13.87
C ALA D 340 -22.87 21.95 14.36
N VAL D 341 -23.79 22.61 15.06
CA VAL D 341 -23.47 23.92 15.64
C VAL D 341 -22.39 23.77 16.70
N CYS D 342 -22.53 22.78 17.59
CA CYS D 342 -21.48 22.51 18.56
C CYS D 342 -20.16 22.18 17.89
N MET D 343 -20.18 21.52 16.72
CA MET D 343 -18.92 21.27 16.00
C MET D 343 -18.40 22.52 15.31
N ASP D 344 -19.12 23.64 15.41
CA ASP D 344 -18.73 24.89 14.80
C ASP D 344 -18.73 24.80 13.27
N LEU D 345 -19.69 24.06 12.72
CA LEU D 345 -19.85 23.95 11.27
C LEU D 345 -20.71 25.08 10.74
N ASP D 346 -20.51 25.43 9.47
CA ASP D 346 -21.32 26.46 8.83
C ASP D 346 -22.64 25.85 8.40
N THR D 347 -23.68 26.00 9.23
CA THR D 347 -24.97 25.37 8.96
C THR D 347 -25.87 26.23 8.08
N ARG D 348 -25.41 27.37 7.60
CA ARG D 348 -26.26 28.24 6.80
C ARG D 348 -26.16 27.98 5.30
N THR D 349 -25.28 27.07 4.87
CA THR D 349 -25.19 26.68 3.46
C THR D 349 -25.06 25.16 3.38
N THR D 350 -25.82 24.55 2.46
CA THR D 350 -25.73 23.10 2.29
C THR D 350 -24.36 22.70 1.79
N SER D 351 -23.70 23.55 0.99
CA SER D 351 -22.48 23.12 0.32
C SER D 351 -21.30 23.00 1.27
N SER D 352 -21.43 23.38 2.53
CA SER D 352 -20.38 23.00 3.47
C SER D 352 -20.46 21.53 3.88
N LEU D 353 -21.54 20.82 3.54
CA LEU D 353 -21.71 19.43 3.95
C LEU D 353 -21.68 19.30 5.48
N TRP D 354 -22.18 20.31 6.17
CA TRP D 354 -22.29 20.21 7.62
C TRP D 354 -23.10 19.00 8.04
N LYS D 355 -24.17 18.68 7.31
CA LYS D 355 -25.02 17.54 7.69
C LYS D 355 -24.23 16.25 7.66
N ASP D 356 -23.48 16.03 6.57
CA ASP D 356 -22.70 14.81 6.41
C ASP D 356 -21.63 14.69 7.49
N LYS D 357 -20.94 15.80 7.78
CA LYS D 357 -19.91 15.78 8.82
C LYS D 357 -20.49 15.48 10.19
N ALA D 358 -21.59 16.12 10.55
CA ALA D 358 -22.15 15.89 11.88
C ALA D 358 -22.71 14.46 12.00
N ALA D 359 -23.26 13.92 10.90
CA ALA D 359 -23.78 12.57 10.96
C ALA D 359 -22.66 11.55 11.15
N VAL D 360 -21.54 11.74 10.44
CA VAL D 360 -20.42 10.83 10.62
C VAL D 360 -19.96 10.84 12.08
N GLU D 361 -19.85 12.02 12.70
CA GLU D 361 -19.37 12.04 14.08
C GLU D 361 -20.37 11.40 15.06
N ILE D 362 -21.68 11.53 14.79
CA ILE D 362 -22.66 10.86 15.64
C ILE D 362 -22.51 9.35 15.51
N ASN D 363 -22.22 8.85 14.30
CA ASN D 363 -22.04 7.41 14.15
C ASN D 363 -20.75 6.94 14.80
N VAL D 364 -19.69 7.76 14.77
CA VAL D 364 -18.48 7.49 15.53
C VAL D 364 -18.79 7.41 17.03
N ALA D 365 -19.58 8.33 17.54
CA ALA D 365 -19.90 8.32 18.96
C ALA D 365 -20.62 7.03 19.35
N VAL D 366 -21.56 6.56 18.52
CA VAL D 366 -22.33 5.36 18.86
C VAL D 366 -21.40 4.14 18.91
N LEU D 367 -20.59 3.96 17.85
CA LEU D 367 -19.63 2.85 17.82
C LEU D 367 -18.69 2.89 19.01
N HIS D 368 -18.06 4.05 19.24
CA HIS D 368 -17.10 4.13 20.34
C HIS D 368 -17.79 3.87 21.68
N SER D 369 -19.02 4.36 21.85
CA SER D 369 -19.74 4.20 23.11
C SER D 369 -20.12 2.75 23.38
N TYR D 370 -20.55 2.03 22.34
CA TYR D 370 -20.90 0.62 22.56
C TYR D 370 -19.65 -0.20 22.81
N GLN D 371 -18.58 0.05 22.05
CA GLN D 371 -17.34 -0.67 22.29
C GLN D 371 -16.81 -0.41 23.69
N LEU D 372 -16.85 0.85 24.12
CA LEU D 372 -16.45 1.20 25.49
C LEU D 372 -17.26 0.43 26.51
N ALA D 373 -18.59 0.35 26.31
CA ALA D 373 -19.47 -0.36 27.22
C ALA D 373 -19.38 -1.88 27.06
N LYS D 374 -18.62 -2.37 26.06
CA LYS D 374 -18.50 -3.80 25.78
C LYS D 374 -19.87 -4.41 25.44
N VAL D 375 -20.64 -3.68 24.65
CA VAL D 375 -21.91 -4.14 24.11
C VAL D 375 -21.73 -4.34 22.61
N THR D 376 -22.11 -5.53 22.12
CA THR D 376 -21.99 -5.86 20.71
C THR D 376 -22.63 -4.79 19.83
N ILE D 377 -21.93 -4.46 18.75
CA ILE D 377 -22.45 -3.57 17.73
C ILE D 377 -21.62 -3.82 16.49
N VAL D 378 -22.19 -3.59 15.32
CA VAL D 378 -21.44 -3.76 14.07
C VAL D 378 -21.58 -2.49 13.25
N ASP D 379 -20.47 -2.01 12.68
CA ASP D 379 -20.59 -0.84 11.83
C ASP D 379 -21.08 -1.27 10.43
N HIS D 380 -21.52 -0.29 9.63
CA HIS D 380 -22.17 -0.63 8.36
C HIS D 380 -21.18 -1.16 7.32
N HIS D 381 -19.88 -0.90 7.48
CA HIS D 381 -18.92 -1.46 6.54
C HIS D 381 -18.73 -2.96 6.75
N ALA D 382 -18.60 -3.36 8.01
CA ALA D 382 -18.42 -4.77 8.30
C ALA D 382 -19.71 -5.54 8.11
N ALA D 383 -20.85 -4.91 8.40
CA ALA D 383 -22.15 -5.57 8.18
C ALA D 383 -22.37 -5.87 6.70
N THR D 384 -22.11 -4.89 5.82
CA THR D 384 -22.35 -5.11 4.40
C THR D 384 -21.33 -6.07 3.79
N ALA D 385 -20.07 -6.03 4.25
CA ALA D 385 -19.11 -7.03 3.80
C ALA D 385 -19.54 -8.45 4.19
N SER D 386 -20.10 -8.62 5.39
CA SER D 386 -20.55 -9.94 5.80
C SER D 386 -21.74 -10.38 4.95
N PHE D 387 -22.62 -9.43 4.62
CA PHE D 387 -23.73 -9.75 3.74
C PHE D 387 -23.26 -10.21 2.36
N MET D 388 -22.20 -9.60 1.82
CA MET D 388 -21.67 -10.07 0.55
C MET D 388 -21.23 -11.54 0.64
N LYS D 389 -20.65 -11.92 1.78
CA LYS D 389 -20.28 -13.32 1.95
C LYS D 389 -21.52 -14.20 2.04
N HIS D 390 -22.59 -13.71 2.67
CA HIS D 390 -23.86 -14.42 2.72
C HIS D 390 -24.43 -14.66 1.30
N LEU D 391 -24.42 -13.62 0.45
CA LEU D 391 -24.90 -13.79 -0.91
C LEU D 391 -24.15 -14.90 -1.62
N GLU D 392 -22.83 -14.91 -1.46
CA GLU D 392 -22.01 -15.96 -2.05
C GLU D 392 -22.39 -17.34 -1.50
N ASN D 393 -22.56 -17.46 -0.18
CA ASN D 393 -22.98 -18.75 0.39
C ASN D 393 -24.32 -19.18 -0.18
N GLU D 394 -25.29 -18.26 -0.20
CA GLU D 394 -26.64 -18.61 -0.61
C GLU D 394 -26.71 -18.93 -2.09
N GLN D 395 -25.85 -18.32 -2.91
CA GLN D 395 -25.82 -18.72 -4.32
C GLN D 395 -25.45 -20.19 -4.45
N LYS D 396 -24.47 -20.66 -3.67
CA LYS D 396 -24.09 -22.07 -3.66
C LYS D 396 -25.19 -22.94 -3.09
N ALA D 397 -25.75 -22.54 -1.94
CA ALA D 397 -26.68 -23.40 -1.23
C ALA D 397 -28.05 -23.47 -1.91
N ARG D 398 -28.56 -22.35 -2.44
CA ARG D 398 -29.93 -22.30 -2.95
C ARG D 398 -30.07 -21.66 -4.33
N GLY D 399 -28.98 -21.19 -4.94
CA GLY D 399 -29.07 -20.56 -6.23
C GLY D 399 -29.64 -19.16 -6.22
N GLY D 400 -29.55 -18.46 -5.09
CA GLY D 400 -30.06 -17.12 -5.02
C GLY D 400 -30.33 -16.75 -3.58
N CYS D 401 -30.76 -15.50 -3.42
CA CYS D 401 -31.02 -14.92 -2.12
C CYS D 401 -31.94 -13.73 -2.28
N PRO D 402 -33.11 -13.71 -1.65
CA PRO D 402 -33.97 -12.51 -1.77
C PRO D 402 -33.37 -11.34 -1.01
N ALA D 403 -33.20 -10.21 -1.71
CA ALA D 403 -32.57 -9.06 -1.10
C ALA D 403 -33.22 -7.79 -1.61
N ASP D 404 -33.52 -6.88 -0.70
CA ASP D 404 -34.16 -5.62 -1.03
C ASP D 404 -33.07 -4.52 -1.02
N TRP D 405 -32.57 -4.18 -2.20
CA TRP D 405 -31.41 -3.28 -2.33
C TRP D 405 -31.60 -2.00 -1.52
N ALA D 406 -32.75 -1.36 -1.64
CA ALA D 406 -32.97 -0.08 -0.96
C ALA D 406 -32.89 -0.20 0.57
N TRP D 407 -33.12 -1.39 1.13
CA TRP D 407 -32.95 -1.58 2.57
C TRP D 407 -31.60 -2.19 2.95
N ILE D 408 -30.94 -2.89 2.02
CA ILE D 408 -29.65 -3.49 2.33
C ILE D 408 -28.53 -2.42 2.31
N VAL D 409 -28.62 -1.44 1.42
CA VAL D 409 -27.64 -0.34 1.38
C VAL D 409 -27.85 0.56 2.60
N PRO D 410 -26.82 0.86 3.38
CA PRO D 410 -27.01 1.64 4.61
C PRO D 410 -27.38 3.08 4.30
N PRO D 411 -27.96 3.79 5.27
CA PRO D 411 -28.51 5.13 4.99
C PRO D 411 -27.46 6.24 4.96
N ILE D 412 -26.20 5.98 5.32
CA ILE D 412 -25.10 6.87 4.96
C ILE D 412 -24.07 6.04 4.20
N SER D 413 -23.32 6.71 3.33
CA SER D 413 -22.12 6.14 2.71
C SER D 413 -22.44 4.94 1.79
N GLY D 414 -23.63 4.93 1.19
CA GLY D 414 -24.06 3.77 0.43
C GLY D 414 -23.03 3.24 -0.54
N SER D 415 -22.51 4.09 -1.43
CA SER D 415 -21.61 3.57 -2.45
C SER D 415 -20.23 3.25 -1.90
N LEU D 416 -19.94 3.59 -0.65
CA LEU D 416 -18.70 3.16 -0.05
C LEU D 416 -18.76 1.72 0.42
N THR D 417 -19.96 1.11 0.45
CA THR D 417 -20.07 -0.30 0.86
C THR D 417 -20.26 -1.18 -0.37
N PRO D 418 -19.83 -2.44 -0.32
CA PRO D 418 -19.90 -3.28 -1.52
C PRO D 418 -21.30 -3.65 -1.97
N VAL D 419 -22.32 -3.60 -1.09
CA VAL D 419 -23.67 -4.00 -1.51
C VAL D 419 -24.22 -3.01 -2.52
N PHE D 420 -23.76 -1.75 -2.48
CA PHE D 420 -24.23 -0.74 -3.42
C PHE D 420 -24.03 -1.20 -4.86
N HIS D 421 -22.91 -1.86 -5.13
CA HIS D 421 -22.54 -2.23 -6.48
C HIS D 421 -23.04 -3.61 -6.87
N GLN D 422 -23.90 -4.22 -6.04
CA GLN D 422 -24.41 -5.57 -6.26
C GLN D 422 -25.87 -5.49 -6.68
N GLU D 423 -26.17 -5.94 -7.90
CA GLU D 423 -27.56 -6.08 -8.28
C GLU D 423 -28.23 -7.15 -7.41
N MET D 424 -29.51 -6.96 -7.11
CA MET D 424 -30.24 -7.85 -6.23
C MET D 424 -31.61 -8.15 -6.81
N VAL D 425 -32.19 -9.28 -6.39
CA VAL D 425 -33.52 -9.70 -6.78
C VAL D 425 -34.36 -9.82 -5.52
N ASN D 426 -35.50 -9.13 -5.49
CA ASN D 426 -36.36 -9.12 -4.31
C ASN D 426 -37.56 -10.02 -4.58
N TYR D 427 -37.90 -10.87 -3.61
CA TYR D 427 -39.06 -11.75 -3.75
C TYR D 427 -39.37 -12.37 -2.39
N PHE D 428 -40.53 -13.02 -2.30
CA PHE D 428 -41.05 -13.50 -1.03
C PHE D 428 -41.00 -15.02 -0.99
N LEU D 429 -40.20 -15.57 -0.09
CA LEU D 429 -40.23 -17.00 0.23
C LEU D 429 -40.86 -17.20 1.60
N SER D 430 -41.38 -18.42 1.81
CA SER D 430 -41.89 -18.86 3.09
C SER D 430 -41.04 -20.03 3.59
N PRO D 431 -40.86 -20.17 4.92
CA PRO D 431 -41.24 -19.38 6.10
C PRO D 431 -40.82 -17.91 6.03
N ALA D 432 -41.59 -17.03 6.68
CA ALA D 432 -41.37 -15.61 6.50
C ALA D 432 -41.81 -14.86 7.75
N PHE D 433 -41.14 -13.74 8.00
CA PHE D 433 -41.62 -12.71 8.91
C PHE D 433 -42.45 -11.71 8.10
N ARG D 434 -43.62 -11.36 8.62
CA ARG D 434 -44.56 -10.49 7.93
C ARG D 434 -45.03 -9.38 8.87
N TYR D 435 -45.34 -8.24 8.28
CA TYR D 435 -45.97 -7.17 9.04
C TYR D 435 -47.42 -7.54 9.29
N GLN D 436 -47.98 -7.01 10.36
CA GLN D 436 -49.37 -7.29 10.67
C GLN D 436 -49.98 -6.04 11.27
N PRO D 437 -51.29 -5.88 11.15
CA PRO D 437 -51.94 -4.66 11.65
C PRO D 437 -51.80 -4.55 13.17
N ASP D 438 -51.73 -3.31 13.63
CA ASP D 438 -51.69 -3.06 15.06
C ASP D 438 -52.92 -3.65 15.73
N PRO D 439 -52.76 -4.29 16.90
CA PRO D 439 -53.88 -4.99 17.53
C PRO D 439 -54.97 -4.07 18.04
N TRP D 440 -54.83 -2.76 17.91
CA TRP D 440 -55.87 -1.85 18.34
C TRP D 440 -56.51 -1.15 17.13
CHA HEM E . 31.20 -14.41 11.88
CHB HEM E . 26.77 -13.62 13.74
CHC HEM E . 27.92 -16.49 17.48
CHD HEM E . 32.56 -16.49 16.08
C1A HEM E . 29.87 -14.04 11.98
C2A HEM E . 29.02 -13.49 10.93
C3A HEM E . 27.81 -13.28 11.45
C4A HEM E . 27.83 -13.69 12.84
CMA HEM E . 26.58 -12.69 10.72
CAA HEM E . 29.41 -13.19 9.47
CBA HEM E . 29.82 -14.48 8.75
CGA HEM E . 29.44 -14.43 7.30
O1A HEM E . 28.50 -13.69 6.94
O2A HEM E . 30.07 -15.17 6.49
C1B HEM E . 26.68 -14.32 14.92
C2B HEM E . 25.53 -14.41 15.80
C3B HEM E . 25.84 -15.18 16.84
C4B HEM E . 27.21 -15.65 16.65
CMB HEM E . 24.15 -13.71 15.60
CAB HEM E . 24.85 -15.52 17.98
CBB HEM E . 25.26 -15.96 19.19
C1C HEM E . 29.27 -16.77 17.44
C2C HEM E . 30.01 -17.60 18.36
C3C HEM E . 31.30 -17.61 17.98
C4C HEM E . 31.41 -16.77 16.80
CMC HEM E . 29.32 -18.34 19.55
CAC HEM E . 32.54 -18.32 18.59
CBC HEM E . 32.53 -18.96 19.76
C1D HEM E . 32.60 -15.96 14.80
C2D HEM E . 33.76 -15.87 13.95
C3D HEM E . 33.39 -15.31 12.78
C4D HEM E . 31.97 -14.99 12.86
CMD HEM E . 35.19 -16.33 14.30
CAD HEM E . 34.35 -15.00 11.63
CBD HEM E . 34.86 -13.66 12.12
CGD HEM E . 36.24 -13.26 11.69
O1D HEM E . 36.82 -13.86 10.74
O2D HEM E . 36.74 -12.30 12.33
NA HEM E . 29.11 -14.13 13.11
NB HEM E . 27.68 -15.09 15.48
NC HEM E . 30.16 -16.29 16.51
ND HEM E . 31.53 -15.42 14.11
FE HEM E . 29.68 -14.89 14.98
N1 H4B F . 30.29 -9.92 4.92
C2 H4B F . 29.85 -11.04 5.53
N2 H4B F . 29.18 -10.95 6.72
N3 H4B F . 30.06 -12.25 4.98
C4 H4B F . 30.71 -12.37 3.80
O4 H4B F . 30.89 -13.51 3.32
C4A H4B F . 31.18 -11.22 3.16
C8A H4B F . 30.95 -9.98 3.75
N5 H4B F . 31.84 -11.27 1.99
N8 H4B F . 31.41 -8.85 3.15
C6 H4B F . 32.76 -10.20 1.66
C7 H4B F . 32.13 -8.82 1.89
C9 H4B F . 33.27 -10.37 0.23
O9 H4B F . 32.21 -10.61 -0.68
C10 H4B F . 34.02 -9.13 -0.25
C11 H4B F . 34.62 -9.37 -1.63
O10 H4B F . 35.04 -8.80 0.71
C11 A1BUD G . 28.78 -19.00 15.00
C02 A1BUD G . 26.37 -17.16 12.73
C03 A1BUD G . 26.89 -17.82 13.84
C04 A1BUD G . 28.19 -18.29 13.81
C05 A1BUD G . 28.95 -18.10 12.66
C06 A1BUD G . 30.27 -18.55 12.59
C07 A1BUD G . 31.02 -18.35 11.44
C08 A1BUD G . 30.48 -17.71 10.34
C09 A1BUD G . 29.17 -17.26 10.42
C10 A1BUD G . 28.41 -17.45 11.57
C21 A1BUD G . 31.32 -17.52 9.12
C22 A1BUD G . 32.58 -16.94 9.23
C23 A1BUD G . 33.39 -16.74 8.12
C24 A1BUD G . 32.91 -17.12 6.88
C25 A1BUD G . 31.65 -17.70 6.76
C26 A1BUD G . 30.85 -17.89 7.87
C27 A1BUD G . 31.14 -18.11 5.39
F12 A1BUD G . 32.29 -18.80 11.39
N01 A1BUD G . 27.13 -17.01 11.63
N02 A1BUD G . 25.09 -16.70 12.73
N28 A1BUD G . 31.14 -16.90 4.54
C1 BTB H . 3.42 -18.28 -9.52
O1 BTB H . 4.17 -18.75 -10.64
C2 BTB H . 2.19 -17.50 -9.98
C3 BTB H . 2.63 -16.11 -10.48
O3 BTB H . 1.69 -15.25 -11.18
C4 BTB H . 1.49 -18.35 -11.03
O4 BTB H . 1.26 -17.68 -12.28
N BTB H . 1.24 -17.46 -8.83
C5 BTB H . 1.52 -16.39 -7.86
C6 BTB H . 0.21 -15.69 -7.55
O6 BTB H . -0.11 -14.71 -8.55
C7 BTB H . 1.13 -18.77 -8.18
C8 BTB H . -0.34 -19.14 -8.03
O8 BTB H . -0.98 -19.03 -9.31
C1 BTB I . 15.41 -13.29 -20.48
O1 BTB I . 13.99 -13.36 -20.38
C2 BTB I . 16.04 -12.99 -19.10
C3 BTB I . 15.25 -13.66 -17.99
O3 BTB I . 15.98 -13.49 -16.78
C4 BTB I . 17.43 -13.63 -19.05
O4 BTB I . 17.74 -13.94 -17.69
N BTB I . 16.08 -11.54 -18.80
C5 BTB I . 15.24 -10.71 -19.71
C6 BTB I . 14.01 -10.18 -18.96
O6 BTB I . 13.29 -11.26 -18.37
C7 BTB I . 17.44 -10.98 -18.77
C8 BTB I . 17.68 -10.40 -17.39
O8 BTB I . 16.70 -10.94 -16.47
C1 BTB J . 46.33 -49.00 8.63
O1 BTB J . 46.38 -48.82 7.21
C2 BTB J . 45.58 -47.85 9.30
C3 BTB J . 45.55 -46.65 8.36
O3 BTB J . 44.70 -46.94 7.25
C4 BTB J . 44.16 -48.27 9.64
O4 BTB J . 43.23 -47.82 8.64
N BTB J . 46.30 -47.53 10.55
C5 BTB J . 47.71 -47.18 10.29
C6 BTB J . 48.00 -45.71 10.54
O6 BTB J . 47.49 -45.33 11.82
C7 BTB J . 46.31 -48.72 11.41
C8 BTB J . 45.86 -48.43 12.84
O8 BTB J . 44.48 -48.04 12.84
C1 GOL K . 36.00 -29.01 35.94
O1 GOL K . 34.77 -28.32 35.89
C2 GOL K . 36.20 -29.70 34.60
O2 GOL K . 35.01 -29.66 33.86
C3 GOL K . 36.62 -31.13 34.82
O3 GOL K . 37.92 -31.26 34.29
C1 GOL L . 24.27 -35.14 -22.99
O1 GOL L . 25.00 -35.72 -24.06
C2 GOL L . 25.02 -33.96 -22.36
O2 GOL L . 24.18 -33.31 -21.42
C3 GOL L . 25.51 -32.94 -23.37
O3 GOL L . 25.89 -31.78 -22.68
CL CL M . 25.57 -20.43 6.70
GD GD N . -0.51 -16.56 -10.50
ZN ZN O . 43.01 -1.18 5.01
C1 GOL P . 4.26 -10.20 -14.38
O1 GOL P . 3.67 -9.12 -15.00
C2 GOL P . 5.29 -10.38 -15.43
O2 GOL P . 4.59 -9.87 -16.51
C3 GOL P . 5.66 -11.85 -15.61
O3 GOL P . 6.97 -12.08 -15.12
CHA HEM Q . 31.70 9.74 -5.78
CHB HEM Q . 28.49 8.08 -9.01
CHC HEM Q . 30.13 11.26 -12.33
CHD HEM Q . 33.99 12.05 -9.45
C1A HEM Q . 30.61 9.10 -6.30
C2A HEM Q . 29.59 8.36 -5.58
C3A HEM Q . 28.70 7.90 -6.46
C4A HEM Q . 29.12 8.34 -7.78
CMA HEM Q . 27.44 7.05 -6.17
CAA HEM Q . 29.59 8.16 -4.04
CBA HEM Q . 28.92 9.36 -3.41
CGA HEM Q . 28.42 9.02 -2.03
O1A HEM Q . 27.61 8.09 -1.89
O2A HEM Q . 28.81 9.70 -1.05
C1B HEM Q . 28.63 8.80 -10.19
C2B HEM Q . 27.78 8.70 -11.36
C3B HEM Q . 28.22 9.55 -12.29
C4B HEM Q . 29.37 10.26 -11.74
CMB HEM Q . 26.56 7.76 -11.53
CAB HEM Q . 27.52 9.70 -13.67
CBB HEM Q . 28.09 10.31 -14.73
C1C HEM Q . 31.31 11.78 -11.84
C2C HEM Q . 32.13 12.80 -12.50
C3C HEM Q . 33.20 13.05 -11.69
C4C HEM Q . 33.10 12.15 -10.52
CMC HEM Q . 31.72 13.45 -13.83
CAC HEM Q . 34.40 14.01 -11.89
CBC HEM Q . 34.83 14.40 -13.10
C1D HEM Q . 33.68 11.54 -8.20
C2D HEM Q . 34.44 11.73 -6.98
C3D HEM Q . 33.81 11.12 -5.98
C4D HEM Q . 32.62 10.49 -6.50
CMD HEM Q . 35.75 12.52 -6.84
CAD HEM Q . 34.33 11.09 -4.53
CBD HEM Q . 35.14 9.81 -4.60
CGD HEM Q . 36.39 9.73 -3.77
O1D HEM Q . 36.47 10.38 -2.68
O2D HEM Q . 37.29 8.97 -4.20
NA HEM Q . 30.29 9.05 -7.63
NB HEM Q . 29.58 9.75 -10.46
NC HEM Q . 31.93 11.43 -10.66
ND HEM Q . 32.58 10.77 -7.86
FE HEM Q . 31.26 9.98 -9.27
N1 H4B R . 29.55 4.88 0.60
C2 H4B R . 29.11 5.88 -0.19
N2 H4B R . 28.96 5.68 -1.53
N3 H4B R . 28.82 7.10 0.35
C4 H4B R . 28.98 7.33 1.68
O4 H4B R . 28.70 8.45 2.12
C4A H4B R . 29.43 6.31 2.51
C8A H4B R . 29.71 5.06 1.94
N5 H4B R . 29.60 6.48 3.85
N8 H4B R . 30.18 4.05 2.70
C6 H4B R . 30.55 5.61 4.53
C7 H4B R . 30.37 4.15 4.14
C9 H4B R . 30.58 5.89 6.05
O9 H4B R . 29.27 6.01 6.59
C10 H4B R . 31.30 4.81 6.85
C11 H4B R . 31.68 5.35 8.22
O10 H4B R . 32.49 4.39 6.16
C11 A1BUD S . 29.83 13.71 -9.66
C02 A1BUD S . 26.96 11.63 -8.30
C03 A1BUD S . 27.78 12.32 -9.20
C04 A1BUD S . 28.93 12.96 -8.72
C05 A1BUD S . 29.24 12.90 -7.37
C06 A1BUD S . 30.39 13.52 -6.87
C07 A1BUD S . 30.70 13.45 -5.51
C08 A1BUD S . 29.85 12.77 -4.63
C09 A1BUD S . 28.71 12.16 -5.15
C10 A1BUD S . 28.40 12.21 -6.50
C21 A1BUD S . 30.15 12.68 -3.15
C22 A1BUD S . 31.47 12.60 -2.68
C23 A1BUD S . 31.74 12.53 -1.32
C24 A1BUD S . 30.68 12.51 -0.41
C25 A1BUD S . 29.37 12.57 -0.87
C26 A1BUD S . 29.12 12.67 -2.24
C27 A1BUD S . 28.23 12.54 0.13
F12 A1BUD S . 31.79 14.07 -5.04
N01 A1BUD S . 27.29 11.60 -6.99
N02 A1BUD S . 25.83 10.99 -8.74
N28 A1BUD S . 28.16 11.20 0.76
C1 BTB T . -5.11 0.52 -8.57
O1 BTB T . -5.56 1.43 -9.57
C2 BTB T . -4.09 1.22 -7.67
C3 BTB T . -3.02 0.20 -7.27
O3 BTB T . -1.86 0.92 -6.82
C4 BTB T . -3.38 2.29 -8.49
O4 BTB T . -2.32 2.84 -7.71
N BTB T . -4.74 1.82 -6.46
C5 BTB T . -5.27 0.80 -5.53
C6 BTB T . -4.44 0.61 -4.26
O6 BTB T . -4.57 1.73 -3.37
C7 BTB T . -5.76 2.84 -6.76
C8 BTB T . -5.26 4.26 -6.41
O8 BTB T . -4.78 4.35 -5.06
C1 BTB U . 36.85 45.98 -5.58
O1 BTB U . 35.62 46.66 -5.27
C2 BTB U . 36.93 44.65 -4.81
C3 BTB U . 35.53 44.28 -4.31
O3 BTB U . 34.52 44.95 -5.07
C4 BTB U . 37.44 43.57 -5.77
O4 BTB U . 38.26 44.18 -6.79
N BTB U . 37.82 44.67 -3.62
C5 BTB U . 37.98 46.05 -3.13
C6 BTB U . 37.22 46.25 -1.83
O6 BTB U . 37.50 45.15 -0.96
C7 BTB U . 39.17 44.16 -3.87
C8 BTB U . 39.84 44.08 -2.50
O8 BTB U . 40.70 42.94 -2.39
C1 GOL V . 29.18 10.69 4.20
O1 GOL V . 30.44 10.86 3.58
C2 GOL V . 29.33 10.17 5.63
O2 GOL V . 29.20 8.77 5.64
C3 GOL V . 28.28 10.81 6.52
O3 GOL V . 27.09 10.05 6.56
CL CL W . 23.79 14.36 -3.06
GD GD X . -2.63 2.73 -5.08
GD GD Y . 2.16 14.22 7.97
CHA HEM Z . -28.88 10.76 -15.02
CHB HEM Z . -28.01 14.91 -12.60
CHC HEM Z . -29.02 17.28 -16.74
CHD HEM Z . -30.79 13.25 -18.77
C1A HEM Z . -28.46 11.65 -14.03
C2A HEM Z . -27.82 11.33 -12.73
C3A HEM Z . -27.59 12.48 -12.08
C4A HEM Z . -28.07 13.57 -12.90
CMA HEM Z . -26.92 12.63 -10.70
CAA HEM Z . -27.45 9.94 -12.19
CBA HEM Z . -26.34 9.36 -13.05
CGA HEM Z . -25.41 8.48 -12.25
O1A HEM Z . -25.12 8.82 -11.07
O2A HEM Z . -24.93 7.45 -12.78
C1B HEM Z . -28.21 15.93 -13.51
C2B HEM Z . -28.09 17.34 -13.25
C3B HEM Z . -28.37 18.02 -14.38
C4B HEM Z . -28.68 17.04 -15.42
CMB HEM Z . -27.70 17.99 -11.90
CAB HEM Z . -28.34 19.57 -14.48
CBB HEM Z . -28.82 20.26 -15.51
C1C HEM Z . -29.55 16.43 -17.68
C2C HEM Z . -29.90 16.73 -19.05
C3C HEM Z . -30.39 15.59 -19.62
C4C HEM Z . -30.37 14.55 -18.61
CMC HEM Z . -29.72 18.13 -19.68
CAC HEM Z . -30.94 15.35 -21.05
CBC HEM Z . -31.35 16.33 -21.86
C1D HEM Z . -30.35 12.21 -17.96
C2D HEM Z . -30.44 10.79 -18.27
C3D HEM Z . -29.90 10.11 -17.26
C4D HEM Z . -29.47 11.05 -16.24
CMD HEM Z . -31.00 10.20 -19.58
CAD HEM Z . -29.79 8.57 -17.22
CBD HEM Z . -30.99 8.11 -16.42
CGD HEM Z . -31.78 7.00 -17.05
O1D HEM Z . -31.18 6.05 -17.64
O2D HEM Z . -33.04 7.06 -16.95
NA HEM Z . -28.58 13.03 -14.07
NB HEM Z . -28.56 15.78 -14.84
NC HEM Z . -29.85 15.09 -17.45
ND HEM Z . -29.78 12.33 -16.71
FE HEM Z . -29.57 14.10 -15.63
N1 H4B AA . -27.35 5.67 -8.60
C2 H4B AA . -26.77 6.56 -9.46
N2 H4B AA . -27.14 7.86 -9.39
N3 H4B AA . -25.84 6.15 -10.35
C4 H4B AA . -25.47 4.85 -10.41
O4 H4B AA . -24.60 4.49 -11.24
C4A H4B AA . -26.05 3.92 -9.55
C8A H4B AA . -27.00 4.37 -8.64
N5 H4B AA . -25.72 2.61 -9.57
N8 H4B AA . -27.60 3.51 -7.79
C6 H4B AA . -26.76 1.69 -9.14
C7 H4B AA . -27.29 2.07 -7.77
C9 H4B AA . -26.28 0.24 -9.22
O9 H4B AA . -25.03 0.08 -8.54
C10 H4B AA . -27.30 -0.69 -8.57
C11 H4B AA . -26.90 -2.15 -8.79
O10 H4B AA . -28.60 -0.43 -9.12
C11 A1BUD BA . -26.50 15.12 -18.37
C02 A1BUD BA . -25.05 14.83 -14.90
C03 A1BUD BA . -25.58 15.39 -16.06
C04 A1BUD BA . -25.93 14.54 -17.10
C05 A1BUD BA . -25.77 13.16 -16.94
C06 A1BUD BA . -26.13 12.27 -17.94
C07 A1BUD BA . -25.96 10.88 -17.76
C08 A1BUD BA . -25.41 10.38 -16.59
C09 A1BUD BA . -25.06 11.27 -15.59
C10 A1BUD BA . -25.24 12.65 -15.77
C21 A1BUD BA . -25.22 8.90 -16.39
C22 A1BUD BA . -26.17 7.98 -16.86
C23 A1BUD BA . -26.00 6.62 -16.68
C24 A1BUD BA . -24.87 6.15 -15.99
C25 A1BUD BA . -23.93 7.06 -15.51
C26 A1BUD BA . -24.11 8.42 -15.70
C27 A1BUD BA . -22.74 6.54 -14.76
F12 A1BUD BA . -26.30 10.05 -18.76
N01 A1BUD BA . -24.90 13.50 -14.79
N02 A1BUD BA . -24.68 15.62 -13.86
N28 A1BUD BA . -23.27 5.90 -13.53
C1 BTB CA . 0.30 12.13 4.31
O1 BTB CA . 1.21 11.90 3.22
C2 BTB CA . 1.02 12.63 5.54
C3 BTB CA . 0.23 12.08 6.73
O3 BTB CA . 0.58 12.40 8.09
C4 BTB CA . 2.42 12.00 5.52
O4 BTB CA . 3.43 12.80 6.11
N BTB CA . 1.01 14.13 5.48
C5 BTB CA . -0.36 14.64 5.56
C6 BTB CA . -0.39 15.92 6.40
O6 BTB CA . -0.42 15.60 7.80
C7 BTB CA . 1.68 14.70 4.31
C8 BTB CA . 2.87 15.52 4.79
O8 BTB CA . 2.54 16.17 6.02
C1 BTB DA . -6.68 -1.93 4.49
O1 BTB DA . -6.45 -0.95 3.46
C2 BTB DA . -5.32 -2.52 4.88
C3 BTB DA . -4.57 -1.50 5.71
O3 BTB DA . -4.61 -1.91 7.09
C4 BTB DA . -5.51 -3.81 5.70
O4 BTB DA . -6.86 -4.31 5.61
N BTB DA . -4.55 -2.82 3.66
C5 BTB DA . -5.23 -3.86 2.88
C6 BTB DA . -5.61 -3.31 1.53
O6 BTB DA . -5.27 -1.91 1.59
C7 BTB DA . -3.22 -3.29 4.05
C8 BTB DA . -2.17 -2.64 3.17
O8 BTB DA . -2.76 -2.24 1.92
C1 BTB EA . -18.06 6.13 -49.09
O1 BTB EA . -18.63 7.38 -49.49
C2 BTB EA . -16.70 5.93 -49.76
C3 BTB EA . -16.90 5.59 -51.24
O3 BTB EA . -18.25 5.89 -51.63
C4 BTB EA . -15.87 7.20 -49.64
O4 BTB EA . -16.31 8.17 -50.61
N BTB EA . -16.00 4.82 -49.07
C5 BTB EA . -14.55 4.89 -49.31
C6 BTB EA . -13.78 4.61 -48.03
O6 BTB EA . -14.39 5.34 -46.95
C7 BTB EA . -16.52 3.51 -49.53
C8 BTB EA . -17.10 2.73 -48.35
O8 BTB EA . -16.15 2.73 -47.29
C1 BTB FA . -35.54 26.41 -37.50
O1 BTB FA . -36.45 27.27 -36.83
C2 BTB FA . -34.12 26.85 -37.18
C3 BTB FA . -33.91 28.24 -37.76
O3 BTB FA . -35.05 29.04 -37.43
C4 BTB FA . -33.93 26.95 -35.67
O4 BTB FA . -34.99 27.75 -35.13
N BTB FA . -33.17 25.87 -37.76
C5 BTB FA . -31.92 25.83 -37.00
C6 BTB FA . -31.46 24.38 -36.80
O6 BTB FA . -31.82 23.60 -37.94
C7 BTB FA . -32.97 26.23 -39.19
C8 BTB FA . -31.53 26.07 -39.71
O8 BTB FA . -31.23 24.68 -39.87
C1 GOL GA . -4.07 28.24 -7.05
O1 GOL GA . -2.79 27.69 -6.82
C2 GOL GA . -4.46 29.10 -5.84
O2 GOL GA . -3.31 29.33 -5.06
C3 GOL GA . -5.51 28.36 -5.00
O3 GOL GA . -4.89 27.35 -4.23
C1 GOL HA . -41.87 21.92 0.68
O1 GOL HA . -42.48 23.20 0.57
C2 GOL HA . -42.16 21.37 2.07
O2 GOL HA . -41.02 21.36 2.89
C3 GOL HA . -42.75 19.98 2.00
O3 GOL HA . -43.09 19.65 3.32
C1 GOL IA . -25.63 -0.96 -47.82
O1 GOL IA . -24.25 -1.01 -48.09
C2 GOL IA . -26.11 -2.38 -47.50
O2 GOL IA . -26.27 -3.11 -48.69
C3 GOL IA . -27.43 -2.31 -46.75
O3 GOL IA . -28.46 -2.11 -47.70
CL CL JA . -19.54 11.28 -14.78
ZN ZN KA . -39.80 -3.66 -8.90
CHA HEM LA . -34.23 -5.89 9.22
CHB HEM LA . -29.66 -6.07 10.83
CHC HEM LA . -30.64 -10.06 13.37
CHD HEM LA . -34.87 -10.35 11.06
C1A HEM LA . -32.94 -5.51 9.53
C2A HEM LA . -32.33 -4.22 9.29
C3A HEM LA . -31.07 -4.27 9.75
C4A HEM LA . -30.84 -5.59 10.29
CMA HEM LA . -30.01 -3.14 9.72
CAA HEM LA . -33.07 -3.04 8.64
CBA HEM LA . -33.87 -2.39 9.76
CGA HEM LA . -34.21 -0.96 9.46
O1A HEM LA . -33.64 -0.43 8.48
O2A HEM LA . -35.02 -0.33 10.19
C1B HEM LA . -29.50 -7.12 11.69
C2B HEM LA . -28.32 -7.45 12.48
C3B HEM LA . -28.57 -8.57 13.17
C4B HEM LA . -29.95 -8.98 12.86
CMB HEM LA . -27.00 -6.67 12.48
CAB HEM LA . -27.57 -9.26 14.14
CBB HEM LA . -27.62 -10.57 14.39
C1C HEM LA . -31.90 -10.51 13.00
C2C HEM LA . -32.62 -11.64 13.55
C3C HEM LA . -33.80 -11.71 12.92
C4C HEM LA . -33.85 -10.64 11.95
CMC HEM LA . -32.03 -12.50 14.70
CAC HEM LA . -34.95 -12.74 13.11
CBC HEM LA . -34.73 -13.96 13.60
C1D HEM LA . -35.11 -9.16 10.40
C2D HEM LA . -36.33 -8.78 9.74
C3D HEM LA . -36.16 -7.55 9.25
C4D HEM LA . -34.83 -7.10 9.55
CMD HEM LA . -37.62 -9.65 9.64
CAD HEM LA . -37.25 -6.82 8.46
CBD HEM LA . -36.89 -7.34 7.08
CGD HEM LA . -38.02 -7.47 6.10
O1D HEM LA . -39.14 -6.89 6.32
O2D HEM LA . -37.76 -8.16 5.07
NA HEM LA . -31.99 -6.30 10.13
NB HEM LA . -30.47 -8.08 11.96
NC HEM LA . -32.67 -9.94 12.03
ND HEM LA . -34.21 -8.11 10.25
FE HEM LA . -32.26 -8.25 10.83
N1 H4B MA . -33.64 1.09 4.32
C2 H4B MA . -33.51 0.64 5.59
N2 H4B MA . -32.51 -0.22 5.94
N3 H4B MA . -34.38 1.05 6.56
C4 H4B MA . -35.39 1.89 6.28
O4 H4B MA . -36.16 2.20 7.22
C4A H4B MA . -35.54 2.35 4.95
C8A H4B MA . -34.64 1.93 3.98
N5 H4B MA . -36.52 3.21 4.59
N8 H4B MA . -34.74 2.32 2.70
C6 H4B MA . -36.92 3.18 3.19
C7 H4B MA . -35.73 3.27 2.24
C9 H4B MA . -38.06 4.16 2.89
O9 H4B MA . -38.01 5.31 3.73
C10 H4B MA . -38.09 4.52 1.41
C11 H4B MA . -39.22 5.52 1.10
O10 H4B MA . -38.30 3.33 0.66
C11 A1BUD NA . -33.40 -8.24 14.87
C02 A1BUD NA . -31.33 -5.13 14.12
C03 A1BUD NA . -31.69 -6.40 14.59
C04 A1BUD NA . -32.99 -6.88 14.38
C05 A1BUD NA . -33.88 -6.05 13.71
C06 A1BUD NA . -35.18 -6.46 13.45
C07 A1BUD NA . -36.06 -5.63 12.76
C08 A1BUD NA . -35.67 -4.37 12.33
C09 A1BUD NA . -34.37 -3.94 12.58
C10 A1BUD NA . -33.48 -4.78 13.25
C21 A1BUD NA . -36.65 -3.50 11.61
C22 A1BUD NA . -37.48 -4.02 10.61
C23 A1BUD NA . -38.40 -3.22 9.95
C24 A1BUD NA . -38.50 -1.88 10.29
C25 A1BUD NA . -37.69 -1.35 11.29
C26 A1BUD NA . -36.77 -2.15 11.96
C27 A1BUD NA . -37.82 0.12 11.61
F12 A1BUD NA . -37.32 -6.03 12.54
N01 A1BUD NA . -32.23 -4.36 13.48
N02 A1BUD NA . -30.07 -4.63 14.30
N28 A1BUD NA . -37.23 0.86 10.49
C1 BTB OA . -6.50 16.04 23.04
O1 BTB OA . -5.94 14.82 22.54
C2 BTB OA . -7.98 16.06 22.70
C3 BTB OA . -8.17 15.78 21.20
O3 BTB OA . -9.57 15.65 20.93
C4 BTB OA . -8.68 14.92 23.45
O4 BTB OA . -10.09 15.17 23.42
N BTB OA . -8.58 17.38 23.06
C5 BTB OA . -8.14 18.44 22.14
C6 BTB OA . -9.36 19.03 21.44
O6 BTB OA . -10.14 19.74 22.41
C7 BTB OA . -8.36 17.78 24.47
C8 BTB OA . -9.67 17.72 25.25
O8 BTB OA . -10.68 18.51 24.60
C1 BTB PA . -62.01 -9.67 30.81
O1 BTB PA . -62.74 -9.18 29.67
C2 BTB PA . -62.30 -11.15 30.96
C3 BTB PA . -63.71 -11.33 31.54
O3 BTB PA . -64.64 -11.46 30.45
C4 BTB PA . -62.28 -11.74 29.56
O4 BTB PA . -61.83 -13.09 29.59
N BTB PA . -61.31 -11.81 31.87
C5 BTB PA . -61.88 -12.96 32.60
C6 BTB PA . -61.23 -14.31 32.27
O6 BTB PA . -60.12 -14.14 31.39
C7 BTB PA . -60.91 -10.82 32.89
C8 BTB PA . -60.32 -11.44 34.16
O8 BTB PA . -60.12 -10.44 35.16
C1 GOL QA . -54.09 -35.67 0.17
O1 GOL QA . -54.04 -37.09 0.27
C2 GOL QA . -55.45 -35.19 -0.30
O2 GOL QA . -56.40 -36.24 -0.20
C3 GOL QA . -55.34 -34.70 -1.74
O3 GOL QA . -55.05 -33.32 -1.75
CL CL RA . -34.42 0.64 16.23
GD GD SA . -11.25 17.20 22.25
#